data_4JVC
# 
_entry.id   4JVC 
# 
_audit_conform.dict_name       mmcif_pdbx.dic 
_audit_conform.dict_version    5.388 
_audit_conform.dict_location   http://mmcif.pdb.org/dictionaries/ascii/mmcif_pdbx.dic 
# 
loop_
_database_2.database_id 
_database_2.database_code 
_database_2.pdbx_database_accession 
_database_2.pdbx_DOI 
PDB   4JVC         pdb_00004jvc 10.2210/pdb4jvc/pdb 
RCSB  RCSB078550   ?            ?                   
WWPDB D_1000078550 ?            ?                   
# 
loop_
_pdbx_audit_revision_history.ordinal 
_pdbx_audit_revision_history.data_content_type 
_pdbx_audit_revision_history.major_revision 
_pdbx_audit_revision_history.minor_revision 
_pdbx_audit_revision_history.revision_date 
1 'Structure model' 1 0 2013-08-07 
2 'Structure model' 1 1 2014-02-12 
3 'Structure model' 1 2 2024-03-20 
# 
_pdbx_audit_revision_details.ordinal             1 
_pdbx_audit_revision_details.revision_ordinal    1 
_pdbx_audit_revision_details.data_content_type   'Structure model' 
_pdbx_audit_revision_details.provider            repository 
_pdbx_audit_revision_details.type                'Initial release' 
_pdbx_audit_revision_details.description         ? 
_pdbx_audit_revision_details.details             ? 
# 
loop_
_pdbx_audit_revision_group.ordinal 
_pdbx_audit_revision_group.revision_ordinal 
_pdbx_audit_revision_group.data_content_type 
_pdbx_audit_revision_group.group 
1 2 'Structure model' 'Database references'  
2 3 'Structure model' 'Data collection'      
3 3 'Structure model' 'Database references'  
4 3 'Structure model' 'Derived calculations' 
# 
loop_
_pdbx_audit_revision_category.ordinal 
_pdbx_audit_revision_category.revision_ordinal 
_pdbx_audit_revision_category.data_content_type 
_pdbx_audit_revision_category.category 
1 3 'Structure model' chem_comp_atom 
2 3 'Structure model' chem_comp_bond 
3 3 'Structure model' database_2     
4 3 'Structure model' struct_site    
# 
loop_
_pdbx_audit_revision_item.ordinal 
_pdbx_audit_revision_item.revision_ordinal 
_pdbx_audit_revision_item.data_content_type 
_pdbx_audit_revision_item.item 
1 3 'Structure model' '_database_2.pdbx_DOI'                
2 3 'Structure model' '_database_2.pdbx_database_accession' 
3 3 'Structure model' '_struct_site.pdbx_auth_asym_id'      
4 3 'Structure model' '_struct_site.pdbx_auth_comp_id'      
5 3 'Structure model' '_struct_site.pdbx_auth_seq_id'       
# 
_pdbx_database_status.status_code                     REL 
_pdbx_database_status.entry_id                        4JVC 
_pdbx_database_status.recvd_initial_deposition_date   2013-03-25 
_pdbx_database_status.deposit_site                    RCSB 
_pdbx_database_status.process_site                    PDBJ 
_pdbx_database_status.methods_development_category    ? 
_pdbx_database_status.status_code_sf                  REL 
_pdbx_database_status.status_code_mr                  ? 
_pdbx_database_status.SG_entry                        ? 
_pdbx_database_status.status_code_cs                  ? 
_pdbx_database_status.pdb_format_compatible           Y 
_pdbx_database_status.status_code_nmr_data            ? 
# 
loop_
_pdbx_database_related.db_name 
_pdbx_database_related.db_id 
_pdbx_database_related.details 
_pdbx_database_related.content_type 
PDB 4JVD . unspecified 
PDB 4JVI . unspecified 
# 
loop_
_audit_author.name 
_audit_author.pdbx_ordinal 
'Ilangovan, A.' 1 
'Emsley, J.'    2 
'Williams, P.'  3 
# 
_citation.id                        primary 
_citation.title                     
;Structural basis for native agonist and synthetic inhibitor recognition by the Pseudomonas aeruginosa quorum sensing regulator PqsR (MvfR).
;
_citation.journal_abbrev            'Plos Pathog.' 
_citation.journal_volume            9 
_citation.page_first                e1003508 
_citation.page_last                 e1003508 
_citation.year                      2013 
_citation.journal_id_ASTM           ? 
_citation.country                   US 
_citation.journal_id_ISSN           1553-7366 
_citation.journal_id_CSD            ? 
_citation.book_publisher            ? 
_citation.pdbx_database_id_PubMed   23935486 
_citation.pdbx_database_id_DOI      10.1371/journal.ppat.1003508 
# 
loop_
_citation_author.citation_id 
_citation_author.name 
_citation_author.ordinal 
_citation_author.identifier_ORCID 
primary 'Ilangovan, A.' 1  ? 
primary 'Fletcher, M.'  2  ? 
primary 'Rampioni, G.'  3  ? 
primary 'Pustelny, C.'  4  ? 
primary 'Rumbaugh, K.'  5  ? 
primary 'Heeb, S.'      6  ? 
primary 'Camara, M.'    7  ? 
primary 'Truman, A.'    8  ? 
primary 'Chhabra, S.R.' 9  ? 
primary 'Emsley, J.'    10 ? 
primary 'Williams, P.'  11 ? 
# 
loop_
_entity.id 
_entity.type 
_entity.src_method 
_entity.pdbx_description 
_entity.formula_weight 
_entity.pdbx_number_of_molecules 
_entity.pdbx_ec 
_entity.pdbx_mutation 
_entity.pdbx_fragment 
_entity.details 
1 polymer     man 'Transcriptional regulator MvfR' 24288.475 1 ? ? 'co-inducer binding domain, UNP RESIDUES 94-309' ? 
2 non-polymer syn '(4R)-2-METHYLPENTANE-2,4-DIOL'  118.174   2 ? ? ?                                                ? 
3 water       nat water                            18.015    3 ? ? ?                                                ? 
# 
_entity_poly.entity_id                      1 
_entity_poly.type                           'polypeptide(L)' 
_entity_poly.nstd_linkage                   no 
_entity_poly.nstd_monomer                   no 
_entity_poly.pdbx_seq_one_letter_code       
;NLRVLLDTAIPPSFCDTVSSVLLDDFNMVSLIRTSPADSLATIKQDNAEIDIAITIDEELKISRFNQCVLGYTKAFVVAH
PQHPLCNASLHSIASLANYRQISLGSRSGQHSNLLRPVSDKVLFVENFDDMLRLVEAGVGWGIAPHYFVEERLRNGTLAV
LSELYEPGGIDTKVYCYYNTALESERSFLRFLESARQRLRELGRQRFDDAPAWQPS
;
_entity_poly.pdbx_seq_one_letter_code_can   
;NLRVLLDTAIPPSFCDTVSSVLLDDFNMVSLIRTSPADSLATIKQDNAEIDIAITIDEELKISRFNQCVLGYTKAFVVAH
PQHPLCNASLHSIASLANYRQISLGSRSGQHSNLLRPVSDKVLFVENFDDMLRLVEAGVGWGIAPHYFVEERLRNGTLAV
LSELYEPGGIDTKVYCYYNTALESERSFLRFLESARQRLRELGRQRFDDAPAWQPS
;
_entity_poly.pdbx_strand_id                 A 
_entity_poly.pdbx_target_identifier         ? 
# 
loop_
_pdbx_entity_nonpoly.entity_id 
_pdbx_entity_nonpoly.name 
_pdbx_entity_nonpoly.comp_id 
2 '(4R)-2-METHYLPENTANE-2,4-DIOL' MRD 
3 water                           HOH 
# 
loop_
_entity_poly_seq.entity_id 
_entity_poly_seq.num 
_entity_poly_seq.mon_id 
_entity_poly_seq.hetero 
1 1   ASN n 
1 2   LEU n 
1 3   ARG n 
1 4   VAL n 
1 5   LEU n 
1 6   LEU n 
1 7   ASP n 
1 8   THR n 
1 9   ALA n 
1 10  ILE n 
1 11  PRO n 
1 12  PRO n 
1 13  SER n 
1 14  PHE n 
1 15  CYS n 
1 16  ASP n 
1 17  THR n 
1 18  VAL n 
1 19  SER n 
1 20  SER n 
1 21  VAL n 
1 22  LEU n 
1 23  LEU n 
1 24  ASP n 
1 25  ASP n 
1 26  PHE n 
1 27  ASN n 
1 28  MET n 
1 29  VAL n 
1 30  SER n 
1 31  LEU n 
1 32  ILE n 
1 33  ARG n 
1 34  THR n 
1 35  SER n 
1 36  PRO n 
1 37  ALA n 
1 38  ASP n 
1 39  SER n 
1 40  LEU n 
1 41  ALA n 
1 42  THR n 
1 43  ILE n 
1 44  LYS n 
1 45  GLN n 
1 46  ASP n 
1 47  ASN n 
1 48  ALA n 
1 49  GLU n 
1 50  ILE n 
1 51  ASP n 
1 52  ILE n 
1 53  ALA n 
1 54  ILE n 
1 55  THR n 
1 56  ILE n 
1 57  ASP n 
1 58  GLU n 
1 59  GLU n 
1 60  LEU n 
1 61  LYS n 
1 62  ILE n 
1 63  SER n 
1 64  ARG n 
1 65  PHE n 
1 66  ASN n 
1 67  GLN n 
1 68  CYS n 
1 69  VAL n 
1 70  LEU n 
1 71  GLY n 
1 72  TYR n 
1 73  THR n 
1 74  LYS n 
1 75  ALA n 
1 76  PHE n 
1 77  VAL n 
1 78  VAL n 
1 79  ALA n 
1 80  HIS n 
1 81  PRO n 
1 82  GLN n 
1 83  HIS n 
1 84  PRO n 
1 85  LEU n 
1 86  CYS n 
1 87  ASN n 
1 88  ALA n 
1 89  SER n 
1 90  LEU n 
1 91  HIS n 
1 92  SER n 
1 93  ILE n 
1 94  ALA n 
1 95  SER n 
1 96  LEU n 
1 97  ALA n 
1 98  ASN n 
1 99  TYR n 
1 100 ARG n 
1 101 GLN n 
1 102 ILE n 
1 103 SER n 
1 104 LEU n 
1 105 GLY n 
1 106 SER n 
1 107 ARG n 
1 108 SER n 
1 109 GLY n 
1 110 GLN n 
1 111 HIS n 
1 112 SER n 
1 113 ASN n 
1 114 LEU n 
1 115 LEU n 
1 116 ARG n 
1 117 PRO n 
1 118 VAL n 
1 119 SER n 
1 120 ASP n 
1 121 LYS n 
1 122 VAL n 
1 123 LEU n 
1 124 PHE n 
1 125 VAL n 
1 126 GLU n 
1 127 ASN n 
1 128 PHE n 
1 129 ASP n 
1 130 ASP n 
1 131 MET n 
1 132 LEU n 
1 133 ARG n 
1 134 LEU n 
1 135 VAL n 
1 136 GLU n 
1 137 ALA n 
1 138 GLY n 
1 139 VAL n 
1 140 GLY n 
1 141 TRP n 
1 142 GLY n 
1 143 ILE n 
1 144 ALA n 
1 145 PRO n 
1 146 HIS n 
1 147 TYR n 
1 148 PHE n 
1 149 VAL n 
1 150 GLU n 
1 151 GLU n 
1 152 ARG n 
1 153 LEU n 
1 154 ARG n 
1 155 ASN n 
1 156 GLY n 
1 157 THR n 
1 158 LEU n 
1 159 ALA n 
1 160 VAL n 
1 161 LEU n 
1 162 SER n 
1 163 GLU n 
1 164 LEU n 
1 165 TYR n 
1 166 GLU n 
1 167 PRO n 
1 168 GLY n 
1 169 GLY n 
1 170 ILE n 
1 171 ASP n 
1 172 THR n 
1 173 LYS n 
1 174 VAL n 
1 175 TYR n 
1 176 CYS n 
1 177 TYR n 
1 178 TYR n 
1 179 ASN n 
1 180 THR n 
1 181 ALA n 
1 182 LEU n 
1 183 GLU n 
1 184 SER n 
1 185 GLU n 
1 186 ARG n 
1 187 SER n 
1 188 PHE n 
1 189 LEU n 
1 190 ARG n 
1 191 PHE n 
1 192 LEU n 
1 193 GLU n 
1 194 SER n 
1 195 ALA n 
1 196 ARG n 
1 197 GLN n 
1 198 ARG n 
1 199 LEU n 
1 200 ARG n 
1 201 GLU n 
1 202 LEU n 
1 203 GLY n 
1 204 ARG n 
1 205 GLN n 
1 206 ARG n 
1 207 PHE n 
1 208 ASP n 
1 209 ASP n 
1 210 ALA n 
1 211 PRO n 
1 212 ALA n 
1 213 TRP n 
1 214 GLN n 
1 215 PRO n 
1 216 SER n 
# 
_entity_src_gen.entity_id                          1 
_entity_src_gen.pdbx_src_id                        1 
_entity_src_gen.pdbx_alt_source_flag               sample 
_entity_src_gen.pdbx_seq_type                      ? 
_entity_src_gen.pdbx_beg_seq_num                   ? 
_entity_src_gen.pdbx_end_seq_num                   ? 
_entity_src_gen.gene_src_common_name               ? 
_entity_src_gen.gene_src_genus                     ? 
_entity_src_gen.pdbx_gene_src_gene                 'mvfR, PA14_51340, PqsR' 
_entity_src_gen.gene_src_species                   ? 
_entity_src_gen.gene_src_strain                    UCBPP-PA14 
_entity_src_gen.gene_src_tissue                    ? 
_entity_src_gen.gene_src_tissue_fraction           ? 
_entity_src_gen.gene_src_details                   ? 
_entity_src_gen.pdbx_gene_src_fragment             ? 
_entity_src_gen.pdbx_gene_src_scientific_name      'Pseudomonas aeruginosa' 
_entity_src_gen.pdbx_gene_src_ncbi_taxonomy_id     208963 
_entity_src_gen.pdbx_gene_src_variant              ? 
_entity_src_gen.pdbx_gene_src_cell_line            ? 
_entity_src_gen.pdbx_gene_src_atcc                 ? 
_entity_src_gen.pdbx_gene_src_organ                ? 
_entity_src_gen.pdbx_gene_src_organelle            ? 
_entity_src_gen.pdbx_gene_src_cell                 ? 
_entity_src_gen.pdbx_gene_src_cellular_location    ? 
_entity_src_gen.host_org_common_name               ? 
_entity_src_gen.pdbx_host_org_scientific_name      'Escherichia coli' 
_entity_src_gen.pdbx_host_org_ncbi_taxonomy_id     562 
_entity_src_gen.host_org_genus                     ? 
_entity_src_gen.pdbx_host_org_gene                 ? 
_entity_src_gen.pdbx_host_org_organ                ? 
_entity_src_gen.host_org_species                   ? 
_entity_src_gen.pdbx_host_org_tissue               ? 
_entity_src_gen.pdbx_host_org_tissue_fraction      ? 
_entity_src_gen.pdbx_host_org_strain               'BL21 DE3' 
_entity_src_gen.pdbx_host_org_variant              ? 
_entity_src_gen.pdbx_host_org_cell_line            ? 
_entity_src_gen.pdbx_host_org_atcc                 ? 
_entity_src_gen.pdbx_host_org_culture_collection   ? 
_entity_src_gen.pdbx_host_org_cell                 ? 
_entity_src_gen.pdbx_host_org_organelle            ? 
_entity_src_gen.pdbx_host_org_cellular_location    ? 
_entity_src_gen.pdbx_host_org_vector_type          Plasmid 
_entity_src_gen.pdbx_host_org_vector               ? 
_entity_src_gen.host_org_details                   ? 
_entity_src_gen.expression_system_id               ? 
_entity_src_gen.plasmid_name                       pET28a 
_entity_src_gen.plasmid_details                    ? 
_entity_src_gen.pdbx_description                   ? 
# 
loop_
_chem_comp.id 
_chem_comp.type 
_chem_comp.mon_nstd_flag 
_chem_comp.name 
_chem_comp.pdbx_synonyms 
_chem_comp.formula 
_chem_comp.formula_weight 
ALA 'L-peptide linking' y ALANINE                         ? 'C3 H7 N O2'     89.093  
ARG 'L-peptide linking' y ARGININE                        ? 'C6 H15 N4 O2 1' 175.209 
ASN 'L-peptide linking' y ASPARAGINE                      ? 'C4 H8 N2 O3'    132.118 
ASP 'L-peptide linking' y 'ASPARTIC ACID'                 ? 'C4 H7 N O4'     133.103 
CYS 'L-peptide linking' y CYSTEINE                        ? 'C3 H7 N O2 S'   121.158 
GLN 'L-peptide linking' y GLUTAMINE                       ? 'C5 H10 N2 O3'   146.144 
GLU 'L-peptide linking' y 'GLUTAMIC ACID'                 ? 'C5 H9 N O4'     147.129 
GLY 'peptide linking'   y GLYCINE                         ? 'C2 H5 N O2'     75.067  
HIS 'L-peptide linking' y HISTIDINE                       ? 'C6 H10 N3 O2 1' 156.162 
HOH non-polymer         . WATER                           ? 'H2 O'           18.015  
ILE 'L-peptide linking' y ISOLEUCINE                      ? 'C6 H13 N O2'    131.173 
LEU 'L-peptide linking' y LEUCINE                         ? 'C6 H13 N O2'    131.173 
LYS 'L-peptide linking' y LYSINE                          ? 'C6 H15 N2 O2 1' 147.195 
MET 'L-peptide linking' y METHIONINE                      ? 'C5 H11 N O2 S'  149.211 
MRD non-polymer         . '(4R)-2-METHYLPENTANE-2,4-DIOL' ? 'C6 H14 O2'      118.174 
PHE 'L-peptide linking' y PHENYLALANINE                   ? 'C9 H11 N O2'    165.189 
PRO 'L-peptide linking' y PROLINE                         ? 'C5 H9 N O2'     115.130 
SER 'L-peptide linking' y SERINE                          ? 'C3 H7 N O3'     105.093 
THR 'L-peptide linking' y THREONINE                       ? 'C4 H9 N O3'     119.119 
TRP 'L-peptide linking' y TRYPTOPHAN                      ? 'C11 H12 N2 O2'  204.225 
TYR 'L-peptide linking' y TYROSINE                        ? 'C9 H11 N O3'    181.189 
VAL 'L-peptide linking' y VALINE                          ? 'C5 H11 N O2'    117.146 
# 
loop_
_pdbx_poly_seq_scheme.asym_id 
_pdbx_poly_seq_scheme.entity_id 
_pdbx_poly_seq_scheme.seq_id 
_pdbx_poly_seq_scheme.mon_id 
_pdbx_poly_seq_scheme.ndb_seq_num 
_pdbx_poly_seq_scheme.pdb_seq_num 
_pdbx_poly_seq_scheme.auth_seq_num 
_pdbx_poly_seq_scheme.pdb_mon_id 
_pdbx_poly_seq_scheme.auth_mon_id 
_pdbx_poly_seq_scheme.pdb_strand_id 
_pdbx_poly_seq_scheme.pdb_ins_code 
_pdbx_poly_seq_scheme.hetero 
A 1 1   ASN 1   94  94  ASN ASN A . n 
A 1 2   LEU 2   95  95  LEU LEU A . n 
A 1 3   ARG 3   96  96  ARG ARG A . n 
A 1 4   VAL 4   97  97  VAL VAL A . n 
A 1 5   LEU 5   98  98  LEU LEU A . n 
A 1 6   LEU 6   99  99  LEU LEU A . n 
A 1 7   ASP 7   100 100 ASP ASP A . n 
A 1 8   THR 8   101 101 THR THR A . n 
A 1 9   ALA 9   102 102 ALA ALA A . n 
A 1 10  ILE 10  103 103 ILE ILE A . n 
A 1 11  PRO 11  104 104 PRO PRO A . n 
A 1 12  PRO 12  105 105 PRO PRO A . n 
A 1 13  SER 13  106 106 SER SER A . n 
A 1 14  PHE 14  107 107 PHE PHE A . n 
A 1 15  CYS 15  108 108 CYS CYS A . n 
A 1 16  ASP 16  109 109 ASP ASP A . n 
A 1 17  THR 17  110 110 THR THR A . n 
A 1 18  VAL 18  111 111 VAL VAL A . n 
A 1 19  SER 19  112 112 SER SER A . n 
A 1 20  SER 20  113 113 SER SER A . n 
A 1 21  VAL 21  114 114 VAL VAL A . n 
A 1 22  LEU 22  115 115 LEU LEU A . n 
A 1 23  LEU 23  116 116 LEU LEU A . n 
A 1 24  ASP 24  117 117 ASP ASP A . n 
A 1 25  ASP 25  118 118 ASP ASP A . n 
A 1 26  PHE 26  119 119 PHE PHE A . n 
A 1 27  ASN 27  120 120 ASN ASN A . n 
A 1 28  MET 28  121 121 MET MET A . n 
A 1 29  VAL 29  122 122 VAL VAL A . n 
A 1 30  SER 30  123 123 SER SER A . n 
A 1 31  LEU 31  124 124 LEU LEU A . n 
A 1 32  ILE 32  125 125 ILE ILE A . n 
A 1 33  ARG 33  126 126 ARG ARG A . n 
A 1 34  THR 34  127 127 THR THR A . n 
A 1 35  SER 35  128 128 SER SER A . n 
A 1 36  PRO 36  129 129 PRO PRO A . n 
A 1 37  ALA 37  130 130 ALA ALA A . n 
A 1 38  ASP 38  131 131 ASP ASP A . n 
A 1 39  SER 39  132 132 SER SER A . n 
A 1 40  LEU 40  133 133 LEU LEU A . n 
A 1 41  ALA 41  134 134 ALA ALA A . n 
A 1 42  THR 42  135 135 THR THR A . n 
A 1 43  ILE 43  136 136 ILE ILE A . n 
A 1 44  LYS 44  137 137 LYS LYS A . n 
A 1 45  GLN 45  138 138 GLN GLN A . n 
A 1 46  ASP 46  139 139 ASP ASP A . n 
A 1 47  ASN 47  140 140 ASN ASN A . n 
A 1 48  ALA 48  141 141 ALA ALA A . n 
A 1 49  GLU 49  142 142 GLU GLU A . n 
A 1 50  ILE 50  143 143 ILE ILE A . n 
A 1 51  ASP 51  144 144 ASP ASP A . n 
A 1 52  ILE 52  145 145 ILE ILE A . n 
A 1 53  ALA 53  146 146 ALA ALA A . n 
A 1 54  ILE 54  147 147 ILE ILE A . n 
A 1 55  THR 55  148 148 THR THR A . n 
A 1 56  ILE 56  149 149 ILE ILE A . n 
A 1 57  ASP 57  150 150 ASP ASP A . n 
A 1 58  GLU 58  151 151 GLU GLU A . n 
A 1 59  GLU 59  152 152 GLU GLU A . n 
A 1 60  LEU 60  153 153 LEU LEU A . n 
A 1 61  LYS 61  154 154 LYS LYS A . n 
A 1 62  ILE 62  155 155 ILE ILE A . n 
A 1 63  SER 63  156 156 SER SER A . n 
A 1 64  ARG 64  157 157 ARG ARG A . n 
A 1 65  PHE 65  158 158 PHE PHE A . n 
A 1 66  ASN 66  159 159 ASN ASN A . n 
A 1 67  GLN 67  160 160 GLN GLN A . n 
A 1 68  CYS 68  161 161 CYS CYS A . n 
A 1 69  VAL 69  162 162 VAL VAL A . n 
A 1 70  LEU 70  163 163 LEU LEU A . n 
A 1 71  GLY 71  164 164 GLY GLY A . n 
A 1 72  TYR 72  165 165 TYR TYR A . n 
A 1 73  THR 73  166 166 THR THR A . n 
A 1 74  LYS 74  167 167 LYS LYS A . n 
A 1 75  ALA 75  168 168 ALA ALA A . n 
A 1 76  PHE 76  169 169 PHE PHE A . n 
A 1 77  VAL 77  170 170 VAL VAL A . n 
A 1 78  VAL 78  171 171 VAL VAL A . n 
A 1 79  ALA 79  172 172 ALA ALA A . n 
A 1 80  HIS 80  173 173 HIS HIS A . n 
A 1 81  PRO 81  174 174 PRO PRO A . n 
A 1 82  GLN 82  175 175 GLN GLN A . n 
A 1 83  HIS 83  176 176 HIS HIS A . n 
A 1 84  PRO 84  177 177 PRO PRO A . n 
A 1 85  LEU 85  178 178 LEU LEU A . n 
A 1 86  CYS 86  179 179 CYS CYS A . n 
A 1 87  ASN 87  180 180 ASN ASN A . n 
A 1 88  ALA 88  181 181 ALA ALA A . n 
A 1 89  SER 89  182 182 SER SER A . n 
A 1 90  LEU 90  183 183 LEU LEU A . n 
A 1 91  HIS 91  184 184 HIS HIS A . n 
A 1 92  SER 92  185 185 SER SER A . n 
A 1 93  ILE 93  186 186 ILE ILE A . n 
A 1 94  ALA 94  187 187 ALA ALA A . n 
A 1 95  SER 95  188 188 SER SER A . n 
A 1 96  LEU 96  189 189 LEU LEU A . n 
A 1 97  ALA 97  190 190 ALA ALA A . n 
A 1 98  ASN 98  191 191 ASN ASN A . n 
A 1 99  TYR 99  192 192 TYR TYR A . n 
A 1 100 ARG 100 193 193 ARG ARG A . n 
A 1 101 GLN 101 194 194 GLN GLN A . n 
A 1 102 ILE 102 195 195 ILE ILE A . n 
A 1 103 SER 103 196 196 SER SER A . n 
A 1 104 LEU 104 197 197 LEU LEU A . n 
A 1 105 GLY 105 198 198 GLY GLY A . n 
A 1 106 SER 106 199 199 SER SER A . n 
A 1 107 ARG 107 200 200 ARG ARG A . n 
A 1 108 SER 108 201 201 SER SER A . n 
A 1 109 GLY 109 202 202 GLY GLY A . n 
A 1 110 GLN 110 203 203 GLN GLN A . n 
A 1 111 HIS 111 204 204 HIS HIS A . n 
A 1 112 SER 112 205 205 SER SER A . n 
A 1 113 ASN 113 206 206 ASN ASN A . n 
A 1 114 LEU 114 207 207 LEU LEU A . n 
A 1 115 LEU 115 208 208 LEU LEU A . n 
A 1 116 ARG 116 209 209 ARG ARG A . n 
A 1 117 PRO 117 210 210 PRO PRO A . n 
A 1 118 VAL 118 211 211 VAL VAL A . n 
A 1 119 SER 119 212 212 SER SER A . n 
A 1 120 ASP 120 213 213 ASP ASP A . n 
A 1 121 LYS 121 214 214 LYS LYS A . n 
A 1 122 VAL 122 215 215 VAL VAL A . n 
A 1 123 LEU 123 216 216 LEU LEU A . n 
A 1 124 PHE 124 217 217 PHE PHE A . n 
A 1 125 VAL 125 218 218 VAL VAL A . n 
A 1 126 GLU 126 219 219 GLU GLU A . n 
A 1 127 ASN 127 220 220 ASN ASN A . n 
A 1 128 PHE 128 221 221 PHE PHE A . n 
A 1 129 ASP 129 222 222 ASP ASP A . n 
A 1 130 ASP 130 223 223 ASP ASP A . n 
A 1 131 MET 131 224 224 MET MET A . n 
A 1 132 LEU 132 225 225 LEU LEU A . n 
A 1 133 ARG 133 226 226 ARG ARG A . n 
A 1 134 LEU 134 227 227 LEU LEU A . n 
A 1 135 VAL 135 228 228 VAL VAL A . n 
A 1 136 GLU 136 229 229 GLU GLU A . n 
A 1 137 ALA 137 230 230 ALA ALA A . n 
A 1 138 GLY 138 231 231 GLY GLY A . n 
A 1 139 VAL 139 232 232 VAL VAL A . n 
A 1 140 GLY 140 233 233 GLY GLY A . n 
A 1 141 TRP 141 234 234 TRP TRP A . n 
A 1 142 GLY 142 235 235 GLY GLY A . n 
A 1 143 ILE 143 236 236 ILE ILE A . n 
A 1 144 ALA 144 237 237 ALA ALA A . n 
A 1 145 PRO 145 238 238 PRO PRO A . n 
A 1 146 HIS 146 239 239 HIS HIS A . n 
A 1 147 TYR 147 240 240 TYR TYR A . n 
A 1 148 PHE 148 241 241 PHE PHE A . n 
A 1 149 VAL 149 242 242 VAL VAL A . n 
A 1 150 GLU 150 243 243 GLU GLU A . n 
A 1 151 GLU 151 244 244 GLU GLU A . n 
A 1 152 ARG 152 245 245 ARG ARG A . n 
A 1 153 LEU 153 246 246 LEU LEU A . n 
A 1 154 ARG 154 247 247 ARG ARG A . n 
A 1 155 ASN 155 248 248 ASN ASN A . n 
A 1 156 GLY 156 249 249 GLY GLY A . n 
A 1 157 THR 157 250 250 THR THR A . n 
A 1 158 LEU 158 251 251 LEU LEU A . n 
A 1 159 ALA 159 252 252 ALA ALA A . n 
A 1 160 VAL 160 253 253 VAL VAL A . n 
A 1 161 LEU 161 254 254 LEU LEU A . n 
A 1 162 SER 162 255 255 SER SER A . n 
A 1 163 GLU 163 256 256 GLU GLU A . n 
A 1 164 LEU 164 257 257 LEU LEU A . n 
A 1 165 TYR 165 258 258 TYR TYR A . n 
A 1 166 GLU 166 259 259 GLU GLU A . n 
A 1 167 PRO 167 260 260 PRO PRO A . n 
A 1 168 GLY 168 261 261 GLY GLY A . n 
A 1 169 GLY 169 262 262 GLY GLY A . n 
A 1 170 ILE 170 263 263 ILE ILE A . n 
A 1 171 ASP 171 264 264 ASP ASP A . n 
A 1 172 THR 172 265 265 THR THR A . n 
A 1 173 LYS 173 266 266 LYS LYS A . n 
A 1 174 VAL 174 267 267 VAL VAL A . n 
A 1 175 TYR 175 268 268 TYR TYR A . n 
A 1 176 CYS 176 269 269 CYS CYS A . n 
A 1 177 TYR 177 270 270 TYR TYR A . n 
A 1 178 TYR 178 271 271 TYR TYR A . n 
A 1 179 ASN 179 272 272 ASN ASN A . n 
A 1 180 THR 180 273 273 THR THR A . n 
A 1 181 ALA 181 274 274 ALA ALA A . n 
A 1 182 LEU 182 275 275 LEU LEU A . n 
A 1 183 GLU 183 276 276 GLU GLU A . n 
A 1 184 SER 184 277 277 SER SER A . n 
A 1 185 GLU 185 278 278 GLU GLU A . n 
A 1 186 ARG 186 279 279 ARG ARG A . n 
A 1 187 SER 187 280 280 SER SER A . n 
A 1 188 PHE 188 281 281 PHE PHE A . n 
A 1 189 LEU 189 282 282 LEU LEU A . n 
A 1 190 ARG 190 283 283 ARG ARG A . n 
A 1 191 PHE 191 284 284 PHE PHE A . n 
A 1 192 LEU 192 285 285 LEU LEU A . n 
A 1 193 GLU 193 286 286 GLU GLU A . n 
A 1 194 SER 194 287 287 SER SER A . n 
A 1 195 ALA 195 288 288 ALA ALA A . n 
A 1 196 ARG 196 289 289 ARG ARG A . n 
A 1 197 GLN 197 290 290 GLN GLN A . n 
A 1 198 ARG 198 291 291 ARG ARG A . n 
A 1 199 LEU 199 292 292 LEU LEU A . n 
A 1 200 ARG 200 293 293 ARG ARG A . n 
A 1 201 GLU 201 294 294 GLU GLU A . n 
A 1 202 LEU 202 295 295 LEU LEU A . n 
A 1 203 GLY 203 296 296 GLY GLY A . n 
A 1 204 ARG 204 297 ?   ?   ?   A . n 
A 1 205 GLN 205 298 ?   ?   ?   A . n 
A 1 206 ARG 206 299 ?   ?   ?   A . n 
A 1 207 PHE 207 300 ?   ?   ?   A . n 
A 1 208 ASP 208 301 ?   ?   ?   A . n 
A 1 209 ASP 209 302 ?   ?   ?   A . n 
A 1 210 ALA 210 303 ?   ?   ?   A . n 
A 1 211 PRO 211 304 ?   ?   ?   A . n 
A 1 212 ALA 212 305 ?   ?   ?   A . n 
A 1 213 TRP 213 306 ?   ?   ?   A . n 
A 1 214 GLN 214 307 ?   ?   ?   A . n 
A 1 215 PRO 215 308 ?   ?   ?   A . n 
A 1 216 SER 216 309 ?   ?   ?   A . n 
# 
loop_
_pdbx_nonpoly_scheme.asym_id 
_pdbx_nonpoly_scheme.entity_id 
_pdbx_nonpoly_scheme.mon_id 
_pdbx_nonpoly_scheme.ndb_seq_num 
_pdbx_nonpoly_scheme.pdb_seq_num 
_pdbx_nonpoly_scheme.auth_seq_num 
_pdbx_nonpoly_scheme.pdb_mon_id 
_pdbx_nonpoly_scheme.auth_mon_id 
_pdbx_nonpoly_scheme.pdb_strand_id 
_pdbx_nonpoly_scheme.pdb_ins_code 
B 2 MRD 1 401 297 MRD MRD A . 
C 2 MRD 1 402 298 MRD MRD A . 
D 3 HOH 1 501 299 HOH HOH A . 
D 3 HOH 2 502 300 HOH HOH A . 
D 3 HOH 3 503 301 HOH HOH A . 
# 
loop_
_software.name 
_software.classification 
_software.version 
_software.citation_id 
_software.pdbx_ordinal 
SOLVE  phasing          .        ? 1 
REFMAC refinement       5.7.0029 ? 2 
XDS    'data reduction' .        ? 3 
SCALA  'data scaling'   .        ? 4 
# 
_cell.entry_id           4JVC 
_cell.length_a           119.733 
_cell.length_b           119.733 
_cell.length_c           115.777 
_cell.angle_alpha        90.00 
_cell.angle_beta         90.00 
_cell.angle_gamma        120.00 
_cell.Z_PDB              12 
_cell.pdbx_unique_axis   ? 
_cell.length_a_esd       ? 
_cell.length_b_esd       ? 
_cell.length_c_esd       ? 
_cell.angle_alpha_esd    ? 
_cell.angle_beta_esd     ? 
_cell.angle_gamma_esd    ? 
# 
_symmetry.entry_id                         4JVC 
_symmetry.space_group_name_H-M             'P 65 2 2' 
_symmetry.pdbx_full_space_group_name_H-M   ? 
_symmetry.cell_setting                     ? 
_symmetry.Int_Tables_number                179 
_symmetry.space_group_name_Hall            ? 
# 
_exptl.entry_id          4JVC 
_exptl.method            'X-RAY DIFFRACTION' 
_exptl.crystals_number   1 
# 
_exptl_crystal.id                    1 
_exptl_crystal.density_meas          ? 
_exptl_crystal.density_Matthews      4.93 
_exptl_crystal.density_percent_sol   75.06 
_exptl_crystal.description           ? 
_exptl_crystal.F_000                 ? 
_exptl_crystal.preparation           ? 
# 
_exptl_crystal_grow.crystal_id      1 
_exptl_crystal_grow.method          'VAPOR DIFFUSION, SITTING DROP' 
_exptl_crystal_grow.temp            292 
_exptl_crystal_grow.temp_details    ? 
_exptl_crystal_grow.pH              6.5 
_exptl_crystal_grow.pdbx_details    
'0.1M Ammonium acetate, 0.1M Tri sodium citrate pH 6.5, 3% MPD, VAPOR DIFFUSION, SITTING DROP, temperature 292K' 
_exptl_crystal_grow.pdbx_pH_range   . 
# 
_diffrn.id                     1 
_diffrn.ambient_temp           100 
_diffrn.ambient_temp_details   ? 
_diffrn.crystal_id             1 
# 
_diffrn_detector.diffrn_id              1 
_diffrn_detector.detector               CCD 
_diffrn_detector.type                   'ADSC QUANTUM 315r' 
_diffrn_detector.pdbx_collection_date   ? 
_diffrn_detector.details                ? 
# 
_diffrn_radiation.diffrn_id                        1 
_diffrn_radiation.wavelength_id                    1 
_diffrn_radiation.pdbx_monochromatic_or_laue_m_l   M 
_diffrn_radiation.monochromator                    GRAPHITE 
_diffrn_radiation.pdbx_diffrn_protocol             ? 
_diffrn_radiation.pdbx_scattering_type             x-ray 
# 
_diffrn_radiation_wavelength.id           1 
_diffrn_radiation_wavelength.wavelength   0.9770 
_diffrn_radiation_wavelength.wt           1.0 
# 
_diffrn_source.diffrn_id                   1 
_diffrn_source.source                      SYNCHROTRON 
_diffrn_source.type                        'DIAMOND BEAMLINE I04' 
_diffrn_source.pdbx_synchrotron_site       Diamond 
_diffrn_source.pdbx_synchrotron_beamline   I04 
_diffrn_source.pdbx_wavelength             ? 
_diffrn_source.pdbx_wavelength_list        0.9770 
# 
_reflns.entry_id                     4JVC 
_reflns.observed_criterion_sigma_I   1 
_reflns.observed_criterion_sigma_F   1 
_reflns.d_resolution_low             30 
_reflns.d_resolution_high            2.5 
_reflns.number_obs                   17339 
_reflns.number_all                   19299 
_reflns.percent_possible_obs         99.2 
_reflns.pdbx_Rmerge_I_obs            0.74 
_reflns.pdbx_Rsym_value              0.85 
_reflns.pdbx_netI_over_sigmaI        2.0 
_reflns.B_iso_Wilson_estimate        71.9 
_reflns.pdbx_redundancy              7.9 
_reflns.R_free_details               ? 
_reflns.limit_h_max                  ? 
_reflns.limit_h_min                  ? 
_reflns.limit_k_max                  ? 
_reflns.limit_k_min                  ? 
_reflns.limit_l_max                  ? 
_reflns.limit_l_min                  ? 
_reflns.observed_criterion_F_max     ? 
_reflns.observed_criterion_F_min     ? 
_reflns.pdbx_chi_squared             ? 
_reflns.pdbx_scaling_rejects         ? 
_reflns.pdbx_ordinal                 1 
_reflns.pdbx_diffrn_id               1 
# 
loop_
_reflns_shell.d_res_high 
_reflns_shell.d_res_low 
_reflns_shell.percent_possible_all 
_reflns_shell.Rmerge_I_obs 
_reflns_shell.pdbx_Rsym_value 
_reflns_shell.meanI_over_sigI_obs 
_reflns_shell.pdbx_redundancy 
_reflns_shell.percent_possible_obs 
_reflns_shell.number_unique_all 
_reflns_shell.number_measured_all 
_reflns_shell.number_measured_obs 
_reflns_shell.number_unique_obs 
_reflns_shell.pdbx_chi_squared 
_reflns_shell.pdbx_rejects 
_reflns_shell.pdbx_netI_over_sigmaI_obs 
_reflns_shell.number_possible 
_reflns_shell.Rmerge_F_all 
_reflns_shell.Rmerge_F_obs 
_reflns_shell.Rmerge_I_all 
_reflns_shell.meanI_over_sigI_all 
_reflns_shell.pdbx_Rrim_I_all 
_reflns_shell.pdbx_Rpim_I_all 
_reflns_shell.pdbx_ordinal 
_reflns_shell.pdbx_diffrn_id 
2.5  2.66  99.9 ? ? ? ? ? ? ? ? ? ? ? ? ? ? ? ? ? ? ? 1  1 
2.66 2.78  99.8 ? ? ? ? ? ? ? ? ? ? ? ? ? ? ? ? ? ? ? 2  1 
2.78 2.92  99.9 ? ? ? ? ? ? ? ? ? ? ? ? ? ? ? ? ? ? ? 3  1 
2.92 3.09  100  ? ? ? ? ? ? ? ? ? ? ? ? ? ? ? ? ? ? ? 4  1 
3.09 3.29  100  ? ? ? ? ? ? ? ? ? ? ? ? ? ? ? ? ? ? ? 5  1 
3.29 3.54  99.8 ? ? ? ? ? ? ? ? ? ? ? ? ? ? ? ? ? ? ? 6  1 
3.54 3.84  100  ? ? ? ? ? ? ? ? ? ? ? ? ? ? ? ? ? ? ? 7  1 
3.84 4.25  100  ? ? ? ? ? ? ? ? ? ? ? ? ? ? ? ? ? ? ? 8  1 
4.25 4.82  100  ? ? ? ? ? ? ? ? ? ? ? ? ? ? ? ? ? ? ? 9  1 
4.82 5.70  99.8 ? ? ? ? ? ? ? ? ? ? ? ? ? ? ? ? ? ? ? 10 1 
5.70 7.36  100  ? ? ? ? ? ? ? ? ? ? ? ? ? ? ? ? ? ? ? 11 1 
7.36 12.75 99.6 ? ? ? ? ? ? ? ? ? ? ? ? ? ? ? ? ? ? ? 12 1 
# 
_refine.entry_id                                 4JVC 
_refine.ls_number_reflns_obs                     16426 
_refine.ls_number_reflns_all                     1 
_refine.pdbx_ls_sigma_I                          ? 
_refine.pdbx_ls_sigma_F                          ? 
_refine.pdbx_data_cutoff_high_absF               ? 
_refine.pdbx_data_cutoff_low_absF                ? 
_refine.pdbx_data_cutoff_high_rms_absF           ? 
_refine.ls_d_res_low                             28.98 
_refine.ls_d_res_high                            2.50 
_refine.ls_percent_reflns_obs                    98.91 
_refine.ls_R_factor_obs                          0.22399 
_refine.ls_R_factor_all                          ? 
_refine.ls_R_factor_R_work                       0.22180 
_refine.ls_R_factor_R_free                       0.26711 
_refine.ls_R_factor_R_free_error                 ? 
_refine.ls_R_factor_R_free_error_details         ? 
_refine.ls_percent_reflns_R_free                 5.1 
_refine.ls_number_reflns_R_free                  874 
_refine.ls_number_parameters                     ? 
_refine.ls_number_restraints                     ? 
_refine.occupancy_min                            ? 
_refine.occupancy_max                            ? 
_refine.correlation_coeff_Fo_to_Fc               0.957 
_refine.correlation_coeff_Fo_to_Fc_free          0.940 
_refine.B_iso_mean                               99.889 
_refine.aniso_B[1][1]                            0.25 
_refine.aniso_B[2][2]                            0.25 
_refine.aniso_B[3][3]                            -0.83 
_refine.aniso_B[1][2]                            0.25 
_refine.aniso_B[1][3]                            0.00 
_refine.aniso_B[2][3]                            0.00 
_refine.solvent_model_details                    MASK 
_refine.solvent_model_param_ksol                 ? 
_refine.solvent_model_param_bsol                 ? 
_refine.pdbx_solvent_vdw_probe_radii             1.20 
_refine.pdbx_solvent_ion_probe_radii             0.80 
_refine.pdbx_solvent_shrinkage_radii             0.80 
_refine.pdbx_ls_cross_valid_method               THROUGHOUT 
_refine.details                                  'HYDROGENS HAVE BEEN ADDED IN THE RIDING POSITIONS' 
_refine.pdbx_starting_model                      ? 
_refine.pdbx_method_to_determine_struct          MIRAS 
_refine.pdbx_isotropic_thermal_model             ? 
_refine.pdbx_stereochemistry_target_values       'MAXIMUM LIKELIHOOD' 
_refine.pdbx_stereochem_target_val_spec_case     ? 
_refine.pdbx_R_Free_selection_details            RANDOM 
_refine.pdbx_overall_ESU_R                       0.228 
_refine.pdbx_overall_ESU_R_Free                  0.214 
_refine.overall_SU_ML                            0.225 
_refine.pdbx_overall_phase_error                 ? 
_refine.overall_SU_B                             11.112 
_refine.overall_SU_R_Cruickshank_DPI             ? 
_refine.ls_redundancy_reflns_obs                 ? 
_refine.B_iso_min                                ? 
_refine.B_iso_max                                ? 
_refine.overall_SU_R_free                        ? 
_refine.ls_wR_factor_R_free                      ? 
_refine.ls_wR_factor_R_work                      ? 
_refine.overall_FOM_free_R_set                   ? 
_refine.overall_FOM_work_R_set                   ? 
_refine.pdbx_diffrn_id                           1 
_refine.pdbx_refine_id                           'X-RAY DIFFRACTION' 
_refine.pdbx_TLS_residual_ADP_flag               ? 
_refine.pdbx_overall_SU_R_free_Cruickshank_DPI   ? 
_refine.pdbx_overall_SU_R_Blow_DPI               ? 
_refine.pdbx_overall_SU_R_free_Blow_DPI          ? 
# 
_refine_hist.pdbx_refine_id                   'X-RAY DIFFRACTION' 
_refine_hist.cycle_id                         LAST 
_refine_hist.pdbx_number_atoms_protein        1598 
_refine_hist.pdbx_number_atoms_nucleic_acid   0 
_refine_hist.pdbx_number_atoms_ligand         16 
_refine_hist.number_atoms_solvent             3 
_refine_hist.number_atoms_total               1617 
_refine_hist.d_res_high                       2.50 
_refine_hist.d_res_low                        28.98 
# 
loop_
_refine_ls_restr.type 
_refine_ls_restr.dev_ideal 
_refine_ls_restr.dev_ideal_target 
_refine_ls_restr.weight 
_refine_ls_restr.number 
_refine_ls_restr.pdbx_restraint_function 
_refine_ls_restr.pdbx_refine_id 
r_bond_refined_d       0.017  0.019  ? 1642 ? 'X-RAY DIFFRACTION' 
r_bond_other_d         0.001  0.020  ? 1585 ? 'X-RAY DIFFRACTION' 
r_angle_refined_deg    2.170  1.978  ? 2230 ? 'X-RAY DIFFRACTION' 
r_angle_other_deg      0.991  3.000  ? 3628 ? 'X-RAY DIFFRACTION' 
r_dihedral_angle_1_deg 8.517  5.000  ? 202  ? 'X-RAY DIFFRACTION' 
r_dihedral_angle_2_deg 38.613 23.506 ? 77   ? 'X-RAY DIFFRACTION' 
r_dihedral_angle_3_deg 23.104 15.000 ? 275  ? 'X-RAY DIFFRACTION' 
r_dihedral_angle_4_deg 16.353 15.000 ? 14   ? 'X-RAY DIFFRACTION' 
r_chiral_restr         0.123  0.200  ? 260  ? 'X-RAY DIFFRACTION' 
r_gen_planes_refined   0.008  0.021  ? 1847 ? 'X-RAY DIFFRACTION' 
r_gen_planes_other     0.001  0.020  ? 381  ? 'X-RAY DIFFRACTION' 
# 
_refine_ls_shell.pdbx_refine_id                   'X-RAY DIFFRACTION' 
_refine_ls_shell.pdbx_total_number_of_bins_used   20 
_refine_ls_shell.d_res_high                       2.500 
_refine_ls_shell.d_res_low                        2.564 
_refine_ls_shell.number_reflns_R_work             1166 
_refine_ls_shell.R_factor_R_work                  0.514 
_refine_ls_shell.percent_reflns_obs               99.84 
_refine_ls_shell.R_factor_R_free                  0.553 
_refine_ls_shell.R_factor_R_free_error            ? 
_refine_ls_shell.percent_reflns_R_free            ? 
_refine_ls_shell.number_reflns_R_free             69 
_refine_ls_shell.number_reflns_all                ? 
_refine_ls_shell.R_factor_all                     ? 
_refine_ls_shell.number_reflns_obs                ? 
_refine_ls_shell.redundancy_reflns_obs            ? 
# 
_struct.entry_id                  4JVC 
_struct.title                     'Crystal structure of PqsR co-inducer binding domain' 
_struct.pdbx_model_details        ? 
_struct.pdbx_CASP_flag            ? 
_struct.pdbx_model_type_details   ? 
# 
_struct_keywords.entry_id        4JVC 
_struct_keywords.pdbx_keywords   'TRANSCRIPTION REGULATOR' 
_struct_keywords.text            'transcription regulation, co-inducer binding, DNA binding, TRANSCRIPTION REGULATOR' 
# 
loop_
_struct_asym.id 
_struct_asym.pdbx_blank_PDB_chainid_flag 
_struct_asym.pdbx_modified 
_struct_asym.entity_id 
_struct_asym.details 
A N N 1 ? 
B N N 2 ? 
C N N 2 ? 
D N N 3 ? 
# 
_struct_ref.id                         1 
_struct_ref.db_name                    UNP 
_struct_ref.db_code                    Q02IG8_PSEAB 
_struct_ref.pdbx_db_accession          Q02IG8 
_struct_ref.entity_id                  1 
_struct_ref.pdbx_seq_one_letter_code   
;NLRVLLDTAIPPSFCDTVSSVLLDDFNMVSLIRTSPADSLATIKQDNAEIDIAITIDEELKISRFNQCVLGYTKAFVVAH
PQHPLCNASLHSIASLANYRQISLGSRSGQHSNLLRPVSDKVLFVENFDDMLRLVEAGVGWGIAPHYFVEERLRNGTLAV
LSELYEPGGIDTKVYCYYNTALESERSFLRFLESARQRLRELGRQRFDDAPAWQPS
;
_struct_ref.pdbx_align_begin           94 
_struct_ref.pdbx_db_isoform            ? 
# 
_struct_ref_seq.align_id                      1 
_struct_ref_seq.ref_id                        1 
_struct_ref_seq.pdbx_PDB_id_code              4JVC 
_struct_ref_seq.pdbx_strand_id                A 
_struct_ref_seq.seq_align_beg                 1 
_struct_ref_seq.pdbx_seq_align_beg_ins_code   ? 
_struct_ref_seq.seq_align_end                 216 
_struct_ref_seq.pdbx_seq_align_end_ins_code   ? 
_struct_ref_seq.pdbx_db_accession             Q02IG8 
_struct_ref_seq.db_align_beg                  94 
_struct_ref_seq.pdbx_db_align_beg_ins_code    ? 
_struct_ref_seq.db_align_end                  309 
_struct_ref_seq.pdbx_db_align_end_ins_code    ? 
_struct_ref_seq.pdbx_auth_seq_align_beg       94 
_struct_ref_seq.pdbx_auth_seq_align_end       309 
# 
_pdbx_struct_assembly.id                   1 
_pdbx_struct_assembly.details              author_and_software_defined_assembly 
_pdbx_struct_assembly.method_details       PISA 
_pdbx_struct_assembly.oligomeric_details   dimeric 
_pdbx_struct_assembly.oligomeric_count     2 
# 
loop_
_pdbx_struct_assembly_prop.biol_id 
_pdbx_struct_assembly_prop.type 
_pdbx_struct_assembly_prop.value 
_pdbx_struct_assembly_prop.details 
1 'ABSA (A^2)' 2510  ? 
1 MORE         -6    ? 
1 'SSA (A^2)'  19190 ? 
# 
_pdbx_struct_assembly_gen.assembly_id       1 
_pdbx_struct_assembly_gen.oper_expression   1,2 
_pdbx_struct_assembly_gen.asym_id_list      A,B,C,D 
# 
loop_
_pdbx_struct_oper_list.id 
_pdbx_struct_oper_list.type 
_pdbx_struct_oper_list.name 
_pdbx_struct_oper_list.symmetry_operation 
_pdbx_struct_oper_list.matrix[1][1] 
_pdbx_struct_oper_list.matrix[1][2] 
_pdbx_struct_oper_list.matrix[1][3] 
_pdbx_struct_oper_list.vector[1] 
_pdbx_struct_oper_list.matrix[2][1] 
_pdbx_struct_oper_list.matrix[2][2] 
_pdbx_struct_oper_list.matrix[2][3] 
_pdbx_struct_oper_list.vector[2] 
_pdbx_struct_oper_list.matrix[3][1] 
_pdbx_struct_oper_list.matrix[3][2] 
_pdbx_struct_oper_list.matrix[3][3] 
_pdbx_struct_oper_list.vector[3] 
1 'identity operation'         1_555 x,y,z     1.0000000000  0.0000000000  0.0000000000 0.0000000000   0.0000000000  1.0000000000 0.0000000000  0.0000000000  0.0000000000 0.0000000000  1.0000000000  0.0000000000  
2 'crystal symmetry operation' 8_555 x-y,-y,-z -0.7633338725 -0.6453480940 0.0291073293 -23.4537333485 -0.6453480940 0.7597539913 -0.0793707138 -8.7596058356 0.0291073293 -0.0793707138 -0.9964201188 -3.5142586514 
# 
_struct_biol.id        1 
_struct_biol.details   ? 
# 
loop_
_struct_conf.conf_type_id 
_struct_conf.id 
_struct_conf.pdbx_PDB_helix_id 
_struct_conf.beg_label_comp_id 
_struct_conf.beg_label_asym_id 
_struct_conf.beg_label_seq_id 
_struct_conf.pdbx_beg_PDB_ins_code 
_struct_conf.end_label_comp_id 
_struct_conf.end_label_asym_id 
_struct_conf.end_label_seq_id 
_struct_conf.pdbx_end_PDB_ins_code 
_struct_conf.beg_auth_comp_id 
_struct_conf.beg_auth_asym_id 
_struct_conf.beg_auth_seq_id 
_struct_conf.end_auth_comp_id 
_struct_conf.end_auth_asym_id 
_struct_conf.end_auth_seq_id 
_struct_conf.pdbx_PDB_helix_class 
_struct_conf.details 
_struct_conf.pdbx_PDB_helix_length 
HELX_P HELX_P1 1 PRO A 11  ? PHE A 26  ? PRO A 104 PHE A 119 1 ? 16 
HELX_P HELX_P2 2 ASP A 38  ? GLN A 45  ? ASP A 131 GLN A 138 1 ? 8  
HELX_P HELX_P3 3 ASP A 46  ? GLU A 49  ? ASP A 139 GLU A 142 5 ? 4  
HELX_P HELX_P4 4 SER A 89  ? LEU A 96  ? SER A 182 LEU A 189 1 ? 8  
HELX_P HELX_P5 5 ASN A 127 ? ALA A 137 ? ASN A 220 ALA A 230 1 ? 11 
HELX_P HELX_P6 6 VAL A 149 ? ASN A 155 ? VAL A 242 ASN A 248 1 ? 7  
HELX_P HELX_P7 7 ALA A 181 ? GLU A 183 ? ALA A 274 GLU A 276 5 ? 3  
HELX_P HELX_P8 8 GLU A 185 ? GLY A 203 ? GLU A 278 GLY A 296 1 ? 19 
# 
_struct_conf_type.id          HELX_P 
_struct_conf_type.criteria    ? 
_struct_conf_type.reference   ? 
# 
_struct_mon_prot_cis.pdbx_id                1 
_struct_mon_prot_cis.label_comp_id          ASP 
_struct_mon_prot_cis.label_seq_id           120 
_struct_mon_prot_cis.label_asym_id          A 
_struct_mon_prot_cis.label_alt_id           . 
_struct_mon_prot_cis.pdbx_PDB_ins_code      ? 
_struct_mon_prot_cis.auth_comp_id           ASP 
_struct_mon_prot_cis.auth_seq_id            213 
_struct_mon_prot_cis.auth_asym_id           A 
_struct_mon_prot_cis.pdbx_label_comp_id_2   LYS 
_struct_mon_prot_cis.pdbx_label_seq_id_2    121 
_struct_mon_prot_cis.pdbx_label_asym_id_2   A 
_struct_mon_prot_cis.pdbx_PDB_ins_code_2    ? 
_struct_mon_prot_cis.pdbx_auth_comp_id_2    LYS 
_struct_mon_prot_cis.pdbx_auth_seq_id_2     214 
_struct_mon_prot_cis.pdbx_auth_asym_id_2    A 
_struct_mon_prot_cis.pdbx_PDB_model_num     1 
_struct_mon_prot_cis.pdbx_omega_angle       -6.04 
# 
loop_
_struct_sheet.id 
_struct_sheet.type 
_struct_sheet.number_strands 
_struct_sheet.details 
A ? 6 ? 
B ? 6 ? 
C ? 2 ? 
# 
loop_
_struct_sheet_order.sheet_id 
_struct_sheet_order.range_id_1 
_struct_sheet_order.range_id_2 
_struct_sheet_order.offset 
_struct_sheet_order.sense 
A 1 2 ? parallel      
A 2 3 ? parallel      
A 3 4 ? anti-parallel 
A 4 5 ? anti-parallel 
A 5 6 ? anti-parallel 
B 1 2 ? parallel      
B 2 3 ? parallel      
B 3 4 ? anti-parallel 
B 4 5 ? anti-parallel 
B 5 6 ? anti-parallel 
C 1 2 ? parallel      
# 
loop_
_struct_sheet_range.sheet_id 
_struct_sheet_range.id 
_struct_sheet_range.beg_label_comp_id 
_struct_sheet_range.beg_label_asym_id 
_struct_sheet_range.beg_label_seq_id 
_struct_sheet_range.pdbx_beg_PDB_ins_code 
_struct_sheet_range.end_label_comp_id 
_struct_sheet_range.end_label_asym_id 
_struct_sheet_range.end_label_seq_id 
_struct_sheet_range.pdbx_end_PDB_ins_code 
_struct_sheet_range.beg_auth_comp_id 
_struct_sheet_range.beg_auth_asym_id 
_struct_sheet_range.beg_auth_seq_id 
_struct_sheet_range.end_auth_comp_id 
_struct_sheet_range.end_auth_asym_id 
_struct_sheet_range.end_auth_seq_id 
A 1 VAL A 29  ? THR A 34  ? VAL A 122 THR A 127 
A 2 LEU A 2   ? ASP A 7   ? LEU A 95  ASP A 100 
A 3 ILE A 52  ? THR A 55  ? ILE A 145 THR A 148 
A 4 ILE A 170 ? ASN A 179 ? ILE A 263 ASN A 272 
A 5 PHE A 65  ? ALA A 79  ? PHE A 158 ALA A 172 
A 6 GLY A 142 ? PRO A 145 ? GLY A 235 PRO A 238 
B 1 VAL A 29  ? THR A 34  ? VAL A 122 THR A 127 
B 2 LEU A 2   ? ASP A 7   ? LEU A 95  ASP A 100 
B 3 ILE A 52  ? THR A 55  ? ILE A 145 THR A 148 
B 4 ILE A 170 ? ASN A 179 ? ILE A 263 ASN A 272 
B 5 PHE A 65  ? ALA A 79  ? PHE A 158 ALA A 172 
B 6 ALA A 159 ? VAL A 160 ? ALA A 252 VAL A 253 
C 1 GLN A 101 ? LEU A 104 ? GLN A 194 LEU A 197 
C 2 VAL A 122 ? VAL A 125 ? VAL A 215 VAL A 218 
# 
loop_
_pdbx_struct_sheet_hbond.sheet_id 
_pdbx_struct_sheet_hbond.range_id_1 
_pdbx_struct_sheet_hbond.range_id_2 
_pdbx_struct_sheet_hbond.range_1_label_atom_id 
_pdbx_struct_sheet_hbond.range_1_label_comp_id 
_pdbx_struct_sheet_hbond.range_1_label_asym_id 
_pdbx_struct_sheet_hbond.range_1_label_seq_id 
_pdbx_struct_sheet_hbond.range_1_PDB_ins_code 
_pdbx_struct_sheet_hbond.range_1_auth_atom_id 
_pdbx_struct_sheet_hbond.range_1_auth_comp_id 
_pdbx_struct_sheet_hbond.range_1_auth_asym_id 
_pdbx_struct_sheet_hbond.range_1_auth_seq_id 
_pdbx_struct_sheet_hbond.range_2_label_atom_id 
_pdbx_struct_sheet_hbond.range_2_label_comp_id 
_pdbx_struct_sheet_hbond.range_2_label_asym_id 
_pdbx_struct_sheet_hbond.range_2_label_seq_id 
_pdbx_struct_sheet_hbond.range_2_PDB_ins_code 
_pdbx_struct_sheet_hbond.range_2_auth_atom_id 
_pdbx_struct_sheet_hbond.range_2_auth_comp_id 
_pdbx_struct_sheet_hbond.range_2_auth_asym_id 
_pdbx_struct_sheet_hbond.range_2_auth_seq_id 
A 1 2 O SER A 30  ? O SER A 123 N VAL A 4   ? N VAL A 97  
A 2 3 N LEU A 5   ? N LEU A 98  O ILE A 52  ? O ILE A 145 
A 3 4 N THR A 55  ? N THR A 148 O TYR A 175 ? O TYR A 268 
A 4 5 O ILE A 170 ? O ILE A 263 N ALA A 75  ? N ALA A 168 
A 5 6 N PHE A 76  ? N PHE A 169 O ALA A 144 ? O ALA A 237 
B 1 2 O SER A 30  ? O SER A 123 N VAL A 4   ? N VAL A 97  
B 2 3 N LEU A 5   ? N LEU A 98  O ILE A 52  ? O ILE A 145 
B 3 4 N THR A 55  ? N THR A 148 O TYR A 175 ? O TYR A 268 
B 4 5 O ILE A 170 ? O ILE A 263 N ALA A 75  ? N ALA A 168 
B 5 6 N ALA A 79  ? N ALA A 172 O ALA A 159 ? O ALA A 252 
C 1 2 N SER A 103 ? N SER A 196 O VAL A 125 ? O VAL A 218 
# 
loop_
_struct_site.id 
_struct_site.pdbx_evidence_code 
_struct_site.pdbx_auth_asym_id 
_struct_site.pdbx_auth_comp_id 
_struct_site.pdbx_auth_seq_id 
_struct_site.pdbx_auth_ins_code 
_struct_site.pdbx_num_residues 
_struct_site.details 
AC1 Software A MRD 401 ? 5 'BINDING SITE FOR RESIDUE MRD A 401' 
AC2 Software A MRD 402 ? 2 'BINDING SITE FOR RESIDUE MRD A 402' 
# 
loop_
_struct_site_gen.id 
_struct_site_gen.site_id 
_struct_site_gen.pdbx_num_res 
_struct_site_gen.label_comp_id 
_struct_site_gen.label_asym_id 
_struct_site_gen.label_seq_id 
_struct_site_gen.pdbx_auth_ins_code 
_struct_site_gen.auth_comp_id 
_struct_site_gen.auth_asym_id 
_struct_site_gen.auth_seq_id 
_struct_site_gen.label_atom_id 
_struct_site_gen.label_alt_id 
_struct_site_gen.symmetry 
_struct_site_gen.details 
1 AC1 5 ILE A 56  ? ILE A 149 . ? 1_555 ? 
2 AC1 5 ALA A 75  ? ALA A 168 . ? 1_555 ? 
3 AC1 5 ILE A 143 ? ILE A 236 . ? 1_555 ? 
4 AC1 5 THR A 172 ? THR A 265 . ? 1_555 ? 
5 AC1 5 HOH D .   ? HOH A 502 . ? 1_555 ? 
6 AC2 2 LEU A 96  ? LEU A 189 . ? 1_555 ? 
7 AC2 2 TYR A 165 ? TYR A 258 . ? 1_555 ? 
# 
_pdbx_validate_rmsd_angle.id                         1 
_pdbx_validate_rmsd_angle.PDB_model_num              1 
_pdbx_validate_rmsd_angle.auth_atom_id_1             CB 
_pdbx_validate_rmsd_angle.auth_asym_id_1             A 
_pdbx_validate_rmsd_angle.auth_comp_id_1             THR 
_pdbx_validate_rmsd_angle.auth_seq_id_1              148 
_pdbx_validate_rmsd_angle.PDB_ins_code_1             ? 
_pdbx_validate_rmsd_angle.label_alt_id_1             ? 
_pdbx_validate_rmsd_angle.auth_atom_id_2             CA 
_pdbx_validate_rmsd_angle.auth_asym_id_2             A 
_pdbx_validate_rmsd_angle.auth_comp_id_2             THR 
_pdbx_validate_rmsd_angle.auth_seq_id_2              148 
_pdbx_validate_rmsd_angle.PDB_ins_code_2             ? 
_pdbx_validate_rmsd_angle.label_alt_id_2             ? 
_pdbx_validate_rmsd_angle.auth_atom_id_3             C 
_pdbx_validate_rmsd_angle.auth_asym_id_3             A 
_pdbx_validate_rmsd_angle.auth_comp_id_3             THR 
_pdbx_validate_rmsd_angle.auth_seq_id_3              148 
_pdbx_validate_rmsd_angle.PDB_ins_code_3             ? 
_pdbx_validate_rmsd_angle.label_alt_id_3             ? 
_pdbx_validate_rmsd_angle.angle_value                94.64 
_pdbx_validate_rmsd_angle.angle_target_value         111.60 
_pdbx_validate_rmsd_angle.angle_deviation            -16.96 
_pdbx_validate_rmsd_angle.angle_standard_deviation   2.70 
_pdbx_validate_rmsd_angle.linker_flag                N 
# 
loop_
_pdbx_validate_torsion.id 
_pdbx_validate_torsion.PDB_model_num 
_pdbx_validate_torsion.auth_comp_id 
_pdbx_validate_torsion.auth_asym_id 
_pdbx_validate_torsion.auth_seq_id 
_pdbx_validate_torsion.PDB_ins_code 
_pdbx_validate_torsion.label_alt_id 
_pdbx_validate_torsion.phi 
_pdbx_validate_torsion.psi 
1  1 GLN A 138 ? ? -50.63  98.02  
2  1 LEU A 153 ? ? -59.80  -83.87 
3  1 SER A 156 ? ? -60.66  -75.34 
4  1 LEU A 178 ? ? -69.59  12.95  
5  1 ASN A 180 ? ? 38.03   -98.21 
6  1 ALA A 181 ? ? -30.61  115.34 
7  1 SER A 182 ? ? -131.31 -38.63 
8  1 ASN A 191 ? ? -101.37 -63.62 
9  1 TYR A 192 ? ? -48.82  154.90 
10 1 ARG A 209 ? ? -37.06  140.55 
11 1 GLU A 243 ? ? -45.34  -72.13 
12 1 GLU A 244 ? ? -39.41  -76.59 
13 1 ARG A 245 ? ? -32.73  -30.69 
14 1 ASN A 248 ? ? -61.56  9.88   
15 1 SER A 287 ? ? -57.08  -75.98 
# 
_pdbx_validate_peptide_omega.id               1 
_pdbx_validate_peptide_omega.PDB_model_num    1 
_pdbx_validate_peptide_omega.auth_comp_id_1   SER 
_pdbx_validate_peptide_omega.auth_asym_id_1   A 
_pdbx_validate_peptide_omega.auth_seq_id_1    212 
_pdbx_validate_peptide_omega.PDB_ins_code_1   ? 
_pdbx_validate_peptide_omega.label_alt_id_1   ? 
_pdbx_validate_peptide_omega.auth_comp_id_2   ASP 
_pdbx_validate_peptide_omega.auth_asym_id_2   A 
_pdbx_validate_peptide_omega.auth_seq_id_2    213 
_pdbx_validate_peptide_omega.PDB_ins_code_2   ? 
_pdbx_validate_peptide_omega.label_alt_id_2   ? 
_pdbx_validate_peptide_omega.omega            146.93 
# 
loop_
_pdbx_unobs_or_zero_occ_residues.id 
_pdbx_unobs_or_zero_occ_residues.PDB_model_num 
_pdbx_unobs_or_zero_occ_residues.polymer_flag 
_pdbx_unobs_or_zero_occ_residues.occupancy_flag 
_pdbx_unobs_or_zero_occ_residues.auth_asym_id 
_pdbx_unobs_or_zero_occ_residues.auth_comp_id 
_pdbx_unobs_or_zero_occ_residues.auth_seq_id 
_pdbx_unobs_or_zero_occ_residues.PDB_ins_code 
_pdbx_unobs_or_zero_occ_residues.label_asym_id 
_pdbx_unobs_or_zero_occ_residues.label_comp_id 
_pdbx_unobs_or_zero_occ_residues.label_seq_id 
1  1 Y 1 A ARG 297 ? A ARG 204 
2  1 Y 1 A GLN 298 ? A GLN 205 
3  1 Y 1 A ARG 299 ? A ARG 206 
4  1 Y 1 A PHE 300 ? A PHE 207 
5  1 Y 1 A ASP 301 ? A ASP 208 
6  1 Y 1 A ASP 302 ? A ASP 209 
7  1 Y 1 A ALA 303 ? A ALA 210 
8  1 Y 1 A PRO 304 ? A PRO 211 
9  1 Y 1 A ALA 305 ? A ALA 212 
10 1 Y 1 A TRP 306 ? A TRP 213 
11 1 Y 1 A GLN 307 ? A GLN 214 
12 1 Y 1 A PRO 308 ? A PRO 215 
13 1 Y 1 A SER 309 ? A SER 216 
# 
loop_
_chem_comp_atom.comp_id 
_chem_comp_atom.atom_id 
_chem_comp_atom.type_symbol 
_chem_comp_atom.pdbx_aromatic_flag 
_chem_comp_atom.pdbx_stereo_config 
_chem_comp_atom.pdbx_ordinal 
ALA N    N N N 1   
ALA CA   C N S 2   
ALA C    C N N 3   
ALA O    O N N 4   
ALA CB   C N N 5   
ALA OXT  O N N 6   
ALA H    H N N 7   
ALA H2   H N N 8   
ALA HA   H N N 9   
ALA HB1  H N N 10  
ALA HB2  H N N 11  
ALA HB3  H N N 12  
ALA HXT  H N N 13  
ARG N    N N N 14  
ARG CA   C N S 15  
ARG C    C N N 16  
ARG O    O N N 17  
ARG CB   C N N 18  
ARG CG   C N N 19  
ARG CD   C N N 20  
ARG NE   N N N 21  
ARG CZ   C N N 22  
ARG NH1  N N N 23  
ARG NH2  N N N 24  
ARG OXT  O N N 25  
ARG H    H N N 26  
ARG H2   H N N 27  
ARG HA   H N N 28  
ARG HB2  H N N 29  
ARG HB3  H N N 30  
ARG HG2  H N N 31  
ARG HG3  H N N 32  
ARG HD2  H N N 33  
ARG HD3  H N N 34  
ARG HE   H N N 35  
ARG HH11 H N N 36  
ARG HH12 H N N 37  
ARG HH21 H N N 38  
ARG HH22 H N N 39  
ARG HXT  H N N 40  
ASN N    N N N 41  
ASN CA   C N S 42  
ASN C    C N N 43  
ASN O    O N N 44  
ASN CB   C N N 45  
ASN CG   C N N 46  
ASN OD1  O N N 47  
ASN ND2  N N N 48  
ASN OXT  O N N 49  
ASN H    H N N 50  
ASN H2   H N N 51  
ASN HA   H N N 52  
ASN HB2  H N N 53  
ASN HB3  H N N 54  
ASN HD21 H N N 55  
ASN HD22 H N N 56  
ASN HXT  H N N 57  
ASP N    N N N 58  
ASP CA   C N S 59  
ASP C    C N N 60  
ASP O    O N N 61  
ASP CB   C N N 62  
ASP CG   C N N 63  
ASP OD1  O N N 64  
ASP OD2  O N N 65  
ASP OXT  O N N 66  
ASP H    H N N 67  
ASP H2   H N N 68  
ASP HA   H N N 69  
ASP HB2  H N N 70  
ASP HB3  H N N 71  
ASP HD2  H N N 72  
ASP HXT  H N N 73  
CYS N    N N N 74  
CYS CA   C N R 75  
CYS C    C N N 76  
CYS O    O N N 77  
CYS CB   C N N 78  
CYS SG   S N N 79  
CYS OXT  O N N 80  
CYS H    H N N 81  
CYS H2   H N N 82  
CYS HA   H N N 83  
CYS HB2  H N N 84  
CYS HB3  H N N 85  
CYS HG   H N N 86  
CYS HXT  H N N 87  
GLN N    N N N 88  
GLN CA   C N S 89  
GLN C    C N N 90  
GLN O    O N N 91  
GLN CB   C N N 92  
GLN CG   C N N 93  
GLN CD   C N N 94  
GLN OE1  O N N 95  
GLN NE2  N N N 96  
GLN OXT  O N N 97  
GLN H    H N N 98  
GLN H2   H N N 99  
GLN HA   H N N 100 
GLN HB2  H N N 101 
GLN HB3  H N N 102 
GLN HG2  H N N 103 
GLN HG3  H N N 104 
GLN HE21 H N N 105 
GLN HE22 H N N 106 
GLN HXT  H N N 107 
GLU N    N N N 108 
GLU CA   C N S 109 
GLU C    C N N 110 
GLU O    O N N 111 
GLU CB   C N N 112 
GLU CG   C N N 113 
GLU CD   C N N 114 
GLU OE1  O N N 115 
GLU OE2  O N N 116 
GLU OXT  O N N 117 
GLU H    H N N 118 
GLU H2   H N N 119 
GLU HA   H N N 120 
GLU HB2  H N N 121 
GLU HB3  H N N 122 
GLU HG2  H N N 123 
GLU HG3  H N N 124 
GLU HE2  H N N 125 
GLU HXT  H N N 126 
GLY N    N N N 127 
GLY CA   C N N 128 
GLY C    C N N 129 
GLY O    O N N 130 
GLY OXT  O N N 131 
GLY H    H N N 132 
GLY H2   H N N 133 
GLY HA2  H N N 134 
GLY HA3  H N N 135 
GLY HXT  H N N 136 
HIS N    N N N 137 
HIS CA   C N S 138 
HIS C    C N N 139 
HIS O    O N N 140 
HIS CB   C N N 141 
HIS CG   C Y N 142 
HIS ND1  N Y N 143 
HIS CD2  C Y N 144 
HIS CE1  C Y N 145 
HIS NE2  N Y N 146 
HIS OXT  O N N 147 
HIS H    H N N 148 
HIS H2   H N N 149 
HIS HA   H N N 150 
HIS HB2  H N N 151 
HIS HB3  H N N 152 
HIS HD1  H N N 153 
HIS HD2  H N N 154 
HIS HE1  H N N 155 
HIS HE2  H N N 156 
HIS HXT  H N N 157 
HOH O    O N N 158 
HOH H1   H N N 159 
HOH H2   H N N 160 
ILE N    N N N 161 
ILE CA   C N S 162 
ILE C    C N N 163 
ILE O    O N N 164 
ILE CB   C N S 165 
ILE CG1  C N N 166 
ILE CG2  C N N 167 
ILE CD1  C N N 168 
ILE OXT  O N N 169 
ILE H    H N N 170 
ILE H2   H N N 171 
ILE HA   H N N 172 
ILE HB   H N N 173 
ILE HG12 H N N 174 
ILE HG13 H N N 175 
ILE HG21 H N N 176 
ILE HG22 H N N 177 
ILE HG23 H N N 178 
ILE HD11 H N N 179 
ILE HD12 H N N 180 
ILE HD13 H N N 181 
ILE HXT  H N N 182 
LEU N    N N N 183 
LEU CA   C N S 184 
LEU C    C N N 185 
LEU O    O N N 186 
LEU CB   C N N 187 
LEU CG   C N N 188 
LEU CD1  C N N 189 
LEU CD2  C N N 190 
LEU OXT  O N N 191 
LEU H    H N N 192 
LEU H2   H N N 193 
LEU HA   H N N 194 
LEU HB2  H N N 195 
LEU HB3  H N N 196 
LEU HG   H N N 197 
LEU HD11 H N N 198 
LEU HD12 H N N 199 
LEU HD13 H N N 200 
LEU HD21 H N N 201 
LEU HD22 H N N 202 
LEU HD23 H N N 203 
LEU HXT  H N N 204 
LYS N    N N N 205 
LYS CA   C N S 206 
LYS C    C N N 207 
LYS O    O N N 208 
LYS CB   C N N 209 
LYS CG   C N N 210 
LYS CD   C N N 211 
LYS CE   C N N 212 
LYS NZ   N N N 213 
LYS OXT  O N N 214 
LYS H    H N N 215 
LYS H2   H N N 216 
LYS HA   H N N 217 
LYS HB2  H N N 218 
LYS HB3  H N N 219 
LYS HG2  H N N 220 
LYS HG3  H N N 221 
LYS HD2  H N N 222 
LYS HD3  H N N 223 
LYS HE2  H N N 224 
LYS HE3  H N N 225 
LYS HZ1  H N N 226 
LYS HZ2  H N N 227 
LYS HZ3  H N N 228 
LYS HXT  H N N 229 
MET N    N N N 230 
MET CA   C N S 231 
MET C    C N N 232 
MET O    O N N 233 
MET CB   C N N 234 
MET CG   C N N 235 
MET SD   S N N 236 
MET CE   C N N 237 
MET OXT  O N N 238 
MET H    H N N 239 
MET H2   H N N 240 
MET HA   H N N 241 
MET HB2  H N N 242 
MET HB3  H N N 243 
MET HG2  H N N 244 
MET HG3  H N N 245 
MET HE1  H N N 246 
MET HE2  H N N 247 
MET HE3  H N N 248 
MET HXT  H N N 249 
MRD C1   C N N 250 
MRD C2   C N N 251 
MRD O2   O N N 252 
MRD CM   C N N 253 
MRD C3   C N N 254 
MRD C4   C N R 255 
MRD O4   O N N 256 
MRD C5   C N N 257 
MRD H1C1 H N N 258 
MRD H1C2 H N N 259 
MRD H1C3 H N N 260 
MRD H2   H N N 261 
MRD HMC1 H N N 262 
MRD HMC2 H N N 263 
MRD HMC3 H N N 264 
MRD H3C1 H N N 265 
MRD H3C2 H N N 266 
MRD H4   H N N 267 
MRD HA   H N N 268 
MRD H5C1 H N N 269 
MRD H5C2 H N N 270 
MRD H5C3 H N N 271 
PHE N    N N N 272 
PHE CA   C N S 273 
PHE C    C N N 274 
PHE O    O N N 275 
PHE CB   C N N 276 
PHE CG   C Y N 277 
PHE CD1  C Y N 278 
PHE CD2  C Y N 279 
PHE CE1  C Y N 280 
PHE CE2  C Y N 281 
PHE CZ   C Y N 282 
PHE OXT  O N N 283 
PHE H    H N N 284 
PHE H2   H N N 285 
PHE HA   H N N 286 
PHE HB2  H N N 287 
PHE HB3  H N N 288 
PHE HD1  H N N 289 
PHE HD2  H N N 290 
PHE HE1  H N N 291 
PHE HE2  H N N 292 
PHE HZ   H N N 293 
PHE HXT  H N N 294 
PRO N    N N N 295 
PRO CA   C N S 296 
PRO C    C N N 297 
PRO O    O N N 298 
PRO CB   C N N 299 
PRO CG   C N N 300 
PRO CD   C N N 301 
PRO OXT  O N N 302 
PRO H    H N N 303 
PRO HA   H N N 304 
PRO HB2  H N N 305 
PRO HB3  H N N 306 
PRO HG2  H N N 307 
PRO HG3  H N N 308 
PRO HD2  H N N 309 
PRO HD3  H N N 310 
PRO HXT  H N N 311 
SER N    N N N 312 
SER CA   C N S 313 
SER C    C N N 314 
SER O    O N N 315 
SER CB   C N N 316 
SER OG   O N N 317 
SER OXT  O N N 318 
SER H    H N N 319 
SER H2   H N N 320 
SER HA   H N N 321 
SER HB2  H N N 322 
SER HB3  H N N 323 
SER HG   H N N 324 
SER HXT  H N N 325 
THR N    N N N 326 
THR CA   C N S 327 
THR C    C N N 328 
THR O    O N N 329 
THR CB   C N R 330 
THR OG1  O N N 331 
THR CG2  C N N 332 
THR OXT  O N N 333 
THR H    H N N 334 
THR H2   H N N 335 
THR HA   H N N 336 
THR HB   H N N 337 
THR HG1  H N N 338 
THR HG21 H N N 339 
THR HG22 H N N 340 
THR HG23 H N N 341 
THR HXT  H N N 342 
TRP N    N N N 343 
TRP CA   C N S 344 
TRP C    C N N 345 
TRP O    O N N 346 
TRP CB   C N N 347 
TRP CG   C Y N 348 
TRP CD1  C Y N 349 
TRP CD2  C Y N 350 
TRP NE1  N Y N 351 
TRP CE2  C Y N 352 
TRP CE3  C Y N 353 
TRP CZ2  C Y N 354 
TRP CZ3  C Y N 355 
TRP CH2  C Y N 356 
TRP OXT  O N N 357 
TRP H    H N N 358 
TRP H2   H N N 359 
TRP HA   H N N 360 
TRP HB2  H N N 361 
TRP HB3  H N N 362 
TRP HD1  H N N 363 
TRP HE1  H N N 364 
TRP HE3  H N N 365 
TRP HZ2  H N N 366 
TRP HZ3  H N N 367 
TRP HH2  H N N 368 
TRP HXT  H N N 369 
TYR N    N N N 370 
TYR CA   C N S 371 
TYR C    C N N 372 
TYR O    O N N 373 
TYR CB   C N N 374 
TYR CG   C Y N 375 
TYR CD1  C Y N 376 
TYR CD2  C Y N 377 
TYR CE1  C Y N 378 
TYR CE2  C Y N 379 
TYR CZ   C Y N 380 
TYR OH   O N N 381 
TYR OXT  O N N 382 
TYR H    H N N 383 
TYR H2   H N N 384 
TYR HA   H N N 385 
TYR HB2  H N N 386 
TYR HB3  H N N 387 
TYR HD1  H N N 388 
TYR HD2  H N N 389 
TYR HE1  H N N 390 
TYR HE2  H N N 391 
TYR HH   H N N 392 
TYR HXT  H N N 393 
VAL N    N N N 394 
VAL CA   C N S 395 
VAL C    C N N 396 
VAL O    O N N 397 
VAL CB   C N N 398 
VAL CG1  C N N 399 
VAL CG2  C N N 400 
VAL OXT  O N N 401 
VAL H    H N N 402 
VAL H2   H N N 403 
VAL HA   H N N 404 
VAL HB   H N N 405 
VAL HG11 H N N 406 
VAL HG12 H N N 407 
VAL HG13 H N N 408 
VAL HG21 H N N 409 
VAL HG22 H N N 410 
VAL HG23 H N N 411 
VAL HXT  H N N 412 
# 
loop_
_chem_comp_bond.comp_id 
_chem_comp_bond.atom_id_1 
_chem_comp_bond.atom_id_2 
_chem_comp_bond.value_order 
_chem_comp_bond.pdbx_aromatic_flag 
_chem_comp_bond.pdbx_stereo_config 
_chem_comp_bond.pdbx_ordinal 
ALA N   CA   sing N N 1   
ALA N   H    sing N N 2   
ALA N   H2   sing N N 3   
ALA CA  C    sing N N 4   
ALA CA  CB   sing N N 5   
ALA CA  HA   sing N N 6   
ALA C   O    doub N N 7   
ALA C   OXT  sing N N 8   
ALA CB  HB1  sing N N 9   
ALA CB  HB2  sing N N 10  
ALA CB  HB3  sing N N 11  
ALA OXT HXT  sing N N 12  
ARG N   CA   sing N N 13  
ARG N   H    sing N N 14  
ARG N   H2   sing N N 15  
ARG CA  C    sing N N 16  
ARG CA  CB   sing N N 17  
ARG CA  HA   sing N N 18  
ARG C   O    doub N N 19  
ARG C   OXT  sing N N 20  
ARG CB  CG   sing N N 21  
ARG CB  HB2  sing N N 22  
ARG CB  HB3  sing N N 23  
ARG CG  CD   sing N N 24  
ARG CG  HG2  sing N N 25  
ARG CG  HG3  sing N N 26  
ARG CD  NE   sing N N 27  
ARG CD  HD2  sing N N 28  
ARG CD  HD3  sing N N 29  
ARG NE  CZ   sing N N 30  
ARG NE  HE   sing N N 31  
ARG CZ  NH1  sing N N 32  
ARG CZ  NH2  doub N N 33  
ARG NH1 HH11 sing N N 34  
ARG NH1 HH12 sing N N 35  
ARG NH2 HH21 sing N N 36  
ARG NH2 HH22 sing N N 37  
ARG OXT HXT  sing N N 38  
ASN N   CA   sing N N 39  
ASN N   H    sing N N 40  
ASN N   H2   sing N N 41  
ASN CA  C    sing N N 42  
ASN CA  CB   sing N N 43  
ASN CA  HA   sing N N 44  
ASN C   O    doub N N 45  
ASN C   OXT  sing N N 46  
ASN CB  CG   sing N N 47  
ASN CB  HB2  sing N N 48  
ASN CB  HB3  sing N N 49  
ASN CG  OD1  doub N N 50  
ASN CG  ND2  sing N N 51  
ASN ND2 HD21 sing N N 52  
ASN ND2 HD22 sing N N 53  
ASN OXT HXT  sing N N 54  
ASP N   CA   sing N N 55  
ASP N   H    sing N N 56  
ASP N   H2   sing N N 57  
ASP CA  C    sing N N 58  
ASP CA  CB   sing N N 59  
ASP CA  HA   sing N N 60  
ASP C   O    doub N N 61  
ASP C   OXT  sing N N 62  
ASP CB  CG   sing N N 63  
ASP CB  HB2  sing N N 64  
ASP CB  HB3  sing N N 65  
ASP CG  OD1  doub N N 66  
ASP CG  OD2  sing N N 67  
ASP OD2 HD2  sing N N 68  
ASP OXT HXT  sing N N 69  
CYS N   CA   sing N N 70  
CYS N   H    sing N N 71  
CYS N   H2   sing N N 72  
CYS CA  C    sing N N 73  
CYS CA  CB   sing N N 74  
CYS CA  HA   sing N N 75  
CYS C   O    doub N N 76  
CYS C   OXT  sing N N 77  
CYS CB  SG   sing N N 78  
CYS CB  HB2  sing N N 79  
CYS CB  HB3  sing N N 80  
CYS SG  HG   sing N N 81  
CYS OXT HXT  sing N N 82  
GLN N   CA   sing N N 83  
GLN N   H    sing N N 84  
GLN N   H2   sing N N 85  
GLN CA  C    sing N N 86  
GLN CA  CB   sing N N 87  
GLN CA  HA   sing N N 88  
GLN C   O    doub N N 89  
GLN C   OXT  sing N N 90  
GLN CB  CG   sing N N 91  
GLN CB  HB2  sing N N 92  
GLN CB  HB3  sing N N 93  
GLN CG  CD   sing N N 94  
GLN CG  HG2  sing N N 95  
GLN CG  HG3  sing N N 96  
GLN CD  OE1  doub N N 97  
GLN CD  NE2  sing N N 98  
GLN NE2 HE21 sing N N 99  
GLN NE2 HE22 sing N N 100 
GLN OXT HXT  sing N N 101 
GLU N   CA   sing N N 102 
GLU N   H    sing N N 103 
GLU N   H2   sing N N 104 
GLU CA  C    sing N N 105 
GLU CA  CB   sing N N 106 
GLU CA  HA   sing N N 107 
GLU C   O    doub N N 108 
GLU C   OXT  sing N N 109 
GLU CB  CG   sing N N 110 
GLU CB  HB2  sing N N 111 
GLU CB  HB3  sing N N 112 
GLU CG  CD   sing N N 113 
GLU CG  HG2  sing N N 114 
GLU CG  HG3  sing N N 115 
GLU CD  OE1  doub N N 116 
GLU CD  OE2  sing N N 117 
GLU OE2 HE2  sing N N 118 
GLU OXT HXT  sing N N 119 
GLY N   CA   sing N N 120 
GLY N   H    sing N N 121 
GLY N   H2   sing N N 122 
GLY CA  C    sing N N 123 
GLY CA  HA2  sing N N 124 
GLY CA  HA3  sing N N 125 
GLY C   O    doub N N 126 
GLY C   OXT  sing N N 127 
GLY OXT HXT  sing N N 128 
HIS N   CA   sing N N 129 
HIS N   H    sing N N 130 
HIS N   H2   sing N N 131 
HIS CA  C    sing N N 132 
HIS CA  CB   sing N N 133 
HIS CA  HA   sing N N 134 
HIS C   O    doub N N 135 
HIS C   OXT  sing N N 136 
HIS CB  CG   sing N N 137 
HIS CB  HB2  sing N N 138 
HIS CB  HB3  sing N N 139 
HIS CG  ND1  sing Y N 140 
HIS CG  CD2  doub Y N 141 
HIS ND1 CE1  doub Y N 142 
HIS ND1 HD1  sing N N 143 
HIS CD2 NE2  sing Y N 144 
HIS CD2 HD2  sing N N 145 
HIS CE1 NE2  sing Y N 146 
HIS CE1 HE1  sing N N 147 
HIS NE2 HE2  sing N N 148 
HIS OXT HXT  sing N N 149 
HOH O   H1   sing N N 150 
HOH O   H2   sing N N 151 
ILE N   CA   sing N N 152 
ILE N   H    sing N N 153 
ILE N   H2   sing N N 154 
ILE CA  C    sing N N 155 
ILE CA  CB   sing N N 156 
ILE CA  HA   sing N N 157 
ILE C   O    doub N N 158 
ILE C   OXT  sing N N 159 
ILE CB  CG1  sing N N 160 
ILE CB  CG2  sing N N 161 
ILE CB  HB   sing N N 162 
ILE CG1 CD1  sing N N 163 
ILE CG1 HG12 sing N N 164 
ILE CG1 HG13 sing N N 165 
ILE CG2 HG21 sing N N 166 
ILE CG2 HG22 sing N N 167 
ILE CG2 HG23 sing N N 168 
ILE CD1 HD11 sing N N 169 
ILE CD1 HD12 sing N N 170 
ILE CD1 HD13 sing N N 171 
ILE OXT HXT  sing N N 172 
LEU N   CA   sing N N 173 
LEU N   H    sing N N 174 
LEU N   H2   sing N N 175 
LEU CA  C    sing N N 176 
LEU CA  CB   sing N N 177 
LEU CA  HA   sing N N 178 
LEU C   O    doub N N 179 
LEU C   OXT  sing N N 180 
LEU CB  CG   sing N N 181 
LEU CB  HB2  sing N N 182 
LEU CB  HB3  sing N N 183 
LEU CG  CD1  sing N N 184 
LEU CG  CD2  sing N N 185 
LEU CG  HG   sing N N 186 
LEU CD1 HD11 sing N N 187 
LEU CD1 HD12 sing N N 188 
LEU CD1 HD13 sing N N 189 
LEU CD2 HD21 sing N N 190 
LEU CD2 HD22 sing N N 191 
LEU CD2 HD23 sing N N 192 
LEU OXT HXT  sing N N 193 
LYS N   CA   sing N N 194 
LYS N   H    sing N N 195 
LYS N   H2   sing N N 196 
LYS CA  C    sing N N 197 
LYS CA  CB   sing N N 198 
LYS CA  HA   sing N N 199 
LYS C   O    doub N N 200 
LYS C   OXT  sing N N 201 
LYS CB  CG   sing N N 202 
LYS CB  HB2  sing N N 203 
LYS CB  HB3  sing N N 204 
LYS CG  CD   sing N N 205 
LYS CG  HG2  sing N N 206 
LYS CG  HG3  sing N N 207 
LYS CD  CE   sing N N 208 
LYS CD  HD2  sing N N 209 
LYS CD  HD3  sing N N 210 
LYS CE  NZ   sing N N 211 
LYS CE  HE2  sing N N 212 
LYS CE  HE3  sing N N 213 
LYS NZ  HZ1  sing N N 214 
LYS NZ  HZ2  sing N N 215 
LYS NZ  HZ3  sing N N 216 
LYS OXT HXT  sing N N 217 
MET N   CA   sing N N 218 
MET N   H    sing N N 219 
MET N   H2   sing N N 220 
MET CA  C    sing N N 221 
MET CA  CB   sing N N 222 
MET CA  HA   sing N N 223 
MET C   O    doub N N 224 
MET C   OXT  sing N N 225 
MET CB  CG   sing N N 226 
MET CB  HB2  sing N N 227 
MET CB  HB3  sing N N 228 
MET CG  SD   sing N N 229 
MET CG  HG2  sing N N 230 
MET CG  HG3  sing N N 231 
MET SD  CE   sing N N 232 
MET CE  HE1  sing N N 233 
MET CE  HE2  sing N N 234 
MET CE  HE3  sing N N 235 
MET OXT HXT  sing N N 236 
MRD C1  C2   sing N N 237 
MRD C1  H1C1 sing N N 238 
MRD C1  H1C2 sing N N 239 
MRD C1  H1C3 sing N N 240 
MRD C2  O2   sing N N 241 
MRD C2  CM   sing N N 242 
MRD C2  C3   sing N N 243 
MRD O2  H2   sing N N 244 
MRD CM  HMC1 sing N N 245 
MRD CM  HMC2 sing N N 246 
MRD CM  HMC3 sing N N 247 
MRD C3  C4   sing N N 248 
MRD C3  H3C1 sing N N 249 
MRD C3  H3C2 sing N N 250 
MRD C4  O4   sing N N 251 
MRD C4  C5   sing N N 252 
MRD C4  H4   sing N N 253 
MRD O4  HA   sing N N 254 
MRD C5  H5C1 sing N N 255 
MRD C5  H5C2 sing N N 256 
MRD C5  H5C3 sing N N 257 
PHE N   CA   sing N N 258 
PHE N   H    sing N N 259 
PHE N   H2   sing N N 260 
PHE CA  C    sing N N 261 
PHE CA  CB   sing N N 262 
PHE CA  HA   sing N N 263 
PHE C   O    doub N N 264 
PHE C   OXT  sing N N 265 
PHE CB  CG   sing N N 266 
PHE CB  HB2  sing N N 267 
PHE CB  HB3  sing N N 268 
PHE CG  CD1  doub Y N 269 
PHE CG  CD2  sing Y N 270 
PHE CD1 CE1  sing Y N 271 
PHE CD1 HD1  sing N N 272 
PHE CD2 CE2  doub Y N 273 
PHE CD2 HD2  sing N N 274 
PHE CE1 CZ   doub Y N 275 
PHE CE1 HE1  sing N N 276 
PHE CE2 CZ   sing Y N 277 
PHE CE2 HE2  sing N N 278 
PHE CZ  HZ   sing N N 279 
PHE OXT HXT  sing N N 280 
PRO N   CA   sing N N 281 
PRO N   CD   sing N N 282 
PRO N   H    sing N N 283 
PRO CA  C    sing N N 284 
PRO CA  CB   sing N N 285 
PRO CA  HA   sing N N 286 
PRO C   O    doub N N 287 
PRO C   OXT  sing N N 288 
PRO CB  CG   sing N N 289 
PRO CB  HB2  sing N N 290 
PRO CB  HB3  sing N N 291 
PRO CG  CD   sing N N 292 
PRO CG  HG2  sing N N 293 
PRO CG  HG3  sing N N 294 
PRO CD  HD2  sing N N 295 
PRO CD  HD3  sing N N 296 
PRO OXT HXT  sing N N 297 
SER N   CA   sing N N 298 
SER N   H    sing N N 299 
SER N   H2   sing N N 300 
SER CA  C    sing N N 301 
SER CA  CB   sing N N 302 
SER CA  HA   sing N N 303 
SER C   O    doub N N 304 
SER C   OXT  sing N N 305 
SER CB  OG   sing N N 306 
SER CB  HB2  sing N N 307 
SER CB  HB3  sing N N 308 
SER OG  HG   sing N N 309 
SER OXT HXT  sing N N 310 
THR N   CA   sing N N 311 
THR N   H    sing N N 312 
THR N   H2   sing N N 313 
THR CA  C    sing N N 314 
THR CA  CB   sing N N 315 
THR CA  HA   sing N N 316 
THR C   O    doub N N 317 
THR C   OXT  sing N N 318 
THR CB  OG1  sing N N 319 
THR CB  CG2  sing N N 320 
THR CB  HB   sing N N 321 
THR OG1 HG1  sing N N 322 
THR CG2 HG21 sing N N 323 
THR CG2 HG22 sing N N 324 
THR CG2 HG23 sing N N 325 
THR OXT HXT  sing N N 326 
TRP N   CA   sing N N 327 
TRP N   H    sing N N 328 
TRP N   H2   sing N N 329 
TRP CA  C    sing N N 330 
TRP CA  CB   sing N N 331 
TRP CA  HA   sing N N 332 
TRP C   O    doub N N 333 
TRP C   OXT  sing N N 334 
TRP CB  CG   sing N N 335 
TRP CB  HB2  sing N N 336 
TRP CB  HB3  sing N N 337 
TRP CG  CD1  doub Y N 338 
TRP CG  CD2  sing Y N 339 
TRP CD1 NE1  sing Y N 340 
TRP CD1 HD1  sing N N 341 
TRP CD2 CE2  doub Y N 342 
TRP CD2 CE3  sing Y N 343 
TRP NE1 CE2  sing Y N 344 
TRP NE1 HE1  sing N N 345 
TRP CE2 CZ2  sing Y N 346 
TRP CE3 CZ3  doub Y N 347 
TRP CE3 HE3  sing N N 348 
TRP CZ2 CH2  doub Y N 349 
TRP CZ2 HZ2  sing N N 350 
TRP CZ3 CH2  sing Y N 351 
TRP CZ3 HZ3  sing N N 352 
TRP CH2 HH2  sing N N 353 
TRP OXT HXT  sing N N 354 
TYR N   CA   sing N N 355 
TYR N   H    sing N N 356 
TYR N   H2   sing N N 357 
TYR CA  C    sing N N 358 
TYR CA  CB   sing N N 359 
TYR CA  HA   sing N N 360 
TYR C   O    doub N N 361 
TYR C   OXT  sing N N 362 
TYR CB  CG   sing N N 363 
TYR CB  HB2  sing N N 364 
TYR CB  HB3  sing N N 365 
TYR CG  CD1  doub Y N 366 
TYR CG  CD2  sing Y N 367 
TYR CD1 CE1  sing Y N 368 
TYR CD1 HD1  sing N N 369 
TYR CD2 CE2  doub Y N 370 
TYR CD2 HD2  sing N N 371 
TYR CE1 CZ   doub Y N 372 
TYR CE1 HE1  sing N N 373 
TYR CE2 CZ   sing Y N 374 
TYR CE2 HE2  sing N N 375 
TYR CZ  OH   sing N N 376 
TYR OH  HH   sing N N 377 
TYR OXT HXT  sing N N 378 
VAL N   CA   sing N N 379 
VAL N   H    sing N N 380 
VAL N   H2   sing N N 381 
VAL CA  C    sing N N 382 
VAL CA  CB   sing N N 383 
VAL CA  HA   sing N N 384 
VAL C   O    doub N N 385 
VAL C   OXT  sing N N 386 
VAL CB  CG1  sing N N 387 
VAL CB  CG2  sing N N 388 
VAL CB  HB   sing N N 389 
VAL CG1 HG11 sing N N 390 
VAL CG1 HG12 sing N N 391 
VAL CG1 HG13 sing N N 392 
VAL CG2 HG21 sing N N 393 
VAL CG2 HG22 sing N N 394 
VAL CG2 HG23 sing N N 395 
VAL OXT HXT  sing N N 396 
# 
_atom_sites.entry_id                    4JVC 
_atom_sites.fract_transf_matrix[1][1]   -0.00057337 
_atom_sites.fract_transf_matrix[1][2]   0.00886312 
_atom_sites.fract_transf_matrix[1][3]   0.00375818 
_atom_sites.fract_transf_matrix[2][1]   0.00459936 
_atom_sites.fract_transf_matrix[2][2]   0.00205759 
_atom_sites.fract_transf_matrix[2][3]   0.00822307 
_atom_sites.fract_transf_matrix[3][1]   0.00698594 
_atom_sites.fract_transf_matrix[3][2]   0.00235907 
_atom_sites.fract_transf_matrix[3][3]   -0.00449769 
_atom_sites.fract_transf_vector[1]      -0.384975 
_atom_sites.fract_transf_vector[2]      0.077397 
_atom_sites.fract_transf_vector[3]      0.084352 
# 
loop_
_atom_type.symbol 
C 
N 
O 
S 
# 
loop_
_atom_site.group_PDB 
_atom_site.id 
_atom_site.type_symbol 
_atom_site.label_atom_id 
_atom_site.label_alt_id 
_atom_site.label_comp_id 
_atom_site.label_asym_id 
_atom_site.label_entity_id 
_atom_site.label_seq_id 
_atom_site.pdbx_PDB_ins_code 
_atom_site.Cartn_x 
_atom_site.Cartn_y 
_atom_site.Cartn_z 
_atom_site.occupancy 
_atom_site.B_iso_or_equiv 
_atom_site.pdbx_formal_charge 
_atom_site.auth_seq_id 
_atom_site.auth_comp_id 
_atom_site.auth_asym_id 
_atom_site.auth_atom_id 
_atom_site.pdbx_PDB_model_num 
ATOM   1    N N   . ASN A 1 1   ? 7.487   2.114   22.736  1.00 93.71  ? 94  ASN A N   1 
ATOM   2    C CA  . ASN A 1 1   ? 6.361   1.699   23.667  1.00 92.68  ? 94  ASN A CA  1 
ATOM   3    C C   . ASN A 1 1   ? 5.150   1.386   22.806  1.00 98.16  ? 94  ASN A C   1 
ATOM   4    O O   . ASN A 1 1   ? 4.807   0.219   22.615  1.00 112.19 ? 94  ASN A O   1 
ATOM   5    C CB  . ASN A 1 1   ? 6.013   2.770   24.734  1.00 95.45  ? 94  ASN A CB  1 
ATOM   6    C CG  . ASN A 1 1   ? 5.274   2.205   25.948  1.00 103.52 ? 94  ASN A CG  1 
ATOM   7    O OD1 . ASN A 1 1   ? 5.110   1.007   26.085  1.00 125.05 ? 94  ASN A OD1 1 
ATOM   8    N ND2 . ASN A 1 1   ? 4.867   3.073   26.857  1.00 104.89 ? 94  ASN A ND2 1 
ATOM   9    N N   . LEU A 1 2   ? 4.499   2.398   22.248  1.00 92.12  ? 95  LEU A N   1 
ATOM   10   C CA  . LEU A 1 2   ? 3.515   2.083   21.240  1.00 86.49  ? 95  LEU A CA  1 
ATOM   11   C C   . LEU A 1 2   ? 4.276   1.950   19.967  1.00 86.98  ? 95  LEU A C   1 
ATOM   12   O O   . LEU A 1 2   ? 4.904   2.906   19.520  1.00 99.92  ? 95  LEU A O   1 
ATOM   13   C CB  . LEU A 1 2   ? 2.439   3.143   21.090  1.00 85.41  ? 95  LEU A CB  1 
ATOM   14   C CG  . LEU A 1 2   ? 1.298   2.586   20.229  1.00 89.71  ? 95  LEU A CG  1 
ATOM   15   C CD1 . LEU A 1 2   ? 0.583   1.474   20.994  1.00 93.58  ? 95  LEU A CD1 1 
ATOM   16   C CD2 . LEU A 1 2   ? 0.285   3.613   19.786  1.00 84.72  ? 95  LEU A CD2 1 
ATOM   17   N N   . ARG A 1 3   ? 4.232   0.763   19.376  1.00 82.20  ? 96  ARG A N   1 
ATOM   18   C CA  . ARG A 1 3   ? 5.008   0.490   18.168  1.00 84.93  ? 96  ARG A CA  1 
ATOM   19   C C   . ARG A 1 3   ? 4.067   0.362   17.010  1.00 88.11  ? 96  ARG A C   1 
ATOM   20   O O   . ARG A 1 3   ? 3.306   -0.596  16.929  1.00 92.78  ? 96  ARG A O   1 
ATOM   21   C CB  . ARG A 1 3   ? 5.833   -0.799  18.303  1.00 94.67  ? 96  ARG A CB  1 
ATOM   22   C CG  . ARG A 1 3   ? 7.164   -0.615  19.021  1.00 98.56  ? 96  ARG A CG  1 
ATOM   23   C CD  . ARG A 1 3   ? 7.812   -1.921  19.426  1.00 108.04 ? 96  ARG A CD  1 
ATOM   24   N NE  . ARG A 1 3   ? 8.320   -2.726  18.303  1.00 110.30 ? 96  ARG A NE  1 
ATOM   25   C CZ  . ARG A 1 3   ? 9.408   -2.452  17.565  1.00 109.84 ? 96  ARG A CZ  1 
ATOM   26   N NH1 . ARG A 1 3   ? 10.127  -1.345  17.746  1.00 120.62 ? 96  ARG A NH1 1 
ATOM   27   N NH2 . ARG A 1 3   ? 9.778   -3.293  16.604  1.00 110.53 ? 96  ARG A NH2 1 
ATOM   28   N N   . VAL A 1 4   ? 4.096   1.343   16.117  1.00 92.04  ? 97  VAL A N   1 
ATOM   29   C CA  . VAL A 1 4   ? 3.202   1.303   14.984  1.00 78.52  ? 97  VAL A CA  1 
ATOM   30   C C   . VAL A 1 4   ? 3.934   1.233   13.707  1.00 76.18  ? 97  VAL A C   1 
ATOM   31   O O   . VAL A 1 4   ? 5.001   1.851   13.494  1.00 74.21  ? 97  VAL A O   1 
ATOM   32   C CB  . VAL A 1 4   ? 2.068   2.366   14.987  1.00 80.66  ? 97  VAL A CB  1 
ATOM   33   C CG1 . VAL A 1 4   ? 2.196   3.371   16.118  1.00 88.02  ? 97  VAL A CG1 1 
ATOM   34   C CG2 . VAL A 1 4   ? 1.921   2.996   13.647  1.00 70.22  ? 97  VAL A CG2 1 
ATOM   35   N N   . LEU A 1 5   ? 3.366   0.374   12.872  1.00 82.12  ? 98  LEU A N   1 
ATOM   36   C CA  . LEU A 1 5   ? 3.933   0.041   11.620  1.00 77.96  ? 98  LEU A CA  1 
ATOM   37   C C   . LEU A 1 5   ? 3.072   0.676   10.566  1.00 89.90  ? 98  LEU A C   1 
ATOM   38   O O   . LEU A 1 5   ? 1.845   0.689   10.671  1.00 83.51  ? 98  LEU A O   1 
ATOM   39   C CB  . LEU A 1 5   ? 3.894   -1.451  11.494  1.00 86.13  ? 98  LEU A CB  1 
ATOM   40   C CG  . LEU A 1 5   ? 4.400   -2.003  10.174  1.00 84.32  ? 98  LEU A CG  1 
ATOM   41   C CD1 . LEU A 1 5   ? 4.874   -3.440  10.358  1.00 82.99  ? 98  LEU A CD1 1 
ATOM   42   C CD2 . LEU A 1 5   ? 3.294   -1.916  9.140   1.00 92.71  ? 98  LEU A CD2 1 
ATOM   43   N N   . LEU A 1 6   ? 3.706   1.143   9.509   1.00 86.33  ? 99  LEU A N   1 
ATOM   44   C CA  . LEU A 1 6   ? 2.994   1.804   8.455   1.00 72.58  ? 99  LEU A CA  1 
ATOM   45   C C   . LEU A 1 6   ? 3.565   1.362   7.141   1.00 73.64  ? 99  LEU A C   1 
ATOM   46   O O   . LEU A 1 6   ? 4.736   1.645   6.877   1.00 63.88  ? 99  LEU A O   1 
ATOM   47   C CB  . LEU A 1 6   ? 3.254   3.306   8.571   1.00 77.24  ? 99  LEU A CB  1 
ATOM   48   C CG  . LEU A 1 6   ? 2.309   4.332   9.223   1.00 76.85  ? 99  LEU A CG  1 
ATOM   49   C CD1 . LEU A 1 6   ? 1.528   3.897   10.424  1.00 100.00 ? 99  LEU A CD1 1 
ATOM   50   C CD2 . LEU A 1 6   ? 3.165   5.485   9.640   1.00 77.56  ? 99  LEU A CD2 1 
ATOM   51   N N   . ASP A 1 7   ? 2.766   0.786   6.228   1.00 70.08  ? 100 ASP A N   1 
ATOM   52   C CA  . ASP A 1 7   ? 3.414   0.346   5.017   1.00 69.19  ? 100 ASP A CA  1 
ATOM   53   C C   . ASP A 1 7   ? 3.668   1.534   4.188   1.00 57.35  ? 100 ASP A C   1 
ATOM   54   O O   . ASP A 1 7   ? 3.103   2.562   4.370   1.00 69.48  ? 100 ASP A O   1 
ATOM   55   C CB  . ASP A 1 7   ? 2.721   -0.826  4.251   1.00 71.19  ? 100 ASP A CB  1 
ATOM   56   C CG  . ASP A 1 7   ? 1.523   -0.416  3.381   1.00 82.79  ? 100 ASP A CG  1 
ATOM   57   O OD1 . ASP A 1 7   ? 0.545   -1.230  3.359   1.00 81.02  ? 100 ASP A OD1 1 
ATOM   58   O OD2 . ASP A 1 7   ? 1.548   0.653   2.684   1.00 75.32  ? 100 ASP A OD2 1 
ATOM   59   N N   . THR A 1 8   ? 4.497   1.288   3.210   1.00 76.09  ? 101 THR A N   1 
ATOM   60   C CA  . THR A 1 8   ? 4.881   2.160   2.143   1.00 74.38  ? 101 THR A CA  1 
ATOM   61   C C   . THR A 1 8   ? 3.872   2.616   1.087   1.00 75.41  ? 101 THR A C   1 
ATOM   62   O O   . THR A 1 8   ? 4.228   3.429   0.243   1.00 66.58  ? 101 THR A O   1 
ATOM   63   C CB  . THR A 1 8   ? 5.913   1.341   1.418   1.00 73.47  ? 101 THR A CB  1 
ATOM   64   O OG1 . THR A 1 8   ? 7.127   1.847   1.835   1.00 64.24  ? 101 THR A OG1 1 
ATOM   65   C CG2 . THR A 1 8   ? 5.851   1.387   -0.110  1.00 74.14  ? 101 THR A CG2 1 
ATOM   66   N N   . ALA A 1 9   ? 2.668   2.062   1.088   1.00 69.04  ? 102 ALA A N   1 
ATOM   67   C CA  . ALA A 1 9   ? 1.608   2.498   0.172   1.00 80.74  ? 102 ALA A CA  1 
ATOM   68   C C   . ALA A 1 9   ? 0.793   3.511   0.913   1.00 78.92  ? 102 ALA A C   1 
ATOM   69   O O   . ALA A 1 9   ? -0.135  4.049   0.388   1.00 63.64  ? 102 ALA A O   1 
ATOM   70   C CB  . ALA A 1 9   ? 0.714   1.322   -0.217  1.00 66.25  ? 102 ALA A CB  1 
ATOM   71   N N   . ILE A 1 10  ? 1.088   3.720   2.180   1.00 80.59  ? 103 ILE A N   1 
ATOM   72   C CA  . ILE A 1 10  ? 0.299   4.655   2.893   1.00 77.40  ? 103 ILE A CA  1 
ATOM   73   C C   . ILE A 1 10  ? 0.850   6.028   2.565   1.00 82.60  ? 103 ILE A C   1 
ATOM   74   O O   . ILE A 1 10  ? 2.008   6.333   2.848   1.00 103.41 ? 103 ILE A O   1 
ATOM   75   C CB  . ILE A 1 10  ? 0.290   4.360   4.348   1.00 76.84  ? 103 ILE A CB  1 
ATOM   76   C CG1 . ILE A 1 10  ? -0.195  2.925   4.570   1.00 81.29  ? 103 ILE A CG1 1 
ATOM   77   C CG2 . ILE A 1 10  ? -0.614  5.307   5.057   1.00 71.16  ? 103 ILE A CG2 1 
ATOM   78   C CD1 . ILE A 1 10  ? -1.640  2.647   4.240   1.00 84.94  ? 103 ILE A CD1 1 
ATOM   79   N N   . PRO A 1 11  ? 0.025   6.852   1.916   1.00 74.54  ? 104 PRO A N   1 
ATOM   80   C CA  . PRO A 1 11  ? 0.420   8.187   1.532   1.00 81.07  ? 104 PRO A CA  1 
ATOM   81   C C   . PRO A 1 11  ? 0.874   8.946   2.738   1.00 76.72  ? 104 PRO A C   1 
ATOM   82   O O   . PRO A 1 11  ? 0.240   8.823   3.796   1.00 76.59  ? 104 PRO A O   1 
ATOM   83   C CB  . PRO A 1 11  ? -0.896  8.839   1.065   1.00 84.88  ? 104 PRO A CB  1 
ATOM   84   C CG  . PRO A 1 11  ? -1.937  7.789   1.095   1.00 91.24  ? 104 PRO A CG  1 
ATOM   85   C CD  . PRO A 1 11  ? -1.434  6.706   1.989   1.00 80.27  ? 104 PRO A CD  1 
ATOM   86   N N   . PRO A 1 12  ? 1.923   9.734   2.600   1.00 84.12  ? 105 PRO A N   1 
ATOM   87   C CA  . PRO A 1 12  ? 2.479   10.565  3.708   1.00 106.06 ? 105 PRO A CA  1 
ATOM   88   C C   . PRO A 1 12  ? 1.469   11.493  4.468   1.00 97.51  ? 105 PRO A C   1 
ATOM   89   O O   . PRO A 1 12  ? 1.552   11.605  5.678   1.00 91.04  ? 105 PRO A O   1 
ATOM   90   C CB  . PRO A 1 12  ? 3.565   11.378  3.009   1.00 103.21 ? 105 PRO A CB  1 
ATOM   91   C CG  . PRO A 1 12  ? 3.172   11.372  1.577   1.00 104.88 ? 105 PRO A CG  1 
ATOM   92   C CD  . PRO A 1 12  ? 2.614   9.998   1.332   1.00 99.13  ? 105 PRO A CD  1 
ATOM   93   N N   . SER A 1 13  ? 0.523   12.117  3.772   1.00 89.86  ? 106 SER A N   1 
ATOM   94   C CA  . SER A 1 13  ? -0.659  12.663  4.433   1.00 102.98 ? 106 SER A CA  1 
ATOM   95   C C   . SER A 1 13  ? -1.286  11.691  5.494   1.00 104.54 ? 106 SER A C   1 
ATOM   96   O O   . SER A 1 13  ? -1.268  12.007  6.682   1.00 142.89 ? 106 SER A O   1 
ATOM   97   C CB  . SER A 1 13  ? -1.711  13.182  3.401   1.00 113.20 ? 106 SER A CB  1 
ATOM   98   O OG  . SER A 1 13  ? -2.681  12.201  2.974   1.00 110.47 ? 106 SER A OG  1 
ATOM   99   N N   . PHE A 1 14  ? -1.818  10.535  5.080   1.00 109.85 ? 107 PHE A N   1 
ATOM   100  C CA  . PHE A 1 14  ? -2.317  9.441   6.001   1.00 105.98 ? 107 PHE A CA  1 
ATOM   101  C C   . PHE A 1 14  ? -1.355  9.097   7.153   1.00 86.04  ? 107 PHE A C   1 
ATOM   102  O O   . PHE A 1 14  ? -1.785  8.690   8.210   1.00 92.27  ? 107 PHE A O   1 
ATOM   103  C CB  . PHE A 1 14  ? -2.563  8.102   5.247   1.00 109.26 ? 107 PHE A CB  1 
ATOM   104  C CG  . PHE A 1 14  ? -3.986  7.871   4.718   1.00 109.70 ? 107 PHE A CG  1 
ATOM   105  C CD1 . PHE A 1 14  ? -4.791  6.871   5.277   1.00 117.49 ? 107 PHE A CD1 1 
ATOM   106  C CD2 . PHE A 1 14  ? -4.496  8.593   3.621   1.00 121.72 ? 107 PHE A CD2 1 
ATOM   107  C CE1 . PHE A 1 14  ? -6.073  6.632   4.789   1.00 119.24 ? 107 PHE A CE1 1 
ATOM   108  C CE2 . PHE A 1 14  ? -5.784  8.350   3.131   1.00 131.32 ? 107 PHE A CE2 1 
ATOM   109  C CZ  . PHE A 1 14  ? -6.571  7.373   3.718   1.00 128.34 ? 107 PHE A CZ  1 
ATOM   110  N N   . CYS A 1 15  ? -0.067  9.225   6.927   1.00 70.10  ? 108 CYS A N   1 
ATOM   111  C CA  . CYS A 1 15  ? 0.889   8.949   7.966   1.00 102.05 ? 108 CYS A CA  1 
ATOM   112  C C   . CYS A 1 15  ? 0.951   10.131  8.928   1.00 94.97  ? 108 CYS A C   1 
ATOM   113  O O   . CYS A 1 15  ? 1.101   9.975   10.130  1.00 86.92  ? 108 CYS A O   1 
ATOM   114  C CB  . CYS A 1 15  ? 2.273   8.674   7.351   1.00 109.13 ? 108 CYS A CB  1 
ATOM   115  S SG  . CYS A 1 15  ? 2.291   7.544   5.929   1.00 102.69 ? 108 CYS A SG  1 
ATOM   116  N N   . ASP A 1 16  ? 0.857   11.329  8.380   1.00 104.47 ? 109 ASP A N   1 
ATOM   117  C CA  . ASP A 1 16  ? 1.041   12.526  9.192   1.00 112.99 ? 109 ASP A CA  1 
ATOM   118  C C   . ASP A 1 16  ? -0.074  12.609  10.194  1.00 101.76 ? 109 ASP A C   1 
ATOM   119  O O   . ASP A 1 16  ? 0.164   12.924  11.364  1.00 96.75  ? 109 ASP A O   1 
ATOM   120  C CB  . ASP A 1 16  ? 1.080   13.764  8.302   1.00 117.84 ? 109 ASP A CB  1 
ATOM   121  C CG  . ASP A 1 16  ? 2.305   13.790  7.421   1.00 120.09 ? 109 ASP A CG  1 
ATOM   122  O OD1 . ASP A 1 16  ? 3.312   13.160  7.821   1.00 138.60 ? 109 ASP A OD1 1 
ATOM   123  O OD2 . ASP A 1 16  ? 2.277   14.425  6.346   1.00 127.08 ? 109 ASP A OD2 1 
ATOM   124  N N   . THR A 1 17  ? -1.259  12.235  9.700   1.00 100.83 ? 110 THR A N   1 
ATOM   125  C CA  . THR A 1 17  ? -2.544  12.212  10.408  1.00 106.95 ? 110 THR A CA  1 
ATOM   126  C C   . THR A 1 17  ? -2.504  11.214  11.569  1.00 105.64 ? 110 THR A C   1 
ATOM   127  O O   . THR A 1 17  ? -2.756  11.549  12.732  1.00 99.67  ? 110 THR A O   1 
ATOM   128  C CB  . THR A 1 17  ? -3.688  11.779  9.406   1.00 108.88 ? 110 THR A CB  1 
ATOM   129  O OG1 . THR A 1 17  ? -3.698  12.612  8.234   1.00 96.59  ? 110 THR A OG1 1 
ATOM   130  C CG2 . THR A 1 17  ? -5.080  11.817  10.038  1.00 107.62 ? 110 THR A CG2 1 
ATOM   131  N N   . VAL A 1 18  ? -2.150  9.984   11.223  1.00 106.74 ? 111 VAL A N   1 
ATOM   132  C CA  . VAL A 1 18  ? -1.972  8.910   12.176  1.00 99.36  ? 111 VAL A CA  1 
ATOM   133  C C   . VAL A 1 18  ? -1.032  9.445   13.269  1.00 90.57  ? 111 VAL A C   1 
ATOM   134  O O   . VAL A 1 18  ? -1.391  9.527   14.432  1.00 93.62  ? 111 VAL A O   1 
ATOM   135  C CB  . VAL A 1 18  ? -1.407  7.635   11.439  1.00 95.95  ? 111 VAL A CB  1 
ATOM   136  C CG1 . VAL A 1 18  ? -0.994  6.563   12.425  1.00 83.04  ? 111 VAL A CG1 1 
ATOM   137  C CG2 . VAL A 1 18  ? -2.429  7.042   10.440  1.00 89.41  ? 111 VAL A CG2 1 
ATOM   138  N N   . SER A 1 19  ? 0.157   9.879   12.864  1.00 101.72 ? 112 SER A N   1 
ATOM   139  C CA  . SER A 1 19  ? 1.188   10.273  13.821  1.00 98.76  ? 112 SER A CA  1 
ATOM   140  C C   . SER A 1 19  ? 0.720   11.360  14.745  1.00 98.66  ? 112 SER A C   1 
ATOM   141  O O   . SER A 1 19  ? 0.988   11.313  15.954  1.00 84.15  ? 112 SER A O   1 
ATOM   142  C CB  . SER A 1 19  ? 2.430   10.790  13.122  1.00 94.56  ? 112 SER A CB  1 
ATOM   143  O OG  . SER A 1 19  ? 3.215   11.452  14.104  1.00 104.15 ? 112 SER A OG  1 
ATOM   144  N N   . SER A 1 20  ? 0.061   12.362  14.166  1.00 102.52 ? 113 SER A N   1 
ATOM   145  C CA  . SER A 1 20  ? -0.252  13.547  14.954  1.00 123.76 ? 113 SER A CA  1 
ATOM   146  C C   . SER A 1 20  ? -1.272  13.156  16.002  1.00 119.82 ? 113 SER A C   1 
ATOM   147  O O   . SER A 1 20  ? -1.132  13.535  17.186  1.00 98.10  ? 113 SER A O   1 
ATOM   148  C CB  . SER A 1 20  ? -0.703  14.770  14.108  1.00 120.69 ? 113 SER A CB  1 
ATOM   149  O OG  . SER A 1 20  ? -2.016  14.737  13.592  1.00 96.99  ? 113 SER A OG  1 
ATOM   150  N N   . VAL A 1 21  ? -2.255  12.359  15.567  1.00 102.90 ? 114 VAL A N   1 
ATOM   151  C CA  . VAL A 1 21  ? -3.337  11.931  16.441  1.00 95.92  ? 114 VAL A CA  1 
ATOM   152  C C   . VAL A 1 21  ? -2.839  11.050  17.560  1.00 101.18 ? 114 VAL A C   1 
ATOM   153  O O   . VAL A 1 21  ? -3.337  11.169  18.677  1.00 102.36 ? 114 VAL A O   1 
ATOM   154  C CB  . VAL A 1 21  ? -4.363  11.076  15.713  1.00 104.74 ? 114 VAL A CB  1 
ATOM   155  C CG1 . VAL A 1 21  ? -5.336  10.492  16.715  1.00 115.17 ? 114 VAL A CG1 1 
ATOM   156  C CG2 . VAL A 1 21  ? -5.123  11.851  14.645  1.00 113.35 ? 114 VAL A CG2 1 
ATOM   157  N N   . LEU A 1 22  ? -1.890  10.142  17.261  1.00 97.01  ? 115 LEU A N   1 
ATOM   158  C CA  . LEU A 1 22  ? -1.326  9.244   18.300  1.00 93.41  ? 115 LEU A CA  1 
ATOM   159  C C   . LEU A 1 22  ? -0.717  10.115  19.339  1.00 94.54  ? 115 LEU A C   1 
ATOM   160  O O   . LEU A 1 22  ? -0.959  9.968   20.522  1.00 84.25  ? 115 LEU A O   1 
ATOM   161  C CB  . LEU A 1 22  ? -0.269  8.313   17.729  1.00 93.84  ? 115 LEU A CB  1 
ATOM   162  C CG  . LEU A 1 22  ? -0.878  7.239   16.815  1.00 91.74  ? 115 LEU A CG  1 
ATOM   163  C CD1 . LEU A 1 22  ? 0.143   6.688   15.848  1.00 88.79  ? 115 LEU A CD1 1 
ATOM   164  C CD2 . LEU A 1 22  ? -1.545  6.132   17.617  1.00 88.48  ? 115 LEU A CD2 1 
ATOM   165  N N   . LEU A 1 23  ? 0.028   11.087  18.839  1.00 107.76 ? 116 LEU A N   1 
ATOM   166  C CA  . LEU A 1 23  ? 0.663   12.081  19.670  1.00 110.37 ? 116 LEU A CA  1 
ATOM   167  C C   . LEU A 1 23  ? -0.248  12.751  20.737  1.00 104.57 ? 116 LEU A C   1 
ATOM   168  O O   . LEU A 1 23  ? 0.245   13.068  21.832  1.00 90.93  ? 116 LEU A O   1 
ATOM   169  C CB  . LEU A 1 23  ? 1.421   13.064  18.771  1.00 100.45 ? 116 LEU A CB  1 
ATOM   170  C CG  . LEU A 1 23  ? 2.811   12.560  18.304  1.00 98.65  ? 116 LEU A CG  1 
ATOM   171  C CD1 . LEU A 1 23  ? 3.623   13.693  17.672  1.00 99.92  ? 116 LEU A CD1 1 
ATOM   172  C CD2 . LEU A 1 23  ? 3.642   11.936  19.442  1.00 103.95 ? 116 LEU A CD2 1 
ATOM   173  N N   . ASP A 1 24  ? -1.559  12.846  20.488  1.00 103.50 ? 117 ASP A N   1 
ATOM   174  C CA  . ASP A 1 24  ? -2.525  13.296  21.539  1.00 112.66 ? 117 ASP A CA  1 
ATOM   175  C C   . ASP A 1 24  ? -2.478  12.486  22.843  1.00 121.62 ? 117 ASP A C   1 
ATOM   176  O O   . ASP A 1 24  ? -2.284  13.058  23.925  1.00 118.46 ? 117 ASP A O   1 
ATOM   177  C CB  . ASP A 1 24  ? -3.993  13.258  21.064  1.00 112.49 ? 117 ASP A CB  1 
ATOM   178  C CG  . ASP A 1 24  ? -4.334  14.309  19.972  1.00 117.71 ? 117 ASP A CG  1 
ATOM   179  O OD1 . ASP A 1 24  ? -3.560  15.254  19.696  1.00 113.41 ? 117 ASP A OD1 1 
ATOM   180  O OD2 . ASP A 1 24  ? -5.424  14.176  19.378  1.00 102.00 ? 117 ASP A OD2 1 
ATOM   181  N N   . ASP A 1 25  ? -2.690  11.169  22.731  1.00 132.69 ? 118 ASP A N   1 
ATOM   182  C CA  . ASP A 1 25  ? -2.816  10.264  23.907  1.00 129.44 ? 118 ASP A CA  1 
ATOM   183  C C   . ASP A 1 25  ? -1.575  9.392   24.125  1.00 109.48 ? 118 ASP A C   1 
ATOM   184  O O   . ASP A 1 25  ? -1.488  8.655   25.086  1.00 105.45 ? 118 ASP A O   1 
ATOM   185  C CB  . ASP A 1 25  ? -4.057  9.352   23.795  1.00 124.93 ? 118 ASP A CB  1 
ATOM   186  C CG  . ASP A 1 25  ? -5.271  10.059  23.163  1.00 136.99 ? 118 ASP A CG  1 
ATOM   187  O OD1 . ASP A 1 25  ? -5.956  10.832  23.865  1.00 139.64 ? 118 ASP A OD1 1 
ATOM   188  O OD2 . ASP A 1 25  ? -5.551  9.827   21.956  1.00 122.67 ? 118 ASP A OD2 1 
ATOM   189  N N   . PHE A 1 26  ? -0.592  9.487   23.254  1.00 101.70 ? 119 PHE A N   1 
ATOM   190  C CA  . PHE A 1 26  ? 0.557   8.657   23.419  1.00 99.20  ? 119 PHE A CA  1 
ATOM   191  C C   . PHE A 1 26  ? 1.859   9.405   23.662  1.00 120.42 ? 119 PHE A C   1 
ATOM   192  O O   . PHE A 1 26  ? 2.119   10.505  23.093  1.00 114.31 ? 119 PHE A O   1 
ATOM   193  C CB  . PHE A 1 26  ? 0.649   7.710   22.245  1.00 107.97 ? 119 PHE A CB  1 
ATOM   194  C CG  . PHE A 1 26  ? -0.212  6.498   22.430  1.00 108.83 ? 119 PHE A CG  1 
ATOM   195  C CD1 . PHE A 1 26  ? 0.199   5.473   23.282  1.00 109.25 ? 119 PHE A CD1 1 
ATOM   196  C CD2 . PHE A 1 26  ? -1.444  6.405   21.829  1.00 99.97  ? 119 PHE A CD2 1 
ATOM   197  C CE1 . PHE A 1 26  ? -0.602  4.376   23.503  1.00 93.01  ? 119 PHE A CE1 1 
ATOM   198  C CE2 . PHE A 1 26  ? -2.247  5.310   22.049  1.00 95.33  ? 119 PHE A CE2 1 
ATOM   199  C CZ  . PHE A 1 26  ? -1.828  4.298   22.886  1.00 93.94  ? 119 PHE A CZ  1 
ATOM   200  N N   . ASN A 1 27  ? 2.669   8.751   24.508  1.00 115.48 ? 120 ASN A N   1 
ATOM   201  C CA  . ASN A 1 27  ? 3.874   9.336   25.086  1.00 90.30  ? 120 ASN A CA  1 
ATOM   202  C C   . ASN A 1 27  ? 5.161   8.870   24.525  1.00 91.26  ? 120 ASN A C   1 
ATOM   203  O O   . ASN A 1 27  ? 6.165   9.585   24.599  1.00 80.84  ? 120 ASN A O   1 
ATOM   204  C CB  . ASN A 1 27  ? 3.913   9.080   26.568  1.00 94.90  ? 120 ASN A CB  1 
ATOM   205  C CG  . ASN A 1 27  ? 3.313   10.222  27.338  1.00 97.58  ? 120 ASN A CG  1 
ATOM   206  O OD1 . ASN A 1 27  ? 2.396   10.042  28.138  1.00 106.69 ? 120 ASN A OD1 1 
ATOM   207  N ND2 . ASN A 1 27  ? 3.778   11.421  27.040  1.00 86.83  ? 120 ASN A ND2 1 
ATOM   208  N N   . MET A 1 28  ? 5.153   7.645   24.020  1.00 106.57 ? 121 MET A N   1 
ATOM   209  C CA  . MET A 1 28  ? 6.265   7.140   23.240  1.00 93.46  ? 121 MET A CA  1 
ATOM   210  C C   . MET A 1 28  ? 5.686   6.320   22.061  1.00 86.06  ? 121 MET A C   1 
ATOM   211  O O   . MET A 1 28  ? 4.961   5.339   22.247  1.00 90.91  ? 121 MET A O   1 
ATOM   212  C CB  . MET A 1 28  ? 7.252   6.350   24.133  1.00 89.79  ? 121 MET A CB  1 
ATOM   213  C CG  . MET A 1 28  ? 8.019   5.318   23.317  1.00 111.21 ? 121 MET A CG  1 
ATOM   214  S SD  . MET A 1 28  ? 9.752   5.182   23.729  1.00 123.35 ? 121 MET A SD  1 
ATOM   215  C CE  . MET A 1 28  ? 10.560  4.858   22.156  1.00 95.44  ? 121 MET A CE  1 
ATOM   216  N N   . VAL A 1 29  ? 6.000   6.755   20.844  1.00 84.70  ? 122 VAL A N   1 
ATOM   217  C CA  . VAL A 1 29  ? 5.467   6.147   19.644  1.00 71.10  ? 122 VAL A CA  1 
ATOM   218  C C   . VAL A 1 29  ? 6.575   5.869   18.666  1.00 74.97  ? 122 VAL A C   1 
ATOM   219  O O   . VAL A 1 29  ? 7.293   6.770   18.309  1.00 91.33  ? 122 VAL A O   1 
ATOM   220  C CB  . VAL A 1 29  ? 4.472   7.074   19.005  1.00 78.55  ? 122 VAL A CB  1 
ATOM   221  C CG1 . VAL A 1 29  ? 4.082   6.583   17.617  1.00 90.06  ? 122 VAL A CG1 1 
ATOM   222  C CG2 . VAL A 1 29  ? 3.249   7.163   19.882  1.00 80.35  ? 122 VAL A CG2 1 
ATOM   223  N N   . SER A 1 30  ? 6.729   4.617   18.250  1.00 72.27  ? 123 SER A N   1 
ATOM   224  C CA  . SER A 1 30  ? 7.725   4.295   17.247  1.00 83.60  ? 123 SER A CA  1 
ATOM   225  C C   . SER A 1 30  ? 6.978   3.959   15.923  1.00 80.44  ? 123 SER A C   1 
ATOM   226  O O   . SER A 1 30  ? 6.020   3.226   15.930  1.00 82.39  ? 123 SER A O   1 
ATOM   227  C CB  . SER A 1 30  ? 8.653   3.159   17.738  1.00 92.90  ? 123 SER A CB  1 
ATOM   228  O OG  . SER A 1 30  ? 8.839   3.201   19.158  1.00 92.21  ? 123 SER A OG  1 
ATOM   229  N N   . LEU A 1 31  ? 7.424   4.572   14.832  1.00 77.73  ? 124 LEU A N   1 
ATOM   230  C CA  . LEU A 1 31  ? 6.797   4.526   13.545  1.00 87.62  ? 124 LEU A CA  1 
ATOM   231  C C   . LEU A 1 31  ? 7.616   3.744   12.525  1.00 81.83  ? 124 LEU A C   1 
ATOM   232  O O   . LEU A 1 31  ? 8.455   4.300   11.826  1.00 85.09  ? 124 LEU A O   1 
ATOM   233  C CB  . LEU A 1 31  ? 6.637   5.944   13.009  1.00 81.29  ? 124 LEU A CB  1 
ATOM   234  C CG  . LEU A 1 31  ? 5.816   6.875   13.845  1.00 85.06  ? 124 LEU A CG  1 
ATOM   235  C CD1 . LEU A 1 31  ? 5.966   8.276   13.272  1.00 86.83  ? 124 LEU A CD1 1 
ATOM   236  C CD2 . LEU A 1 31  ? 4.369   6.448   13.894  1.00 80.96  ? 124 LEU A CD2 1 
ATOM   237  N N   . ILE A 1 32  ? 7.335   2.470   12.380  1.00 76.24  ? 125 ILE A N   1 
ATOM   238  C CA  . ILE A 1 32  ? 8.143   1.645   11.442  1.00 73.30  ? 125 ILE A CA  1 
ATOM   239  C C   . ILE A 1 32  ? 7.608   1.588   9.996   1.00 67.20  ? 125 ILE A C   1 
ATOM   240  O O   . ILE A 1 32  ? 6.448   1.283   9.761   1.00 74.12  ? 125 ILE A O   1 
ATOM   241  C CB  . ILE A 1 32  ? 8.166   0.237   12.000  1.00 74.13  ? 125 ILE A CB  1 
ATOM   242  C CG1 . ILE A 1 32  ? 8.915   0.293   13.342  1.00 76.75  ? 125 ILE A CG1 1 
ATOM   243  C CG2 . ILE A 1 32  ? 8.813   -0.708  11.047  1.00 71.13  ? 125 ILE A CG2 1 
ATOM   244  C CD1 . ILE A 1 32  ? 8.072   -0.239  14.473  1.00 76.67  ? 125 ILE A CD1 1 
ATOM   245  N N   . ARG A 1 33  ? 8.456   1.826   9.024   1.00 71.47  ? 126 ARG A N   1 
ATOM   246  C CA  . ARG A 1 33  ? 8.023   1.689   7.656   1.00 79.95  ? 126 ARG A CA  1 
ATOM   247  C C   . ARG A 1 33  ? 8.341   0.320   7.089   1.00 81.44  ? 126 ARG A C   1 
ATOM   248  O O   . ARG A 1 33  ? 9.316   -0.286  7.444   1.00 84.46  ? 126 ARG A O   1 
ATOM   249  C CB  . ARG A 1 33  ? 8.637   2.795   6.818   1.00 82.29  ? 126 ARG A CB  1 
ATOM   250  C CG  . ARG A 1 33  ? 8.058   4.135   7.226   1.00 91.17  ? 126 ARG A CG  1 
ATOM   251  C CD  . ARG A 1 33  ? 6.638   4.351   6.717   1.00 84.38  ? 126 ARG A CD  1 
ATOM   252  N NE  . ARG A 1 33  ? 6.620   5.372   5.654   1.00 84.35  ? 126 ARG A NE  1 
ATOM   253  C CZ  . ARG A 1 33  ? 5.595   5.607   4.844   1.00 86.95  ? 126 ARG A CZ  1 
ATOM   254  N NH1 . ARG A 1 33  ? 4.460   4.929   4.940   1.00 84.16  ? 126 ARG A NH1 1 
ATOM   255  N NH2 . ARG A 1 33  ? 5.695   6.547   3.919   1.00 115.83 ? 126 ARG A NH2 1 
ATOM   256  N N   . THR A 1 34  ? 7.532   -0.107  6.135   1.00 97.07  ? 127 THR A N   1 
ATOM   257  C CA  . THR A 1 34  ? 7.614   -1.447  5.589   1.00 90.92  ? 127 THR A CA  1 
ATOM   258  C C   . THR A 1 34  ? 6.992   -1.495  4.233   1.00 84.03  ? 127 THR A C   1 
ATOM   259  O O   . THR A 1 34  ? 6.160   -0.686  3.923   1.00 89.55  ? 127 THR A O   1 
ATOM   260  C CB  . THR A 1 34  ? 6.903   -2.411  6.528   1.00 93.10  ? 127 THR A CB  1 
ATOM   261  O OG1 . THR A 1 34  ? 7.875   -3.175  7.213   1.00 91.61  ? 127 THR A OG1 1 
ATOM   262  C CG2 . THR A 1 34  ? 6.059   -3.330  5.852   1.00 82.14  ? 127 THR A CG2 1 
ATOM   263  N N   . SER A 1 35  ? 7.416   -2.460  3.427   1.00 88.08  ? 128 SER A N   1 
ATOM   264  C CA  . SER A 1 35  ? 6.807   -2.706  2.139   1.00 85.24  ? 128 SER A CA  1 
ATOM   265  C C   . SER A 1 35  ? 5.439   -3.262  2.409   1.00 78.43  ? 128 SER A C   1 
ATOM   266  O O   . SER A 1 35  ? 5.238   -3.958  3.392   1.00 89.06  ? 128 SER A O   1 
ATOM   267  C CB  . SER A 1 35  ? 7.607   -3.728  1.333   1.00 89.11  ? 128 SER A CB  1 
ATOM   268  O OG  . SER A 1 35  ? 6.925   -4.085  0.133   1.00 94.97  ? 128 SER A OG  1 
ATOM   269  N N   . PRO A 1 36  ? 4.482   -3.015  1.523   1.00 75.43  ? 129 PRO A N   1 
ATOM   270  C CA  . PRO A 1 36  ? 3.200   -3.625  1.827   1.00 74.05  ? 129 PRO A CA  1 
ATOM   271  C C   . PRO A 1 36  ? 3.261   -5.124  1.686   1.00 64.33  ? 129 PRO A C   1 
ATOM   272  O O   . PRO A 1 36  ? 2.393   -5.826  2.197   1.00 68.20  ? 129 PRO A O   1 
ATOM   273  C CB  . PRO A 1 36  ? 2.230   -2.979  0.810   1.00 69.28  ? 129 PRO A CB  1 
ATOM   274  C CG  . PRO A 1 36  ? 3.006   -1.878  0.178   1.00 73.22  ? 129 PRO A CG  1 
ATOM   275  C CD  . PRO A 1 36  ? 4.439   -2.325  0.232   1.00 78.79  ? 129 PRO A CD  1 
ATOM   276  N N   . ALA A 1 37  ? 4.320   -5.643  1.097   1.00 81.96  ? 130 ALA A N   1 
ATOM   277  C CA  . ALA A 1 37  ? 4.378   -7.090  0.946   1.00 89.34  ? 130 ALA A CA  1 
ATOM   278  C C   . ALA A 1 37  ? 5.090   -7.716  2.117   1.00 81.90  ? 130 ALA A C   1 
ATOM   279  O O   . ALA A 1 37  ? 5.237   -8.921  2.136   1.00 90.45  ? 130 ALA A O   1 
ATOM   280  C CB  . ALA A 1 37  ? 5.022   -7.477  -0.379  1.00 86.20  ? 130 ALA A CB  1 
ATOM   281  N N   . ASP A 1 38  ? 5.483   -6.920  3.109   1.00 82.14  ? 131 ASP A N   1 
ATOM   282  C CA  . ASP A 1 38  ? 6.006   -7.485  4.396   1.00 88.23  ? 131 ASP A CA  1 
ATOM   283  C C   . ASP A 1 38  ? 5.310   -7.044  5.671   1.00 86.02  ? 131 ASP A C   1 
ATOM   284  O O   . ASP A 1 38  ? 5.685   -7.421  6.764   1.00 74.87  ? 131 ASP A O   1 
ATOM   285  C CB  . ASP A 1 38  ? 7.470   -7.152  4.546   1.00 77.63  ? 131 ASP A CB  1 
ATOM   286  C CG  . ASP A 1 38  ? 8.312   -7.828  3.512   1.00 79.02  ? 131 ASP A CG  1 
ATOM   287  O OD1 . ASP A 1 38  ? 8.087   -9.033  3.216   1.00 99.35  ? 131 ASP A OD1 1 
ATOM   288  O OD2 . ASP A 1 38  ? 9.201   -7.142  2.979   1.00 79.87  ? 131 ASP A OD2 1 
ATOM   289  N N   . SER A 1 39  ? 4.284   -6.233  5.543   1.00 94.71  ? 132 SER A N   1 
ATOM   290  C CA  . SER A 1 39  ? 3.615   -5.744  6.717   1.00 82.88  ? 132 SER A CA  1 
ATOM   291  C C   . SER A 1 39  ? 3.097   -6.868  7.562   1.00 77.49  ? 132 SER A C   1 
ATOM   292  O O   . SER A 1 39  ? 3.297   -6.886  8.750   1.00 83.10  ? 132 SER A O   1 
ATOM   293  C CB  . SER A 1 39  ? 2.435   -4.977  6.239   1.00 71.38  ? 132 SER A CB  1 
ATOM   294  O OG  . SER A 1 39  ? 1.836   -5.786  5.268   1.00 98.55  ? 132 SER A OG  1 
ATOM   295  N N   . LEU A 1 40  ? 2.318   -7.757  6.948   1.00 86.98  ? 133 LEU A N   1 
ATOM   296  C CA  . LEU A 1 40  ? 1.608   -8.779  7.704   1.00 77.97  ? 133 LEU A CA  1 
ATOM   297  C C   . LEU A 1 40  ? 2.530   -9.877  8.239   1.00 77.22  ? 133 LEU A C   1 
ATOM   298  O O   . LEU A 1 40  ? 2.320   -10.401 9.310   1.00 83.86  ? 133 LEU A O   1 
ATOM   299  C CB  . LEU A 1 40  ? 0.536   -9.374  6.839   1.00 80.03  ? 133 LEU A CB  1 
ATOM   300  C CG  . LEU A 1 40  ? -0.650  -8.452  6.632   1.00 90.27  ? 133 LEU A CG  1 
ATOM   301  C CD1 . LEU A 1 40  ? -1.670  -9.119  5.715   1.00 93.89  ? 133 LEU A CD1 1 
ATOM   302  C CD2 . LEU A 1 40  ? -1.248  -8.140  7.980   1.00 91.11  ? 133 LEU A CD2 1 
ATOM   303  N N   . ALA A 1 41  ? 3.558   -10.212 7.487   1.00 89.09  ? 134 ALA A N   1 
ATOM   304  C CA  . ALA A 1 41  ? 4.542   -11.142 7.977   1.00 95.22  ? 134 ALA A CA  1 
ATOM   305  C C   . ALA A 1 41  ? 5.221   -10.550 9.188   1.00 94.08  ? 134 ALA A C   1 
ATOM   306  O O   . ALA A 1 41  ? 5.546   -11.278 10.119  1.00 113.89 ? 134 ALA A O   1 
ATOM   307  C CB  . ALA A 1 41  ? 5.559   -11.468 6.891   1.00 93.20  ? 134 ALA A CB  1 
ATOM   308  N N   . THR A 1 42  ? 5.438   -9.238  9.171   1.00 85.12  ? 135 THR A N   1 
ATOM   309  C CA  . THR A 1 42  ? 6.212   -8.607  10.207  1.00 84.50  ? 135 THR A CA  1 
ATOM   310  C C   . THR A 1 42  ? 5.467   -8.644  11.505  1.00 94.96  ? 135 THR A C   1 
ATOM   311  O O   . THR A 1 42  ? 6.043   -8.993  12.530  1.00 86.51  ? 135 THR A O   1 
ATOM   312  C CB  . THR A 1 42  ? 6.523   -7.160  9.919   1.00 77.19  ? 135 THR A CB  1 
ATOM   313  O OG1 . THR A 1 42  ? 7.361   -7.094  8.780   1.00 72.67  ? 135 THR A OG1 1 
ATOM   314  C CG2 . THR A 1 42  ? 7.304   -6.558  11.087  1.00 88.30  ? 135 THR A CG2 1 
ATOM   315  N N   . ILE A 1 43  ? 4.183   -8.308  11.473  1.00 94.19  ? 136 ILE A N   1 
ATOM   316  C CA  . ILE A 1 43  ? 3.444   -8.226  12.726  1.00 104.23 ? 136 ILE A CA  1 
ATOM   317  C C   . ILE A 1 43  ? 3.304   -9.593  13.336  1.00 91.18  ? 136 ILE A C   1 
ATOM   318  O O   . ILE A 1 43  ? 3.234   -9.720  14.553  1.00 111.61 ? 136 ILE A O   1 
ATOM   319  C CB  . ILE A 1 43  ? 2.055   -7.570  12.626  1.00 96.85  ? 136 ILE A CB  1 
ATOM   320  C CG1 . ILE A 1 43  ? 1.052   -8.475  11.937  1.00 93.13  ? 136 ILE A CG1 1 
ATOM   321  C CG2 . ILE A 1 43  ? 2.146   -6.258  11.882  1.00 108.18 ? 136 ILE A CG2 1 
ATOM   322  C CD1 . ILE A 1 43  ? -0.291  -7.804  11.724  1.00 81.29  ? 136 ILE A CD1 1 
ATOM   323  N N   . LYS A 1 44  ? 3.260   -10.604 12.487  1.00 96.66  ? 137 LYS A N   1 
ATOM   324  C CA  . LYS A 1 44  ? 3.216   -12.004 12.945  1.00 94.36  ? 137 LYS A CA  1 
ATOM   325  C C   . LYS A 1 44  ? 4.447   -12.474 13.782  1.00 84.85  ? 137 LYS A C   1 
ATOM   326  O O   . LYS A 1 44  ? 4.274   -13.126 14.805  1.00 99.19  ? 137 LYS A O   1 
ATOM   327  C CB  . LYS A 1 44  ? 2.999   -12.917 11.752  1.00 86.17  ? 137 LYS A CB  1 
ATOM   328  C CG  . LYS A 1 44  ? 1.525   -13.017 11.332  1.00 92.44  ? 137 LYS A CG  1 
ATOM   329  C CD  . LYS A 1 44  ? 1.487   -13.514 9.898   1.00 89.31  ? 137 LYS A CD  1 
ATOM   330  C CE  . LYS A 1 44  ? 0.101   -13.810 9.401   1.00 92.42  ? 137 LYS A CE  1 
ATOM   331  N NZ  . LYS A 1 44  ? 0.214   -13.887 7.917   1.00 94.52  ? 137 LYS A NZ  1 
ATOM   332  N N   . GLN A 1 45  ? 5.663   -12.146 13.354  1.00 80.18  ? 138 GLN A N   1 
ATOM   333  C CA  . GLN A 1 45  ? 6.852   -12.325 14.191  1.00 87.08  ? 138 GLN A CA  1 
ATOM   334  C C   . GLN A 1 45  ? 6.614   -11.699 15.560  1.00 89.13  ? 138 GLN A C   1 
ATOM   335  O O   . GLN A 1 45  ? 6.759   -10.472 15.720  1.00 97.87  ? 138 GLN A O   1 
ATOM   336  C CB  . GLN A 1 45  ? 8.106   -11.709 13.551  1.00 93.67  ? 138 GLN A CB  1 
ATOM   337  C CG  . GLN A 1 45  ? 8.421   -12.276 12.166  1.00 116.24 ? 138 GLN A CG  1 
ATOM   338  C CD  . GLN A 1 45  ? 9.825   -11.934 11.707  1.00 132.24 ? 138 GLN A CD  1 
ATOM   339  O OE1 . GLN A 1 45  ? 10.031  -11.015 10.903  1.00 124.66 ? 138 GLN A OE1 1 
ATOM   340  N NE2 . GLN A 1 45  ? 10.808  -12.667 12.233  1.00 138.58 ? 138 GLN A NE2 1 
ATOM   341  N N   . ASP A 1 46  ? 6.240   -12.555 16.524  1.00 97.27  ? 139 ASP A N   1 
ATOM   342  C CA  . ASP A 1 46  ? 5.918   -12.150 17.900  1.00 111.19 ? 139 ASP A CA  1 
ATOM   343  C C   . ASP A 1 46  ? 6.994   -11.268 18.532  1.00 104.35 ? 139 ASP A C   1 
ATOM   344  O O   . ASP A 1 46  ? 6.674   -10.334 19.255  1.00 109.76 ? 139 ASP A O   1 
ATOM   345  C CB  . ASP A 1 46  ? 5.667   -13.365 18.797  1.00 116.40 ? 139 ASP A CB  1 
ATOM   346  C CG  . ASP A 1 46  ? 4.477   -14.188 18.347  1.00 126.86 ? 139 ASP A CG  1 
ATOM   347  O OD1 . ASP A 1 46  ? 3.557   -14.438 19.169  1.00 136.44 ? 139 ASP A OD1 1 
ATOM   348  O OD2 . ASP A 1 46  ? 4.472   -14.599 17.166  1.00 140.83 ? 139 ASP A OD2 1 
ATOM   349  N N   . ASN A 1 47  ? 8.253   -11.543 18.219  1.00 100.91 ? 140 ASN A N   1 
ATOM   350  C CA  . ASN A 1 47  ? 9.350   -10.765 18.747  1.00 112.24 ? 140 ASN A CA  1 
ATOM   351  C C   . ASN A 1 47  ? 9.418   -9.338  18.220  1.00 110.42 ? 140 ASN A C   1 
ATOM   352  O O   . ASN A 1 47  ? 10.155  -8.531  18.774  1.00 112.63 ? 140 ASN A O   1 
ATOM   353  C CB  . ASN A 1 47  ? 10.683  -11.470 18.499  1.00 123.55 ? 140 ASN A CB  1 
ATOM   354  C CG  . ASN A 1 47  ? 10.962  -11.678 17.027  1.00 138.72 ? 140 ASN A CG  1 
ATOM   355  O OD1 . ASN A 1 47  ? 10.556  -12.687 16.446  1.00 149.30 ? 140 ASN A OD1 1 
ATOM   356  N ND2 . ASN A 1 47  ? 11.656  -10.725 16.412  1.00 145.51 ? 140 ASN A ND2 1 
ATOM   357  N N   . ALA A 1 48  ? 8.663   -9.018  17.168  1.00 106.08 ? 141 ALA A N   1 
ATOM   358  C CA  . ALA A 1 48  ? 8.695   -7.664  16.585  1.00 99.02  ? 141 ALA A CA  1 
ATOM   359  C C   . ALA A 1 48  ? 7.811   -6.722  17.392  1.00 93.66  ? 141 ALA A C   1 
ATOM   360  O O   . ALA A 1 48  ? 8.004   -5.517  17.413  1.00 94.09  ? 141 ALA A O   1 
ATOM   361  C CB  . ALA A 1 48  ? 8.293   -7.680  15.114  1.00 101.22 ? 141 ALA A CB  1 
ATOM   362  N N   . GLU A 1 49  ? 6.851   -7.282  18.095  1.00 93.87  ? 142 GLU A N   1 
ATOM   363  C CA  . GLU A 1 49  ? 6.079   -6.516  19.040  1.00 96.49  ? 142 GLU A CA  1 
ATOM   364  C C   . GLU A 1 49  ? 5.361   -5.275  18.472  1.00 93.44  ? 142 GLU A C   1 
ATOM   365  O O   . GLU A 1 49  ? 5.249   -4.240  19.153  1.00 89.19  ? 142 GLU A O   1 
ATOM   366  C CB  . GLU A 1 49  ? 6.962   -6.161  20.216  1.00 104.54 ? 142 GLU A CB  1 
ATOM   367  C CG  . GLU A 1 49  ? 6.685   -7.009  21.447  1.00 114.77 ? 142 GLU A CG  1 
ATOM   368  C CD  . GLU A 1 49  ? 7.538   -6.552  22.616  1.00 118.54 ? 142 GLU A CD  1 
ATOM   369  O OE1 . GLU A 1 49  ? 8.781   -6.682  22.515  1.00 109.37 ? 142 GLU A OE1 1 
ATOM   370  O OE2 . GLU A 1 49  ? 6.974   -6.031  23.608  1.00 116.00 ? 142 GLU A OE2 1 
ATOM   371  N N   . ILE A 1 50  ? 4.828   -5.432  17.258  1.00 87.24  ? 143 ILE A N   1 
ATOM   372  C CA  . ILE A 1 50  ? 4.039   -4.407  16.595  1.00 74.50  ? 143 ILE A CA  1 
ATOM   373  C C   . ILE A 1 50  ? 2.660   -4.313  17.244  1.00 74.66  ? 143 ILE A C   1 
ATOM   374  O O   . ILE A 1 50  ? 1.921   -5.250  17.222  1.00 86.84  ? 143 ILE A O   1 
ATOM   375  C CB  . ILE A 1 50  ? 3.894   -4.686  15.091  1.00 81.16  ? 143 ILE A CB  1 
ATOM   376  C CG1 . ILE A 1 50  ? 5.063   -4.143  14.264  1.00 82.20  ? 143 ILE A CG1 1 
ATOM   377  C CG2 . ILE A 1 50  ? 2.687   -3.927  14.516  1.00 91.11  ? 143 ILE A CG2 1 
ATOM   378  C CD1 . ILE A 1 50  ? 6.411   -4.297  14.855  1.00 93.99  ? 143 ILE A CD1 1 
ATOM   379  N N   . ASP A 1 51  ? 2.301   -3.155  17.795  1.00 78.79  ? 144 ASP A N   1 
ATOM   380  C CA  . ASP A 1 51  ? 0.998   -2.954  18.387  1.00 67.53  ? 144 ASP A CA  1 
ATOM   381  C C   . ASP A 1 51  ? -0.082  -2.558  17.368  1.00 81.90  ? 144 ASP A C   1 
ATOM   382  O O   . ASP A 1 51  ? -1.279  -2.852  17.523  1.00 75.75  ? 144 ASP A O   1 
ATOM   383  C CB  . ASP A 1 51  ? 1.120   -1.854  19.401  1.00 88.87  ? 144 ASP A CB  1 
ATOM   384  C CG  . ASP A 1 51  ? 1.958   -2.249  20.579  1.00 77.50  ? 144 ASP A CG  1 
ATOM   385  O OD1 . ASP A 1 51  ? 1.390   -2.827  21.522  1.00 86.66  ? 144 ASP A OD1 1 
ATOM   386  O OD2 . ASP A 1 51  ? 3.166   -1.982  20.562  1.00 89.68  ? 144 ASP A OD2 1 
ATOM   387  N N   . ILE A 1 52  ? 0.327   -1.839  16.339  1.00 78.57  ? 145 ILE A N   1 
ATOM   388  C CA  . ILE A 1 52  ? -0.607  -1.360  15.369  1.00 72.15  ? 145 ILE A CA  1 
ATOM   389  C C   . ILE A 1 52  ? 0.058   -1.396  14.030  1.00 78.85  ? 145 ILE A C   1 
ATOM   390  O O   . ILE A 1 52  ? 1.224   -1.015  13.909  1.00 81.54  ? 145 ILE A O   1 
ATOM   391  C CB  . ILE A 1 52  ? -1.039  0.076   15.643  1.00 68.49  ? 145 ILE A CB  1 
ATOM   392  C CG1 . ILE A 1 52  ? -1.946  0.150   16.852  1.00 71.16  ? 145 ILE A CG1 1 
ATOM   393  C CG2 . ILE A 1 52  ? -1.811  0.627   14.433  1.00 78.85  ? 145 ILE A CG2 1 
ATOM   394  C CD1 . ILE A 1 52  ? -2.108  1.573   17.387  1.00 86.49  ? 145 ILE A CD1 1 
ATOM   395  N N   . ALA A 1 53  ? -0.681  -1.842  13.023  1.00 63.26  ? 146 ALA A N   1 
ATOM   396  C CA  . ALA A 1 53  ? -0.120  -1.894  11.683  1.00 69.72  ? 146 ALA A CA  1 
ATOM   397  C C   . ALA A 1 53  ? -1.120  -1.352  10.637  1.00 75.83  ? 146 ALA A C   1 
ATOM   398  O O   . ALA A 1 53  ? -2.309  -1.778  10.572  1.00 72.87  ? 146 ALA A O   1 
ATOM   399  C CB  . ALA A 1 53  ? 0.267   -3.322  11.343  1.00 73.12  ? 146 ALA A CB  1 
ATOM   400  N N   . ILE A 1 54  ? -0.625  -0.428  9.826   1.00 65.41  ? 147 ILE A N   1 
ATOM   401  C CA  . ILE A 1 54  ? -1.441  0.286   8.947   1.00 72.18  ? 147 ILE A CA  1 
ATOM   402  C C   . ILE A 1 54  ? -0.978  -0.075  7.572   1.00 70.55  ? 147 ILE A C   1 
ATOM   403  O O   . ILE A 1 54  ? 0.114   0.253   7.192   1.00 74.16  ? 147 ILE A O   1 
ATOM   404  C CB  . ILE A 1 54  ? -1.449  1.793   9.245   1.00 71.17  ? 147 ILE A CB  1 
ATOM   405  C CG1 . ILE A 1 54  ? -2.230  1.968   10.535  1.00 76.26  ? 147 ILE A CG1 1 
ATOM   406  C CG2 . ILE A 1 54  ? -2.251  2.553   8.181   1.00 68.00  ? 147 ILE A CG2 1 
ATOM   407  C CD1 . ILE A 1 54  ? -1.778  3.130   11.357  1.00 82.68  ? 147 ILE A CD1 1 
ATOM   408  N N   . THR A 1 55  ? -1.839  -0.766  6.848   1.00 53.68  ? 148 THR A N   1 
ATOM   409  C CA  . THR A 1 55  ? -1.383  -1.492  5.589   1.00 72.07  ? 148 THR A CA  1 
ATOM   410  C C   . THR A 1 55  ? -2.523  -1.670  4.620   1.00 55.41  ? 148 THR A C   1 
ATOM   411  O O   . THR A 1 55  ? -3.687  -1.841  5.055   1.00 62.01  ? 148 THR A O   1 
ATOM   412  C CB  . THR A 1 55  ? -1.098  -3.030  5.732   1.00 67.17  ? 148 THR A CB  1 
ATOM   413  O OG1 . THR A 1 55  ? -1.029  -3.420  7.091   1.00 88.73  ? 148 THR A OG1 1 
ATOM   414  C CG2 . THR A 1 55  ? 0.139   -3.415  4.978   1.00 67.22  ? 148 THR A CG2 1 
ATOM   415  N N   . ILE A 1 56  ? -2.192  -1.769  3.361   1.00 61.44  ? 149 ILE A N   1 
ATOM   416  C CA  . ILE A 1 56  ? -3.233  -2.147  2.421   1.00 72.07  ? 149 ILE A CA  1 
ATOM   417  C C   . ILE A 1 56  ? -3.463  -3.635  2.294   1.00 70.73  ? 149 ILE A C   1 
ATOM   418  O O   . ILE A 1 56  ? -4.450  -4.021  1.666   1.00 93.07  ? 149 ILE A O   1 
ATOM   419  C CB  . ILE A 1 56  ? -2.990  -1.555  1.049   1.00 76.89  ? 149 ILE A CB  1 
ATOM   420  C CG1 . ILE A 1 56  ? -1.962  -2.388  0.363   1.00 67.11  ? 149 ILE A CG1 1 
ATOM   421  C CG2 . ILE A 1 56  ? -2.659  -0.041  1.137   1.00 67.94  ? 149 ILE A CG2 1 
ATOM   422  C CD1 . ILE A 1 56  ? -1.369  -1.711  -0.855  1.00 69.98  ? 149 ILE A CD1 1 
ATOM   423  N N   . ASP A 1 57  ? -2.604  -4.473  2.893   1.00 76.23  ? 150 ASP A N   1 
ATOM   424  C CA  . ASP A 1 57  ? -2.634  -5.919  2.636   1.00 74.30  ? 150 ASP A CA  1 
ATOM   425  C C   . ASP A 1 57  ? -3.735  -6.522  3.449   1.00 82.47  ? 150 ASP A C   1 
ATOM   426  O O   . ASP A 1 57  ? -4.055  -6.016  4.529   1.00 69.90  ? 150 ASP A O   1 
ATOM   427  C CB  . ASP A 1 57  ? -1.309  -6.566  2.996   1.00 99.31  ? 150 ASP A CB  1 
ATOM   428  C CG  . ASP A 1 57  ? -1.061  -7.924  2.302   1.00 99.93  ? 150 ASP A CG  1 
ATOM   429  O OD1 . ASP A 1 57  ? -1.691  -8.259  1.283   1.00 87.90  ? 150 ASP A OD1 1 
ATOM   430  O OD2 . ASP A 1 57  ? -0.162  -8.638  2.793   1.00 89.78  ? 150 ASP A OD2 1 
ATOM   431  N N   . GLU A 1 58  ? -4.354  -7.578  2.918   1.00 83.20  ? 151 GLU A N   1 
ATOM   432  C CA  . GLU A 1 58  ? -5.462  -8.213  3.618   1.00 91.49  ? 151 GLU A CA  1 
ATOM   433  C C   . GLU A 1 58  ? -5.251  -9.693  3.900   1.00 90.18  ? 151 GLU A C   1 
ATOM   434  O O   . GLU A 1 58  ? -4.784  -10.447 3.040   1.00 80.80  ? 151 GLU A O   1 
ATOM   435  C CB  . GLU A 1 58  ? -6.778  -8.029  2.883   1.00 93.74  ? 151 GLU A CB  1 
ATOM   436  C CG  . GLU A 1 58  ? -6.721  -8.335  1.410   1.00 109.94 ? 151 GLU A CG  1 
ATOM   437  C CD  . GLU A 1 58  ? -7.981  -7.863  0.683   1.00 125.68 ? 151 GLU A CD  1 
ATOM   438  O OE1 . GLU A 1 58  ? -8.635  -8.749  0.089   1.00 113.84 ? 151 GLU A OE1 1 
ATOM   439  O OE2 . GLU A 1 58  ? -8.321  -6.628  0.714   1.00 100.57 ? 151 GLU A OE2 1 
ATOM   440  N N   . GLU A 1 59  ? -5.670  -10.072 5.102   1.00 82.84  ? 152 GLU A N   1 
ATOM   441  C CA  . GLU A 1 59  ? -5.697  -11.425 5.551   1.00 95.99  ? 152 GLU A CA  1 
ATOM   442  C C   . GLU A 1 59  ? -6.839  -11.559 6.501   1.00 100.19 ? 152 GLU A C   1 
ATOM   443  O O   . GLU A 1 59  ? -7.119  -10.631 7.250   1.00 110.17 ? 152 GLU A O   1 
ATOM   444  C CB  . GLU A 1 59  ? -4.428  -11.759 6.297   1.00 94.48  ? 152 GLU A CB  1 
ATOM   445  C CG  . GLU A 1 59  ? -3.857  -13.065 5.812   1.00 106.99 ? 152 GLU A CG  1 
ATOM   446  C CD  . GLU A 1 59  ? -2.799  -13.606 6.729   1.00 107.44 ? 152 GLU A CD  1 
ATOM   447  O OE1 . GLU A 1 59  ? -1.607  -13.376 6.421   1.00 102.98 ? 152 GLU A OE1 1 
ATOM   448  O OE2 . GLU A 1 59  ? -3.157  -14.251 7.747   1.00 99.15  ? 152 GLU A OE2 1 
ATOM   449  N N   . LEU A 1 60  ? -7.477  -12.724 6.484   1.00 122.64 ? 153 LEU A N   1 
ATOM   450  C CA  . LEU A 1 60  ? -8.706  -12.943 7.240   1.00 127.49 ? 153 LEU A CA  1 
ATOM   451  C C   . LEU A 1 60  ? -8.487  -12.729 8.749   1.00 123.89 ? 153 LEU A C   1 
ATOM   452  O O   . LEU A 1 60  ? -8.756  -11.632 9.241   1.00 159.37 ? 153 LEU A O   1 
ATOM   453  C CB  . LEU A 1 60  ? -9.340  -14.313 6.899   1.00 136.26 ? 153 LEU A CB  1 
ATOM   454  C CG  . LEU A 1 60  ? -10.042 -14.422 5.522   1.00 136.61 ? 153 LEU A CG  1 
ATOM   455  C CD1 . LEU A 1 60  ? -10.542 -15.843 5.196   1.00 137.07 ? 153 LEU A CD1 1 
ATOM   456  C CD2 . LEU A 1 60  ? -11.187 -13.414 5.417   1.00 124.05 ? 153 LEU A CD2 1 
ATOM   457  N N   . LYS A 1 61  ? -8.004  -13.728 9.482   1.00 115.46 ? 154 LYS A N   1 
ATOM   458  C CA  . LYS A 1 61  ? -7.705  -13.548 10.914  1.00 114.39 ? 154 LYS A CA  1 
ATOM   459  C C   . LYS A 1 61  ? -6.236  -13.729 11.073  1.00 105.55 ? 154 LYS A C   1 
ATOM   460  O O   . LYS A 1 61  ? -5.725  -14.778 10.761  1.00 101.43 ? 154 LYS A O   1 
ATOM   461  C CB  . LYS A 1 61  ? -8.382  -14.587 11.816  1.00 126.24 ? 154 LYS A CB  1 
ATOM   462  C CG  . LYS A 1 61  ? -9.898  -14.669 11.722  1.00 156.41 ? 154 LYS A CG  1 
ATOM   463  C CD  . LYS A 1 61  ? -10.422 -15.968 12.337  1.00 167.94 ? 154 LYS A CD  1 
ATOM   464  C CE  . LYS A 1 61  ? -11.787 -16.343 11.784  1.00 168.93 ? 154 LYS A CE  1 
ATOM   465  N NZ  . LYS A 1 61  ? -11.695 -16.821 10.373  1.00 167.46 ? 154 LYS A NZ  1 
ATOM   466  N N   . ILE A 1 62  ? -5.540  -12.709 11.546  1.00 111.22 ? 155 ILE A N   1 
ATOM   467  C CA  . ILE A 1 62  ? -4.183  -12.916 12.065  1.00 103.09 ? 155 ILE A CA  1 
ATOM   468  C C   . ILE A 1 62  ? -4.402  -13.380 13.500  1.00 83.87  ? 155 ILE A C   1 
ATOM   469  O O   . ILE A 1 62  ? -5.480  -13.189 14.030  1.00 95.55  ? 155 ILE A O   1 
ATOM   470  C CB  . ILE A 1 62  ? -3.309  -11.639 12.012  1.00 101.56 ? 155 ILE A CB  1 
ATOM   471  C CG1 . ILE A 1 62  ? -3.427  -10.927 10.660  1.00 101.49 ? 155 ILE A CG1 1 
ATOM   472  C CG2 . ILE A 1 62  ? -1.833  -11.950 12.273  1.00 95.86  ? 155 ILE A CG2 1 
ATOM   473  C CD1 . ILE A 1 62  ? -2.706  -11.610 9.528   1.00 90.69  ? 155 ILE A CD1 1 
ATOM   474  N N   . SER A 1 63  ? -3.419  -14.018 14.117  1.00 101.52 ? 156 SER A N   1 
ATOM   475  C CA  . SER A 1 63  ? -3.607  -14.527 15.464  1.00 111.42 ? 156 SER A CA  1 
ATOM   476  C C   . SER A 1 63  ? -3.925  -13.408 16.446  1.00 112.50 ? 156 SER A C   1 
ATOM   477  O O   . SER A 1 63  ? -5.070  -13.232 16.848  1.00 118.98 ? 156 SER A O   1 
ATOM   478  C CB  . SER A 1 63  ? -2.395  -15.327 15.935  1.00 128.89 ? 156 SER A CB  1 
ATOM   479  O OG  . SER A 1 63  ? -2.271  -16.518 15.182  1.00 131.54 ? 156 SER A OG  1 
ATOM   480  N N   . ARG A 1 64  ? -2.940  -12.625 16.831  1.00 112.53 ? 157 ARG A N   1 
ATOM   481  C CA  . ARG A 1 64  ? -3.139  -11.822 18.036  1.00 116.76 ? 157 ARG A CA  1 
ATOM   482  C C   . ARG A 1 64  ? -3.901  -10.504 17.775  1.00 113.73 ? 157 ARG A C   1 
ATOM   483  O O   . ARG A 1 64  ? -4.201  -9.740  18.697  1.00 109.24 ? 157 ARG A O   1 
ATOM   484  C CB  . ARG A 1 64  ? -1.786  -11.606 18.704  1.00 131.67 ? 157 ARG A CB  1 
ATOM   485  C CG  . ARG A 1 64  ? -1.021  -12.911 18.960  1.00 138.64 ? 157 ARG A CG  1 
ATOM   486  C CD  . ARG A 1 64  ? 0.316   -12.641 19.624  1.00 155.84 ? 157 ARG A CD  1 
ATOM   487  N NE  . ARG A 1 64  ? 1.035   -11.566 18.929  1.00 173.07 ? 157 ARG A NE  1 
ATOM   488  C CZ  . ARG A 1 64  ? 2.092   -10.915 19.413  1.00 177.17 ? 157 ARG A CZ  1 
ATOM   489  N NH1 . ARG A 1 64  ? 2.599   -11.231 20.602  1.00 181.99 ? 157 ARG A NH1 1 
ATOM   490  N NH2 . ARG A 1 64  ? 2.660   -9.946  18.696  1.00 164.76 ? 157 ARG A NH2 1 
ATOM   491  N N   . PHE A 1 65  ? -4.272  -10.275 16.520  1.00 113.89 ? 158 PHE A N   1 
ATOM   492  C CA  . PHE A 1 65  ? -4.764  -8.982  16.106  1.00 101.31 ? 158 PHE A CA  1 
ATOM   493  C C   . PHE A 1 65  ? -6.165  -9.008  15.575  1.00 92.63  ? 158 PHE A C   1 
ATOM   494  O O   . PHE A 1 65  ? -6.600  -10.016 15.038  1.00 91.27  ? 158 PHE A O   1 
ATOM   495  C CB  . PHE A 1 65  ? -3.915  -8.487  14.963  1.00 99.24  ? 158 PHE A CB  1 
ATOM   496  C CG  . PHE A 1 65  ? -2.509  -8.193  15.344  1.00 94.65  ? 158 PHE A CG  1 
ATOM   497  C CD1 . PHE A 1 65  ? -1.565  -9.164  15.287  1.00 84.40  ? 158 PHE A CD1 1 
ATOM   498  C CD2 . PHE A 1 65  ? -2.139  -6.936  15.736  1.00 90.22  ? 158 PHE A CD2 1 
ATOM   499  C CE1 . PHE A 1 65  ? -0.260  -8.895  15.608  1.00 88.86  ? 158 PHE A CE1 1 
ATOM   500  C CE2 . PHE A 1 65  ? -0.842  -6.659  16.055  1.00 94.55  ? 158 PHE A CE2 1 
ATOM   501  C CZ  . PHE A 1 65  ? 0.108   -7.645  15.988  1.00 90.68  ? 158 PHE A CZ  1 
ATOM   502  N N   . ASN A 1 66  ? -6.813  -7.848  15.684  1.00 86.77  ? 159 ASN A N   1 
ATOM   503  C CA  . ASN A 1 66  ? -8.051  -7.518  14.992  1.00 81.95  ? 159 ASN A CA  1 
ATOM   504  C C   . ASN A 1 66  ? -7.849  -6.494  13.848  1.00 70.55  ? 159 ASN A C   1 
ATOM   505  O O   . ASN A 1 66  ? -6.807  -5.913  13.692  1.00 94.28  ? 159 ASN A O   1 
ATOM   506  C CB  . ASN A 1 66  ? -9.076  -6.998  15.990  1.00 86.94  ? 159 ASN A CB  1 
ATOM   507  C CG  . ASN A 1 66  ? -9.335  -7.972  17.142  1.00 107.48 ? 159 ASN A CG  1 
ATOM   508  O OD1 . ASN A 1 66  ? -9.435  -9.169  16.932  1.00 117.01 ? 159 ASN A OD1 1 
ATOM   509  N ND2 . ASN A 1 66  ? -9.462  -7.444  18.370  1.00 121.62 ? 159 ASN A ND2 1 
ATOM   510  N N   . GLN A 1 67  ? -8.881  -6.263  13.065  1.00 75.73  ? 160 GLN A N   1 
ATOM   511  C CA  . GLN A 1 67  ? -8.753  -5.637  11.770  1.00 70.17  ? 160 GLN A CA  1 
ATOM   512  C C   . GLN A 1 67  ? -9.906  -4.684  11.721  1.00 69.50  ? 160 GLN A C   1 
ATOM   513  O O   . GLN A 1 67  ? -11.002 -4.995  12.164  1.00 69.50  ? 160 GLN A O   1 
ATOM   514  C CB  . GLN A 1 67  ? -8.935  -6.679  10.648  1.00 66.68  ? 160 GLN A CB  1 
ATOM   515  C CG  . GLN A 1 67  ? -8.427  -6.199  9.308   1.00 82.03  ? 160 GLN A CG  1 
ATOM   516  C CD  . GLN A 1 67  ? -9.059  -6.819  8.058   1.00 87.47  ? 160 GLN A CD  1 
ATOM   517  O OE1 . GLN A 1 67  ? -10.279 -6.809  7.890   1.00 84.66  ? 160 GLN A OE1 1 
ATOM   518  N NE2 . GLN A 1 67  ? -8.206  -7.286  7.136   1.00 94.35  ? 160 GLN A NE2 1 
ATOM   519  N N   . CYS A 1 68  ? -9.700  -3.527  11.134  1.00 74.87  ? 161 CYS A N   1 
ATOM   520  C CA  . CYS A 1 68  ? -10.837 -2.667  10.828  1.00 67.88  ? 161 CYS A CA  1 
ATOM   521  C C   . CYS A 1 68  ? -10.362 -1.781  9.712   1.00 67.46  ? 161 CYS A C   1 
ATOM   522  O O   . CYS A 1 68  ? -9.220  -1.946  9.216   1.00 73.93  ? 161 CYS A O   1 
ATOM   523  C CB  . CYS A 1 68  ? -11.251 -1.887  12.067  1.00 77.18  ? 161 CYS A CB  1 
ATOM   524  S SG  . CYS A 1 68  ? -9.888  -0.932  12.719  1.00 83.69  ? 161 CYS A SG  1 
ATOM   525  N N   . VAL A 1 69  ? -11.197 -0.861  9.257   1.00 70.77  ? 162 VAL A N   1 
ATOM   526  C CA  . VAL A 1 69  ? -10.691 -0.029  8.196   1.00 80.78  ? 162 VAL A CA  1 
ATOM   527  C C   . VAL A 1 69  ? -10.696 1.449   8.487   1.00 84.05  ? 162 VAL A C   1 
ATOM   528  O O   . VAL A 1 69  ? -11.696 1.979   8.990   1.00 65.40  ? 162 VAL A O   1 
ATOM   529  C CB  . VAL A 1 69  ? -11.381 -0.329  6.887   1.00 71.01  ? 162 VAL A CB  1 
ATOM   530  C CG1 . VAL A 1 69  ? -12.188 -1.563  7.025   1.00 78.58  ? 162 VAL A CG1 1 
ATOM   531  C CG2 . VAL A 1 69  ? -12.212 0.826   6.349   1.00 78.91  ? 162 VAL A CG2 1 
ATOM   532  N N   . LEU A 1 70  ? -9.568  2.078   8.151   1.00 81.62  ? 163 LEU A N   1 
ATOM   533  C CA  . LEU A 1 70  ? -9.285  3.477   8.457   1.00 84.59  ? 163 LEU A CA  1 
ATOM   534  C C   . LEU A 1 70  ? -9.640  4.383   7.339   1.00 82.32  ? 163 LEU A C   1 
ATOM   535  O O   . LEU A 1 70  ? -9.986  5.554   7.557   1.00 91.69  ? 163 LEU A O   1 
ATOM   536  C CB  . LEU A 1 70  ? -7.791  3.702   8.608   1.00 88.88  ? 163 LEU A CB  1 
ATOM   537  C CG  . LEU A 1 70  ? -7.022  3.383   9.856   1.00 92.67  ? 163 LEU A CG  1 
ATOM   538  C CD1 . LEU A 1 70  ? -5.694  4.127   9.790   1.00 94.41  ? 163 LEU A CD1 1 
ATOM   539  C CD2 . LEU A 1 70  ? -7.819  3.822   11.058  1.00 102.50 ? 163 LEU A CD2 1 
ATOM   540  N N   . GLY A 1 71  ? -9.434  3.901   6.128   1.00 84.11  ? 164 GLY A N   1 
ATOM   541  C CA  . GLY A 1 71  ? -9.801  4.688   4.969   1.00 81.56  ? 164 GLY A CA  1 
ATOM   542  C C   . GLY A 1 71  ? -9.529  3.998   3.663   1.00 89.25  ? 164 GLY A C   1 
ATOM   543  O O   . GLY A 1 71  ? -9.571  2.756   3.579   1.00 76.66  ? 164 GLY A O   1 
ATOM   544  N N   . TYR A 1 72  ? -9.293  4.811   2.626   1.00 91.18  ? 165 TYR A N   1 
ATOM   545  C CA  . TYR A 1 72  ? -9.117  4.273   1.280   1.00 82.12  ? 165 TYR A CA  1 
ATOM   546  C C   . TYR A 1 72  ? -8.069  5.110   0.604   1.00 82.16  ? 165 TYR A C   1 
ATOM   547  O O   . TYR A 1 72  ? -7.926  6.306   0.879   1.00 76.65  ? 165 TYR A O   1 
ATOM   548  C CB  . TYR A 1 72  ? -10.466 4.255   0.502   1.00 88.32  ? 165 TYR A CB  1 
ATOM   549  C CG  . TYR A 1 72  ? -11.652 3.833   1.382   1.00 86.61  ? 165 TYR A CG  1 
ATOM   550  C CD1 . TYR A 1 72  ? -12.125 2.500   1.425   1.00 80.90  ? 165 TYR A CD1 1 
ATOM   551  C CD2 . TYR A 1 72  ? -12.239 4.754   2.229   1.00 76.00  ? 165 TYR A CD2 1 
ATOM   552  C CE1 . TYR A 1 72  ? -13.165 2.140   2.299   1.00 80.85  ? 165 TYR A CE1 1 
ATOM   553  C CE2 . TYR A 1 72  ? -13.271 4.415   3.096   1.00 76.26  ? 165 TYR A CE2 1 
ATOM   554  C CZ  . TYR A 1 72  ? -13.740 3.127   3.159   1.00 78.87  ? 165 TYR A CZ  1 
ATOM   555  O OH  . TYR A 1 72  ? -14.779 2.876   4.084   1.00 73.27  ? 165 TYR A OH  1 
ATOM   556  N N   . THR A 1 73  ? -7.329  4.453   -0.277  1.00 82.68  ? 166 THR A N   1 
ATOM   557  C CA  . THR A 1 73  ? -6.213  5.044   -0.990  1.00 80.01  ? 166 THR A CA  1 
ATOM   558  C C   . THR A 1 73  ? -6.273  4.495   -2.399  1.00 81.31  ? 166 THR A C   1 
ATOM   559  O O   . THR A 1 73  ? -7.097  3.628   -2.698  1.00 98.32  ? 166 THR A O   1 
ATOM   560  C CB  . THR A 1 73  ? -4.916  4.704   -0.265  1.00 80.13  ? 166 THR A CB  1 
ATOM   561  O OG1 . THR A 1 73  ? -3.850  5.504   -0.753  1.00 86.67  ? 166 THR A OG1 1 
ATOM   562  C CG2 . THR A 1 73  ? -4.567  3.272   -0.459  1.00 84.34  ? 166 THR A CG2 1 
ATOM   563  N N   . LYS A 1 74  ? -5.428  4.988   -3.286  1.00 85.06  ? 167 LYS A N   1 
ATOM   564  C CA  . LYS A 1 74  ? -5.630  4.708   -4.715  1.00 88.18  ? 167 LYS A CA  1 
ATOM   565  C C   . LYS A 1 74  ? -4.332  4.378   -5.322  1.00 81.12  ? 167 LYS A C   1 
ATOM   566  O O   . LYS A 1 74  ? -3.318  4.833   -4.852  1.00 68.69  ? 167 LYS A O   1 
ATOM   567  C CB  . LYS A 1 74  ? -6.115  5.933   -5.445  1.00 94.99  ? 167 LYS A CB  1 
ATOM   568  C CG  . LYS A 1 74  ? -7.601  6.046   -5.535  1.00 110.93 ? 167 LYS A CG  1 
ATOM   569  C CD  . LYS A 1 74  ? -7.931  7.240   -6.419  1.00 125.57 ? 167 LYS A CD  1 
ATOM   570  C CE  . LYS A 1 74  ? -9.396  7.612   -6.331  1.00 135.23 ? 167 LYS A CE  1 
ATOM   571  N NZ  . LYS A 1 74  ? -10.268 6.397   -6.331  1.00 138.49 ? 167 LYS A NZ  1 
ATOM   572  N N   . ALA A 1 75  ? -4.362  3.639   -6.410  1.00 72.56  ? 168 ALA A N   1 
ATOM   573  C CA  . ALA A 1 75  ? -3.133  3.235   -7.044  1.00 75.63  ? 168 ALA A CA  1 
ATOM   574  C C   . ALA A 1 75  ? -3.372  3.046   -8.513  1.00 75.57  ? 168 ALA A C   1 
ATOM   575  O O   . ALA A 1 75  ? -4.505  2.920   -8.947  1.00 72.47  ? 168 ALA A O   1 
ATOM   576  C CB  . ALA A 1 75  ? -2.668  1.960   -6.422  1.00 78.64  ? 168 ALA A CB  1 
ATOM   577  N N   . PHE A 1 76  ? -2.321  3.058   -9.296  1.00 68.75  ? 169 PHE A N   1 
ATOM   578  C CA  . PHE A 1 76  ? -2.501  3.105   -10.717 1.00 74.23  ? 169 PHE A CA  1 
ATOM   579  C C   . PHE A 1 76  ? -1.521  2.115   -11.192 1.00 86.71  ? 169 PHE A C   1 
ATOM   580  O O   . PHE A 1 76  ? -0.455  1.961   -10.525 1.00 74.97  ? 169 PHE A O   1 
ATOM   581  C CB  . PHE A 1 76  ? -2.177  4.500   -11.240 1.00 83.32  ? 169 PHE A CB  1 
ATOM   582  C CG  . PHE A 1 76  ? -3.161  5.549   -10.808 1.00 70.84  ? 169 PHE A CG  1 
ATOM   583  C CD1 . PHE A 1 76  ? -4.289  5.822   -11.586 1.00 79.24  ? 169 PHE A CD1 1 
ATOM   584  C CD2 . PHE A 1 76  ? -2.976  6.241   -9.658  1.00 76.74  ? 169 PHE A CD2 1 
ATOM   585  C CE1 . PHE A 1 76  ? -5.204  6.793   -11.221 1.00 87.32  ? 169 PHE A CE1 1 
ATOM   586  C CE2 . PHE A 1 76  ? -3.891  7.208   -9.254  1.00 88.43  ? 169 PHE A CE2 1 
ATOM   587  C CZ  . PHE A 1 76  ? -5.009  7.493   -10.038 1.00 87.18  ? 169 PHE A CZ  1 
ATOM   588  N N   . VAL A 1 77  ? -1.901  1.379   -12.253 1.00 80.87  ? 170 VAL A N   1 
ATOM   589  C CA  . VAL A 1 77  ? -0.926  0.614   -13.001 1.00 71.81  ? 170 VAL A CA  1 
ATOM   590  C C   . VAL A 1 77  ? -0.404  1.575   -14.028 1.00 74.63  ? 170 VAL A C   1 
ATOM   591  O O   . VAL A 1 77  ? -1.161  2.228   -14.744 1.00 96.48  ? 170 VAL A O   1 
ATOM   592  C CB  . VAL A 1 77  ? -1.366  -0.764  -13.569 1.00 78.72  ? 170 VAL A CB  1 
ATOM   593  C CG1 . VAL A 1 77  ? -2.800  -1.062  -13.289 1.00 78.68  ? 170 VAL A CG1 1 
ATOM   594  C CG2 . VAL A 1 77  ? -0.998  -0.954  -15.037 1.00 69.41  ? 170 VAL A CG2 1 
ATOM   595  N N   . VAL A 1 78  ? 0.920   1.649   -14.058 1.00 75.75  ? 171 VAL A N   1 
ATOM   596  C CA  . VAL A 1 78  ? 1.649   2.582   -14.886 1.00 69.28  ? 171 VAL A CA  1 
ATOM   597  C C   . VAL A 1 78  ? 2.701   1.932   -15.703 1.00 73.73  ? 171 VAL A C   1 
ATOM   598  O O   . VAL A 1 78  ? 3.164   0.787   -15.426 1.00 89.17  ? 171 VAL A O   1 
ATOM   599  C CB  . VAL A 1 78  ? 2.372   3.607   -14.041 1.00 84.83  ? 171 VAL A CB  1 
ATOM   600  C CG1 . VAL A 1 78  ? 1.360   4.618   -13.540 1.00 85.67  ? 171 VAL A CG1 1 
ATOM   601  C CG2 . VAL A 1 78  ? 3.134   2.909   -12.893 1.00 83.55  ? 171 VAL A CG2 1 
ATOM   602  N N   . ALA A 1 79  ? 3.086   2.678   -16.728 1.00 87.71  ? 172 ALA A N   1 
ATOM   603  C CA  . ALA A 1 79  ? 4.127   2.252   -17.641 1.00 92.43  ? 172 ALA A CA  1 
ATOM   604  C C   . ALA A 1 79  ? 4.800   3.419   -18.343 1.00 99.21  ? 172 ALA A C   1 
ATOM   605  O O   . ALA A 1 79  ? 4.426   4.601   -18.217 1.00 91.98  ? 172 ALA A O   1 
ATOM   606  C CB  . ALA A 1 79  ? 3.553   1.294   -18.658 1.00 93.14  ? 172 ALA A CB  1 
ATOM   607  N N   . HIS A 1 80  ? 5.828   3.059   -19.079 1.00 110.79 ? 173 HIS A N   1 
ATOM   608  C CA  . HIS A 1 80  ? 6.458   4.007   -19.912 1.00 105.58 ? 173 HIS A CA  1 
ATOM   609  C C   . HIS A 1 80  ? 5.475   4.481   -20.990 1.00 100.19 ? 173 HIS A C   1 
ATOM   610  O O   . HIS A 1 80  ? 4.691   3.702   -21.517 1.00 96.71  ? 173 HIS A O   1 
ATOM   611  C CB  . HIS A 1 80  ? 7.691   3.399   -20.553 1.00 116.30 ? 173 HIS A CB  1 
ATOM   612  C CG  . HIS A 1 80  ? 8.506   4.421   -21.258 1.00 120.26 ? 173 HIS A CG  1 
ATOM   613  N ND1 . HIS A 1 80  ? 8.502   4.556   -22.627 1.00 117.31 ? 173 HIS A ND1 1 
ATOM   614  C CD2 . HIS A 1 80  ? 9.256   5.440   -20.774 1.00 113.61 ? 173 HIS A CD2 1 
ATOM   615  C CE1 . HIS A 1 80  ? 9.262   5.582   -22.958 1.00 126.59 ? 173 HIS A CE1 1 
ATOM   616  N NE2 . HIS A 1 80  ? 9.720   6.143   -21.851 1.00 105.81 ? 173 HIS A NE2 1 
ATOM   617  N N   . PRO A 1 81  ? 5.523   5.765   -21.327 1.00 94.24  ? 174 PRO A N   1 
ATOM   618  C CA  . PRO A 1 81  ? 4.639   6.337   -22.311 1.00 90.68  ? 174 PRO A CA  1 
ATOM   619  C C   . PRO A 1 81  ? 4.641   5.678   -23.682 1.00 101.71 ? 174 PRO A C   1 
ATOM   620  O O   . PRO A 1 81  ? 3.671   5.832   -24.424 1.00 105.56 ? 174 PRO A O   1 
ATOM   621  C CB  . PRO A 1 81  ? 5.146   7.760   -22.411 1.00 93.75  ? 174 PRO A CB  1 
ATOM   622  C CG  . PRO A 1 81  ? 5.579   8.093   -21.021 1.00 84.87  ? 174 PRO A CG  1 
ATOM   623  C CD  . PRO A 1 81  ? 6.220   6.813   -20.558 1.00 99.09  ? 174 PRO A CD  1 
ATOM   624  N N   . GLN A 1 82  ? 5.701   4.960   -24.031 1.00 111.80 ? 175 GLN A N   1 
ATOM   625  C CA  . GLN A 1 82  ? 5.723   4.209   -25.289 1.00 111.05 ? 175 GLN A CA  1 
ATOM   626  C C   . GLN A 1 82  ? 5.847   2.766   -25.000 1.00 100.77 ? 175 GLN A C   1 
ATOM   627  O O   . GLN A 1 82  ? 6.476   2.048   -25.757 1.00 96.27  ? 175 GLN A O   1 
ATOM   628  C CB  . GLN A 1 82  ? 6.903   4.595   -26.182 1.00 125.82 ? 175 GLN A CB  1 
ATOM   629  C CG  . GLN A 1 82  ? 6.823   5.971   -26.817 1.00 135.51 ? 175 GLN A CG  1 
ATOM   630  C CD  . GLN A 1 82  ? 8.132   6.727   -26.679 1.00 135.16 ? 175 GLN A CD  1 
ATOM   631  O OE1 . GLN A 1 82  ? 9.177   6.302   -27.189 1.00 129.64 ? 175 GLN A OE1 1 
ATOM   632  N NE2 . GLN A 1 82  ? 8.089   7.841   -25.958 1.00 135.01 ? 175 GLN A NE2 1 
ATOM   633  N N   . HIS A 1 83  ? 5.262   2.329   -23.899 1.00 102.20 ? 176 HIS A N   1 
ATOM   634  C CA  . HIS A 1 83  ? 5.142   0.906   -23.667 1.00 104.06 ? 176 HIS A CA  1 
ATOM   635  C C   . HIS A 1 83  ? 4.146   0.370   -24.714 1.00 105.36 ? 176 HIS A C   1 
ATOM   636  O O   . HIS A 1 83  ? 3.180   1.060   -25.055 1.00 110.04 ? 176 HIS A O   1 
ATOM   637  C CB  . HIS A 1 83  ? 4.681   0.664   -22.238 1.00 97.47  ? 176 HIS A CB  1 
ATOM   638  C CG  . HIS A 1 83  ? 4.634   -0.777  -21.842 1.00 92.31  ? 176 HIS A CG  1 
ATOM   639  N ND1 . HIS A 1 83  ? 3.614   -1.615  -22.226 1.00 92.72  ? 176 HIS A ND1 1 
ATOM   640  C CD2 . HIS A 1 83  ? 5.450   -1.519  -21.057 1.00 95.82  ? 176 HIS A CD2 1 
ATOM   641  C CE1 . HIS A 1 83  ? 3.807   -2.820  -21.714 1.00 97.26  ? 176 HIS A CE1 1 
ATOM   642  N NE2 . HIS A 1 83  ? 4.913   -2.789  -20.991 1.00 97.68  ? 176 HIS A NE2 1 
ATOM   643  N N   . PRO A 1 84  ? 4.393   -0.837  -25.255 1.00 106.32 ? 177 PRO A N   1 
ATOM   644  C CA  . PRO A 1 84  ? 3.450   -1.443  -26.213 1.00 104.74 ? 177 PRO A CA  1 
ATOM   645  C C   . PRO A 1 84  ? 1.980   -1.282  -25.808 1.00 106.35 ? 177 PRO A C   1 
ATOM   646  O O   . PRO A 1 84  ? 1.181   -0.787  -26.580 1.00 105.69 ? 177 PRO A O   1 
ATOM   647  C CB  . PRO A 1 84  ? 3.851   -2.938  -26.209 1.00 109.38 ? 177 PRO A CB  1 
ATOM   648  C CG  . PRO A 1 84  ? 5.309   -2.936  -25.866 1.00 119.41 ? 177 PRO A CG  1 
ATOM   649  C CD  . PRO A 1 84  ? 5.539   -1.730  -24.974 1.00 119.59 ? 177 PRO A CD  1 
ATOM   650  N N   . LEU A 1 85  ? 1.648   -1.685  -24.585 1.00 116.24 ? 178 LEU A N   1 
ATOM   651  C CA  . LEU A 1 85  ? 0.300   -1.578  -24.026 1.00 100.08 ? 178 LEU A CA  1 
ATOM   652  C C   . LEU A 1 85  ? -0.161  -0.183  -23.727 1.00 92.47  ? 178 LEU A C   1 
ATOM   653  O O   . LEU A 1 85  ? -1.137  -0.062  -23.046 1.00 93.25  ? 178 LEU A O   1 
ATOM   654  C CB  . LEU A 1 85  ? 0.169   -2.379  -22.720 1.00 100.43 ? 178 LEU A CB  1 
ATOM   655  C CG  . LEU A 1 85  ? 0.447   -3.885  -22.825 1.00 121.68 ? 178 LEU A CG  1 
ATOM   656  C CD1 . LEU A 1 85  ? 0.365   -4.526  -21.453 1.00 116.39 ? 178 LEU A CD1 1 
ATOM   657  C CD2 . LEU A 1 85  ? -0.508  -4.583  -23.791 1.00 128.54 ? 178 LEU A CD2 1 
ATOM   658  N N   . CYS A 1 86  ? 0.493   0.875   -24.186 1.00 99.91  ? 179 CYS A N   1 
ATOM   659  C CA  . CYS A 1 86  ? -0.114  2.203   -23.996 1.00 114.22 ? 179 CYS A CA  1 
ATOM   660  C C   . CYS A 1 86  ? -1.336  2.415   -24.906 1.00 125.94 ? 179 CYS A C   1 
ATOM   661  O O   . CYS A 1 86  ? -1.662  1.555   -25.755 1.00 113.48 ? 179 CYS A O   1 
ATOM   662  C CB  . CYS A 1 86  ? 0.916   3.316   -24.175 1.00 126.16 ? 179 CYS A CB  1 
ATOM   663  S SG  . CYS A 1 86  ? 1.520   3.900   -22.575 1.00 131.39 ? 179 CYS A SG  1 
ATOM   664  N N   . ASN A 1 87  ? -2.016  3.547   -24.707 1.00 136.66 ? 180 ASN A N   1 
ATOM   665  C CA  . ASN A 1 87  ? -3.243  3.888   -25.461 1.00 159.61 ? 180 ASN A CA  1 
ATOM   666  C C   . ASN A 1 87  ? -4.138  2.666   -25.717 1.00 154.35 ? 180 ASN A C   1 
ATOM   667  O O   . ASN A 1 87  ? -4.883  2.273   -24.813 1.00 131.26 ? 180 ASN A O   1 
ATOM   668  C CB  . ASN A 1 87  ? -2.918  4.626   -26.775 1.00 164.20 ? 180 ASN A CB  1 
ATOM   669  C CG  . ASN A 1 87  ? -2.443  6.055   -26.546 1.00 160.90 ? 180 ASN A CG  1 
ATOM   670  O OD1 . ASN A 1 87  ? -3.094  6.849   -25.860 1.00 139.29 ? 180 ASN A OD1 1 
ATOM   671  N ND2 . ASN A 1 87  ? -1.302  6.392   -27.128 1.00 164.66 ? 180 ASN A ND2 1 
ATOM   672  N N   . ALA A 1 88  ? -4.042  2.071   -26.916 1.00 153.40 ? 181 ALA A N   1 
ATOM   673  C CA  . ALA A 1 88  ? -4.792  0.859   -27.269 1.00 162.56 ? 181 ALA A CA  1 
ATOM   674  C C   . ALA A 1 88  ? -5.007  0.028   -25.998 1.00 169.42 ? 181 ALA A C   1 
ATOM   675  O O   . ALA A 1 88  ? -4.022  -0.439  -25.420 1.00 148.24 ? 181 ALA A O   1 
ATOM   676  C CB  . ALA A 1 88  ? -4.026  0.062   -28.320 1.00 159.16 ? 181 ALA A CB  1 
ATOM   677  N N   . SER A 1 89  ? -6.269  -0.147  -25.562 1.00 163.31 ? 182 SER A N   1 
ATOM   678  C CA  . SER A 1 89  ? -6.562  -0.517  -24.152 1.00 154.08 ? 182 SER A CA  1 
ATOM   679  C C   . SER A 1 89  ? -7.523  -1.676  -23.808 1.00 158.98 ? 182 SER A C   1 
ATOM   680  O O   . SER A 1 89  ? -7.287  -2.396  -22.834 1.00 150.24 ? 182 SER A O   1 
ATOM   681  C CB  . SER A 1 89  ? -7.007  0.720   -23.361 1.00 132.31 ? 182 SER A CB  1 
ATOM   682  O OG  . SER A 1 89  ? -5.970  1.102   -22.489 1.00 124.35 ? 182 SER A OG  1 
ATOM   683  N N   . LEU A 1 90  ? -8.610  -1.837  -24.547 1.00 152.77 ? 183 LEU A N   1 
ATOM   684  C CA  . LEU A 1 90  ? -9.606  -2.867  -24.188 1.00 152.21 ? 183 LEU A CA  1 
ATOM   685  C C   . LEU A 1 90  ? -8.946  -4.265  -24.059 1.00 151.26 ? 183 LEU A C   1 
ATOM   686  O O   . LEU A 1 90  ? -8.831  -4.809  -22.955 1.00 111.10 ? 183 LEU A O   1 
ATOM   687  C CB  . LEU A 1 90  ? -10.797 -2.856  -25.167 1.00 165.66 ? 183 LEU A CB  1 
ATOM   688  C CG  . LEU A 1 90  ? -10.732 -1.925  -26.405 1.00 176.49 ? 183 LEU A CG  1 
ATOM   689  C CD1 . LEU A 1 90  ? -9.831  -2.493  -27.515 1.00 168.57 ? 183 LEU A CD1 1 
ATOM   690  C CD2 . LEU A 1 90  ? -12.129 -1.582  -26.924 1.00 166.87 ? 183 LEU A CD2 1 
ATOM   691  N N   . HIS A 1 91  ? -8.481  -4.806  -25.189 1.00 166.02 ? 184 HIS A N   1 
ATOM   692  C CA  . HIS A 1 91  ? -7.689  -6.054  -25.250 1.00 157.70 ? 184 HIS A CA  1 
ATOM   693  C C   . HIS A 1 91  ? -6.401  -5.956  -24.412 1.00 150.10 ? 184 HIS A C   1 
ATOM   694  O O   . HIS A 1 91  ? -5.925  -6.950  -23.863 1.00 160.78 ? 184 HIS A O   1 
ATOM   695  C CB  . HIS A 1 91  ? -7.374  -6.403  -26.734 1.00 163.20 ? 184 HIS A CB  1 
ATOM   696  C CG  . HIS A 1 91  ? -6.415  -7.552  -26.929 1.00 177.89 ? 184 HIS A CG  1 
ATOM   697  N ND1 . HIS A 1 91  ? -6.832  -8.862  -27.076 1.00 188.20 ? 184 HIS A ND1 1 
ATOM   698  C CD2 . HIS A 1 91  ? -5.064  -7.577  -27.048 1.00 167.93 ? 184 HIS A CD2 1 
ATOM   699  C CE1 . HIS A 1 91  ? -5.779  -9.643  -27.250 1.00 173.25 ? 184 HIS A CE1 1 
ATOM   700  N NE2 . HIS A 1 91  ? -4.694  -8.889  -27.236 1.00 166.56 ? 184 HIS A NE2 1 
ATOM   701  N N   . SER A 1 92  ? -5.844  -4.754  -24.305 1.00 148.65 ? 185 SER A N   1 
ATOM   702  C CA  . SER A 1 92  ? -4.570  -4.546  -23.599 1.00 159.04 ? 185 SER A CA  1 
ATOM   703  C C   . SER A 1 92  ? -4.620  -4.906  -22.118 1.00 150.02 ? 185 SER A C   1 
ATOM   704  O O   . SER A 1 92  ? -3.673  -5.511  -21.610 1.00 134.57 ? 185 SER A O   1 
ATOM   705  C CB  . SER A 1 92  ? -4.088  -3.094  -23.740 1.00 165.30 ? 185 SER A CB  1 
ATOM   706  O OG  . SER A 1 92  ? -3.826  -2.741  -25.093 1.00 167.54 ? 185 SER A OG  1 
ATOM   707  N N   . ILE A 1 93  ? -5.710  -4.524  -21.440 1.00 160.48 ? 186 ILE A N   1 
ATOM   708  C CA  . ILE A 1 93  ? -5.912  -4.852  -20.016 1.00 151.84 ? 186 ILE A CA  1 
ATOM   709  C C   . ILE A 1 93  ? -5.818  -6.365  -19.810 1.00 132.23 ? 186 ILE A C   1 
ATOM   710  O O   . ILE A 1 93  ? -5.289  -6.825  -18.797 1.00 121.84 ? 186 ILE A O   1 
ATOM   711  C CB  . ILE A 1 93  ? -7.274  -4.353  -19.440 1.00 155.13 ? 186 ILE A CB  1 
ATOM   712  C CG1 . ILE A 1 93  ? -7.469  -2.836  -19.638 1.00 153.02 ? 186 ILE A CG1 1 
ATOM   713  C CG2 . ILE A 1 93  ? -7.400  -4.711  -17.955 1.00 147.81 ? 186 ILE A CG2 1 
ATOM   714  C CD1 . ILE A 1 93  ? -6.327  -1.968  -19.158 1.00 140.73 ? 186 ILE A CD1 1 
ATOM   715  N N   . ALA A 1 94  ? -6.326  -7.139  -20.764 1.00 117.75 ? 187 ALA A N   1 
ATOM   716  C CA  . ALA A 1 94  ? -6.147  -8.573  -20.701 1.00 114.26 ? 187 ALA A CA  1 
ATOM   717  C C   . ALA A 1 94  ? -4.659  -8.944  -20.846 1.00 119.62 ? 187 ALA A C   1 
ATOM   718  O O   . ALA A 1 94  ? -4.138  -9.757  -20.068 1.00 124.00 ? 187 ALA A O   1 
ATOM   719  C CB  . ALA A 1 94  ? -6.996  -9.257  -21.761 1.00 133.32 ? 187 ALA A CB  1 
ATOM   720  N N   . SER A 1 95  ? -3.977  -8.319  -21.809 1.00 118.08 ? 188 SER A N   1 
ATOM   721  C CA  . SER A 1 95  ? -2.558  -8.624  -22.112 1.00 133.45 ? 188 SER A CA  1 
ATOM   722  C C   . SER A 1 95  ? -1.483  -8.301  -21.031 1.00 115.35 ? 188 SER A C   1 
ATOM   723  O O   . SER A 1 95  ? -0.352  -8.763  -21.140 1.00 109.38 ? 188 SER A O   1 
ATOM   724  C CB  . SER A 1 95  ? -2.154  -7.971  -23.443 1.00 138.18 ? 188 SER A CB  1 
ATOM   725  O OG  . SER A 1 95  ? -2.885  -8.521  -24.521 1.00 142.50 ? 188 SER A OG  1 
ATOM   726  N N   . LEU A 1 96  ? -1.818  -7.520  -20.011 1.00 94.46  ? 189 LEU A N   1 
ATOM   727  C CA  . LEU A 1 96  ? -0.950  -7.404  -18.839 1.00 97.35  ? 189 LEU A CA  1 
ATOM   728  C C   . LEU A 1 96  ? -0.413  -8.732  -18.358 1.00 95.97  ? 189 LEU A C   1 
ATOM   729  O O   . LEU A 1 96  ? 0.748   -8.827  -18.002 1.00 121.54 ? 189 LEU A O   1 
ATOM   730  C CB  . LEU A 1 96  ? -1.695  -6.825  -17.655 1.00 96.71  ? 189 LEU A CB  1 
ATOM   731  C CG  . LEU A 1 96  ? -2.397  -5.477  -17.799 1.00 106.94 ? 189 LEU A CG  1 
ATOM   732  C CD1 . LEU A 1 96  ? -2.632  -4.857  -16.420 1.00 107.79 ? 189 LEU A CD1 1 
ATOM   733  C CD2 . LEU A 1 96  ? -1.582  -4.560  -18.679 1.00 100.16 ? 189 LEU A CD2 1 
ATOM   734  N N   . ALA A 1 97  ? -1.269  -9.743  -18.317 1.00 103.17 ? 190 ALA A N   1 
ATOM   735  C CA  . ALA A 1 97  ? -0.877  -11.081 -17.857 1.00 109.84 ? 190 ALA A CA  1 
ATOM   736  C C   . ALA A 1 97  ? 0.126   -11.757 -18.790 1.00 109.23 ? 190 ALA A C   1 
ATOM   737  O O   . ALA A 1 97  ? 0.609   -12.840 -18.479 1.00 116.19 ? 190 ALA A O   1 
ATOM   738  C CB  . ALA A 1 97  ? -2.093  -11.976 -17.657 1.00 122.95 ? 190 ALA A CB  1 
ATOM   739  N N   . ASN A 1 98  ? 0.429   -11.116 -19.917 1.00 106.04 ? 191 ASN A N   1 
ATOM   740  C CA  . ASN A 1 98  ? 1.567   -11.485 -20.753 1.00 106.03 ? 191 ASN A CA  1 
ATOM   741  C C   . ASN A 1 98  ? 2.750   -10.545 -20.538 1.00 103.78 ? 191 ASN A C   1 
ATOM   742  O O   . ASN A 1 98  ? 3.778   -10.971 -20.085 1.00 127.48 ? 191 ASN A O   1 
ATOM   743  C CB  . ASN A 1 98  ? 1.174   -11.450 -22.223 1.00 116.94 ? 191 ASN A CB  1 
ATOM   744  C CG  . ASN A 1 98  ? -0.173  -12.062 -22.468 1.00 117.71 ? 191 ASN A CG  1 
ATOM   745  O OD1 . ASN A 1 98  ? -1.021  -11.451 -23.127 1.00 127.83 ? 191 ASN A OD1 1 
ATOM   746  N ND2 . ASN A 1 98  ? -0.395  -13.266 -21.916 1.00 92.45  ? 191 ASN A ND2 1 
ATOM   747  N N   . TYR A 1 99  ? 2.607   -9.269  -20.860 1.00 94.28  ? 192 TYR A N   1 
ATOM   748  C CA  . TYR A 1 99  ? 3.675   -8.318  -20.624 1.00 91.72  ? 192 TYR A CA  1 
ATOM   749  C C   . TYR A 1 99  ? 4.252   -8.405  -19.203 1.00 85.43  ? 192 TYR A C   1 
ATOM   750  O O   . TYR A 1 99  ? 3.634   -8.920  -18.246 1.00 86.45  ? 192 TYR A O   1 
ATOM   751  C CB  . TYR A 1 99  ? 3.251   -6.888  -20.990 1.00 97.12  ? 192 TYR A CB  1 
ATOM   752  C CG  . TYR A 1 99  ? 3.048   -6.741  -22.489 1.00 110.08 ? 192 TYR A CG  1 
ATOM   753  C CD1 . TYR A 1 99  ? 3.978   -6.083  -23.279 1.00 109.07 ? 192 TYR A CD1 1 
ATOM   754  C CD2 . TYR A 1 99  ? 1.929   -7.299  -23.126 1.00 120.13 ? 192 TYR A CD2 1 
ATOM   755  C CE1 . TYR A 1 99  ? 3.806   -5.979  -24.657 1.00 121.98 ? 192 TYR A CE1 1 
ATOM   756  C CE2 . TYR A 1 99  ? 1.744   -7.182  -24.493 1.00 123.02 ? 192 TYR A CE2 1 
ATOM   757  C CZ  . TYR A 1 99  ? 2.690   -6.531  -25.256 1.00 120.43 ? 192 TYR A CZ  1 
ATOM   758  O OH  . TYR A 1 99  ? 2.516   -6.432  -26.613 1.00 124.47 ? 192 TYR A OH  1 
ATOM   759  N N   . ARG A 1 100 ? 5.497   -7.974  -19.108 1.00 86.02  ? 193 ARG A N   1 
ATOM   760  C CA  . ARG A 1 100 ? 6.297   -8.255  -17.937 1.00 94.29  ? 193 ARG A CA  1 
ATOM   761  C C   . ARG A 1 100 ? 5.941   -7.210  -16.911 1.00 101.52 ? 193 ARG A C   1 
ATOM   762  O O   . ARG A 1 100 ? 5.762   -6.026  -17.274 1.00 94.91  ? 193 ARG A O   1 
ATOM   763  C CB  . ARG A 1 100 ? 7.787   -8.159  -18.246 1.00 94.24  ? 193 ARG A CB  1 
ATOM   764  C CG  . ARG A 1 100 ? 8.559   -7.908  -16.971 1.00 99.96  ? 193 ARG A CG  1 
ATOM   765  C CD  . ARG A 1 100 ? 10.026  -7.640  -17.137 1.00 97.48  ? 193 ARG A CD  1 
ATOM   766  N NE  . ARG A 1 100 ? 10.650  -8.744  -17.826 1.00 96.99  ? 193 ARG A NE  1 
ATOM   767  C CZ  . ARG A 1 100 ? 11.172  -8.649  -19.035 1.00 88.88  ? 193 ARG A CZ  1 
ATOM   768  N NH1 . ARG A 1 100 ? 11.192  -7.481  -19.679 1.00 77.72  ? 193 ARG A NH1 1 
ATOM   769  N NH2 . ARG A 1 100 ? 11.708  -9.716  -19.575 1.00 78.80  ? 193 ARG A NH2 1 
ATOM   770  N N   . GLN A 1 101 ? 5.897   -7.644  -15.646 1.00 90.08  ? 194 GLN A N   1 
ATOM   771  C CA  . GLN A 1 101 ? 5.435   -6.805  -14.555 1.00 100.07 ? 194 GLN A CA  1 
ATOM   772  C C   . GLN A 1 101 ? 6.517   -6.610  -13.481 1.00 93.97  ? 194 GLN A C   1 
ATOM   773  O O   . GLN A 1 101 ? 7.177   -7.545  -13.138 1.00 86.66  ? 194 GLN A O   1 
ATOM   774  C CB  . GLN A 1 101 ? 4.199   -7.460  -13.917 1.00 101.47 ? 194 GLN A CB  1 
ATOM   775  C CG  . GLN A 1 101 ? 3.546   -6.602  -12.843 1.00 102.74 ? 194 GLN A CG  1 
ATOM   776  C CD  . GLN A 1 101 ? 2.481   -7.301  -12.027 1.00 97.61  ? 194 GLN A CD  1 
ATOM   777  O OE1 . GLN A 1 101 ? 2.005   -8.406  -12.358 1.00 90.37  ? 194 GLN A OE1 1 
ATOM   778  N NE2 . GLN A 1 101 ? 2.074   -6.637  -10.949 1.00 97.40  ? 194 GLN A NE2 1 
ATOM   779  N N   . ILE A 1 102 ? 6.650   -5.414  -12.923 1.00 87.94  ? 195 ILE A N   1 
ATOM   780  C CA  . ILE A 1 102 ? 7.597   -5.168  -11.829 1.00 86.09  ? 195 ILE A CA  1 
ATOM   781  C C   . ILE A 1 102 ? 6.877   -5.230  -10.488 1.00 82.59  ? 195 ILE A C   1 
ATOM   782  O O   . ILE A 1 102 ? 6.229   -4.278  -10.084 1.00 97.54  ? 195 ILE A O   1 
ATOM   783  C CB  . ILE A 1 102 ? 8.298   -3.794  -11.972 1.00 87.77  ? 195 ILE A CB  1 
ATOM   784  C CG1 . ILE A 1 102 ? 8.849   -3.549  -13.390 1.00 94.23  ? 195 ILE A CG1 1 
ATOM   785  C CG2 . ILE A 1 102 ? 9.440   -3.702  -11.008 1.00 87.20  ? 195 ILE A CG2 1 
ATOM   786  C CD1 . ILE A 1 102 ? 9.548   -4.734  -14.035 1.00 97.76  ? 195 ILE A CD1 1 
ATOM   787  N N   . SER A 1 103 ? 6.980   -6.359  -9.797  1.00 89.88  ? 196 SER A N   1 
ATOM   788  C CA  . SER A 1 103 ? 6.270   -6.572  -8.528  1.00 83.40  ? 196 SER A CA  1 
ATOM   789  C C   . SER A 1 103 ? 7.084   -6.360  -7.249  1.00 91.14  ? 196 SER A C   1 
ATOM   790  O O   . SER A 1 103 ? 8.306   -6.257  -7.230  1.00 88.21  ? 196 SER A O   1 
ATOM   791  C CB  . SER A 1 103 ? 5.566   -7.937  -8.506  1.00 76.62  ? 196 SER A CB  1 
ATOM   792  O OG  . SER A 1 103 ? 4.603   -7.990  -9.598  1.00 94.99  ? 196 SER A OG  1 
ATOM   793  N N   . LEU A 1 104 ? 6.341   -6.237  -6.173  1.00 94.70  ? 197 LEU A N   1 
ATOM   794  C CA  . LEU A 1 104 ? 6.899   -5.966  -4.904  1.00 92.64  ? 197 LEU A CA  1 
ATOM   795  C C   . LEU A 1 104 ? 7.202   -7.346  -4.426  1.00 96.59  ? 197 LEU A C   1 
ATOM   796  O O   . LEU A 1 104 ? 6.361   -8.242  -4.556  1.00 97.54  ? 197 LEU A O   1 
ATOM   797  C CB  . LEU A 1 104 ? 5.863   -5.268  -4.007  1.00 100.25 ? 197 LEU A CB  1 
ATOM   798  C CG  . LEU A 1 104 ? 6.216   -3.901  -3.384  1.00 97.08  ? 197 LEU A CG  1 
ATOM   799  C CD1 . LEU A 1 104 ? 7.041   -3.068  -4.335  1.00 94.53  ? 197 LEU A CD1 1 
ATOM   800  C CD2 . LEU A 1 104 ? 4.935   -3.150  -3.032  1.00 103.33 ? 197 LEU A CD2 1 
ATOM   801  N N   . GLY A 1 105 ? 8.418   -7.525  -3.920  1.00 103.66 ? 198 GLY A N   1 
ATOM   802  C CA  . GLY A 1 105 ? 8.863   -8.810  -3.417  1.00 93.49  ? 198 GLY A CA  1 
ATOM   803  C C   . GLY A 1 105 ? 8.700   -8.854  -1.929  1.00 95.47  ? 198 GLY A C   1 
ATOM   804  O O   . GLY A 1 105 ? 8.672   -7.811  -1.275  1.00 118.02 ? 198 GLY A O   1 
ATOM   805  N N   . SER A 1 106 ? 8.615   -10.068 -1.395  1.00 106.08 ? 199 SER A N   1 
ATOM   806  C CA  . SER A 1 106 ? 8.516   -10.339 0.046   1.00 103.33 ? 199 SER A CA  1 
ATOM   807  C C   . SER A 1 106 ? 9.701   -11.155 0.548   1.00 113.31 ? 199 SER A C   1 
ATOM   808  O O   . SER A 1 106 ? 10.140  -12.099 -0.131  1.00 119.48 ? 199 SER A O   1 
ATOM   809  C CB  . SER A 1 106 ? 7.264   -11.182 0.292   1.00 107.93 ? 199 SER A CB  1 
ATOM   810  O OG  . SER A 1 106 ? 7.273   -12.373 -0.503  1.00 95.24  ? 199 SER A OG  1 
ATOM   811  N N   . ARG A 1 107 ? 10.192  -10.835 1.742   1.00 109.96 ? 200 ARG A N   1 
ATOM   812  C CA  . ARG A 1 107 ? 11.125  -11.748 2.445   1.00 124.47 ? 200 ARG A CA  1 
ATOM   813  C C   . ARG A 1 107 ? 10.616  -13.210 2.558   1.00 109.68 ? 200 ARG A C   1 
ATOM   814  O O   . ARG A 1 107 ? 11.382  -14.137 2.455   1.00 104.00 ? 200 ARG A O   1 
ATOM   815  C CB  . ARG A 1 107 ? 11.495  -11.219 3.848   1.00 127.04 ? 200 ARG A CB  1 
ATOM   816  C CG  . ARG A 1 107 ? 12.582  -10.152 3.841   1.00 134.57 ? 200 ARG A CG  1 
ATOM   817  C CD  . ARG A 1 107 ? 12.033  -8.756  4.040   1.00 130.53 ? 200 ARG A CD  1 
ATOM   818  N NE  . ARG A 1 107 ? 11.977  -8.455  5.472   1.00 146.83 ? 200 ARG A NE  1 
ATOM   819  C CZ  . ARG A 1 107 ? 12.842  -7.689  6.140   1.00 152.98 ? 200 ARG A CZ  1 
ATOM   820  N NH1 . ARG A 1 107 ? 13.866  -7.088  5.531   1.00 139.43 ? 200 ARG A NH1 1 
ATOM   821  N NH2 . ARG A 1 107 ? 12.671  -7.508  7.446   1.00 158.70 ? 200 ARG A NH2 1 
ATOM   822  N N   . SER A 1 108 ? 9.328   -13.420 2.762   1.00 109.23 ? 201 SER A N   1 
ATOM   823  C CA  . SER A 1 108 ? 8.808   -14.773 2.857   1.00 110.38 ? 201 SER A CA  1 
ATOM   824  C C   . SER A 1 108 ? 8.566   -15.406 1.471   1.00 111.12 ? 201 SER A C   1 
ATOM   825  O O   . SER A 1 108 ? 7.809   -16.375 1.373   1.00 116.31 ? 201 SER A O   1 
ATOM   826  C CB  . SER A 1 108 ? 7.527   -14.787 3.719   1.00 113.76 ? 201 SER A CB  1 
ATOM   827  O OG  . SER A 1 108 ? 6.640   -13.720 3.402   1.00 114.50 ? 201 SER A OG  1 
ATOM   828  N N   . GLY A 1 109 ? 9.206   -14.870 0.419   1.00 101.99 ? 202 GLY A N   1 
ATOM   829  C CA  . GLY A 1 109 ? 8.872   -15.190 -0.993  1.00 102.39 ? 202 GLY A CA  1 
ATOM   830  C C   . GLY A 1 109 ? 7.388   -15.376 -1.327  1.00 105.95 ? 202 GLY A C   1 
ATOM   831  O O   . GLY A 1 109 ? 7.027   -15.691 -2.464  1.00 96.20  ? 202 GLY A O   1 
ATOM   832  N N   . GLN A 1 110 ? 6.533   -15.132 -0.331  1.00 111.82 ? 203 GLN A N   1 
ATOM   833  C CA  . GLN A 1 110 ? 5.116   -15.451 -0.353  1.00 112.18 ? 203 GLN A CA  1 
ATOM   834  C C   . GLN A 1 110 ? 4.308   -14.179 -0.627  1.00 108.88 ? 203 GLN A C   1 
ATOM   835  O O   . GLN A 1 110 ? 4.783   -13.097 -0.312  1.00 111.32 ? 203 GLN A O   1 
ATOM   836  C CB  . GLN A 1 110 ? 4.728   -15.997 1.027   1.00 124.18 ? 203 GLN A CB  1 
ATOM   837  C CG  . GLN A 1 110 ? 4.829   -17.505 1.169   1.00 141.20 ? 203 GLN A CG  1 
ATOM   838  C CD  . GLN A 1 110 ? 3.658   -18.235 0.521   1.00 141.64 ? 203 GLN A CD  1 
ATOM   839  O OE1 . GLN A 1 110 ? 3.329   -18.005 -0.646  1.00 149.63 ? 203 GLN A OE1 1 
ATOM   840  N NE2 . GLN A 1 110 ? 3.021   -19.114 1.281   1.00 143.92 ? 203 GLN A NE2 1 
ATOM   841  N N   . HIS A 1 111 ? 3.098   -14.312 -1.193  1.00 108.84 ? 204 HIS A N   1 
ATOM   842  C CA  . HIS A 1 111 ? 2.217   -13.155 -1.521  1.00 103.16 ? 204 HIS A CA  1 
ATOM   843  C C   . HIS A 1 111 ? 0.725   -13.410 -1.301  1.00 92.53  ? 204 HIS A C   1 
ATOM   844  O O   . HIS A 1 111 ? 0.184   -14.387 -1.808  1.00 101.81 ? 204 HIS A O   1 
ATOM   845  C CB  . HIS A 1 111 ? 2.373   -12.709 -2.993  1.00 98.34  ? 204 HIS A CB  1 
ATOM   846  C CG  . HIS A 1 111 ? 3.785   -12.421 -3.408  1.00 119.87 ? 204 HIS A CG  1 
ATOM   847  N ND1 . HIS A 1 111 ? 4.322   -11.148 -3.394  1.00 114.25 ? 204 HIS A ND1 1 
ATOM   848  C CD2 . HIS A 1 111 ? 4.769   -13.245 -3.858  1.00 121.48 ? 204 HIS A CD2 1 
ATOM   849  C CE1 . HIS A 1 111 ? 5.579   -11.203 -3.803  1.00 123.47 ? 204 HIS A CE1 1 
ATOM   850  N NE2 . HIS A 1 111 ? 5.873   -12.463 -4.090  1.00 131.40 ? 204 HIS A NE2 1 
ATOM   851  N N   . SER A 1 112 ? 0.028   -12.487 -0.627  1.00 102.33 ? 205 SER A N   1 
ATOM   852  C CA  . SER A 1 112 ? -1.450  -12.533 -0.638  1.00 98.16  ? 205 SER A CA  1 
ATOM   853  C C   . SER A 1 112 ? -1.978  -12.481 -2.081  1.00 93.29  ? 205 SER A C   1 
ATOM   854  O O   . SER A 1 112 ? -1.277  -12.039 -3.002  1.00 82.44  ? 205 SER A O   1 
ATOM   855  C CB  . SER A 1 112 ? -2.048  -11.372 0.119   1.00 91.35  ? 205 SER A CB  1 
ATOM   856  O OG  . SER A 1 112 ? -1.807  -10.190 -0.619  1.00 99.49  ? 205 SER A OG  1 
ATOM   857  N N   . ASN A 1 113 ? -3.213  -12.916 -2.266  1.00 89.14  ? 206 ASN A N   1 
ATOM   858  C CA  . ASN A 1 113 ? -3.947  -12.670 -3.539  1.00 100.95 ? 206 ASN A CA  1 
ATOM   859  C C   . ASN A 1 113 ? -3.996  -11.227 -3.933  1.00 91.20  ? 206 ASN A C   1 
ATOM   860  O O   . ASN A 1 113 ? -3.999  -10.891 -5.113  1.00 103.84 ? 206 ASN A O   1 
ATOM   861  C CB  . ASN A 1 113 ? -5.381  -13.172 -3.456  1.00 89.91  ? 206 ASN A CB  1 
ATOM   862  C CG  . ASN A 1 113 ? -5.440  -14.663 -3.255  1.00 99.78  ? 206 ASN A CG  1 
ATOM   863  O OD1 . ASN A 1 113 ? -4.411  -15.369 -3.311  1.00 119.74 ? 206 ASN A OD1 1 
ATOM   864  N ND2 . ASN A 1 113 ? -6.626  -15.152 -3.006  1.00 102.11 ? 206 ASN A ND2 1 
ATOM   865  N N   . LEU A 1 114 ? -4.008  -10.380 -2.918  1.00 94.30  ? 207 LEU A N   1 
ATOM   866  C CA  . LEU A 1 114 ? -4.037  -8.963  -3.113  1.00 87.74  ? 207 LEU A CA  1 
ATOM   867  C C   . LEU A 1 114 ? -2.767  -8.451  -3.789  1.00 86.76  ? 207 LEU A C   1 
ATOM   868  O O   . LEU A 1 114 ? -2.854  -7.645  -4.747  1.00 87.20  ? 207 LEU A O   1 
ATOM   869  C CB  . LEU A 1 114 ? -4.264  -8.292  -1.756  1.00 94.15  ? 207 LEU A CB  1 
ATOM   870  C CG  . LEU A 1 114 ? -4.955  -6.925  -1.668  1.00 78.67  ? 207 LEU A CG  1 
ATOM   871  C CD1 . LEU A 1 114 ? -3.944  -5.861  -1.304  1.00 84.82  ? 207 LEU A CD1 1 
ATOM   872  C CD2 . LEU A 1 114 ? -5.701  -6.559  -2.943  1.00 82.32  ? 207 LEU A CD2 1 
ATOM   873  N N   . LEU A 1 115 ? -1.603  -8.902  -3.316  1.00 71.05  ? 208 LEU A N   1 
ATOM   874  C CA  . LEU A 1 115 ? -0.322  -8.513  -3.948  1.00 76.48  ? 208 LEU A CA  1 
ATOM   875  C C   . LEU A 1 115 ? 0.456   -9.558  -4.828  1.00 75.39  ? 208 LEU A C   1 
ATOM   876  O O   . LEU A 1 115 ? 1.429   -9.182  -5.500  1.00 77.32  ? 208 LEU A O   1 
ATOM   877  C CB  . LEU A 1 115 ? 0.609   -7.933  -2.873  1.00 86.53  ? 208 LEU A CB  1 
ATOM   878  C CG  . LEU A 1 115 ? -0.112  -7.073  -1.833  1.00 89.32  ? 208 LEU A CG  1 
ATOM   879  C CD1 . LEU A 1 115 ? 0.852   -6.630  -0.751  1.00 105.81 ? 208 LEU A CD1 1 
ATOM   880  C CD2 . LEU A 1 115 ? -0.721  -5.833  -2.441  1.00 104.41 ? 208 LEU A CD2 1 
ATOM   881  N N   . ARG A 1 116 ? 0.054   -10.832 -4.865  1.00 83.14  ? 209 ARG A N   1 
ATOM   882  C CA  . ARG A 1 116 ? 0.483   -11.728 -5.968  1.00 91.96  ? 209 ARG A CA  1 
ATOM   883  C C   . ARG A 1 116 ? 0.540   -10.971 -7.280  1.00 90.48  ? 209 ARG A C   1 
ATOM   884  O O   . ARG A 1 116 ? -0.349  -10.180 -7.562  1.00 82.18  ? 209 ARG A O   1 
ATOM   885  C CB  . ARG A 1 116 ? -0.494  -12.880 -6.211  1.00 107.38 ? 209 ARG A CB  1 
ATOM   886  C CG  . ARG A 1 116 ? -0.148  -14.184 -5.510  1.00 137.73 ? 209 ARG A CG  1 
ATOM   887  C CD  . ARG A 1 116 ? -1.332  -15.149 -5.441  1.00 147.94 ? 209 ARG A CD  1 
ATOM   888  N NE  . ARG A 1 116 ? -1.095  -16.181 -4.434  1.00 154.36 ? 209 ARG A NE  1 
ATOM   889  C CZ  . ARG A 1 116 ? -0.194  -17.164 -4.550  1.00 176.14 ? 209 ARG A CZ  1 
ATOM   890  N NH1 . ARG A 1 116 ? 0.580   -17.274 -5.629  1.00 173.50 ? 209 ARG A NH1 1 
ATOM   891  N NH2 . ARG A 1 116 ? -0.055  -18.057 -3.576  1.00 185.07 ? 209 ARG A NH2 1 
ATOM   892  N N   . PRO A 1 117 ? 1.557   -11.250 -8.108  1.00 91.27  ? 210 PRO A N   1 
ATOM   893  C CA  . PRO A 1 117 ? 1.631   -10.719 -9.469  1.00 84.85  ? 210 PRO A CA  1 
ATOM   894  C C   . PRO A 1 117 ? 0.547   -11.250 -10.381 1.00 82.30  ? 210 PRO A C   1 
ATOM   895  O O   . PRO A 1 117 ? -0.115  -12.222 -10.073 1.00 83.31  ? 210 PRO A O   1 
ATOM   896  C CB  . PRO A 1 117 ? 2.988   -11.192 -9.943  1.00 87.94  ? 210 PRO A CB  1 
ATOM   897  C CG  . PRO A 1 117 ? 3.778   -11.416 -8.681  1.00 86.51  ? 210 PRO A CG  1 
ATOM   898  C CD  . PRO A 1 117 ? 2.777   -11.994 -7.754  1.00 89.38  ? 210 PRO A CD  1 
ATOM   899  N N   . VAL A 1 118 ? 0.312   -10.602 -11.497 1.00 85.97  ? 211 VAL A N   1 
ATOM   900  C CA  . VAL A 1 118 ? -0.842  -11.023 -12.297 1.00 97.45  ? 211 VAL A CA  1 
ATOM   901  C C   . VAL A 1 118 ? -0.365  -11.737 -13.579 1.00 94.08  ? 211 VAL A C   1 
ATOM   902  O O   . VAL A 1 118 ? -1.112  -12.500 -14.199 1.00 107.94 ? 211 VAL A O   1 
ATOM   903  C CB  . VAL A 1 118 ? -1.812  -9.813  -12.531 1.00 90.41  ? 211 VAL A CB  1 
ATOM   904  C CG1 . VAL A 1 118 ? -1.760  -8.897  -11.326 1.00 100.48 ? 211 VAL A CG1 1 
ATOM   905  C CG2 . VAL A 1 118 ? -1.468  -9.007  -13.784 1.00 82.13  ? 211 VAL A CG2 1 
ATOM   906  N N   . SER A 1 119 ? 0.877   -11.458 -13.967 1.00 103.71 ? 212 SER A N   1 
ATOM   907  C CA  . SER A 1 119 ? 1.526   -12.104 -15.090 1.00 113.51 ? 212 SER A CA  1 
ATOM   908  C C   . SER A 1 119 ? 2.745   -12.822 -14.574 1.00 117.19 ? 212 SER A C   1 
ATOM   909  O O   . SER A 1 119 ? 3.517   -12.234 -13.809 1.00 102.32 ? 212 SER A O   1 
ATOM   910  C CB  . SER A 1 119 ? 1.978   -11.065 -16.136 1.00 114.86 ? 212 SER A CB  1 
ATOM   911  O OG  . SER A 1 119 ? 3.206   -10.442 -15.828 1.00 101.50 ? 212 SER A OG  1 
ATOM   912  N N   . ASP A 1 120 ? 2.913   -14.083 -14.979 1.00 121.63 ? 213 ASP A N   1 
ATOM   913  C CA  . ASP A 1 120 ? 4.275   -14.612 -15.177 1.00 128.25 ? 213 ASP A CA  1 
ATOM   914  C C   . ASP A 1 120 ? 4.684   -13.990 -16.496 1.00 119.39 ? 213 ASP A C   1 
ATOM   915  O O   . ASP A 1 120 ? 3.822   -13.790 -17.358 1.00 123.32 ? 213 ASP A O   1 
ATOM   916  C CB  . ASP A 1 120 ? 4.360   -16.143 -15.258 1.00 124.33 ? 213 ASP A CB  1 
ATOM   917  C CG  . ASP A 1 120 ? 3.202   -16.759 -16.022 1.00 129.87 ? 213 ASP A CG  1 
ATOM   918  O OD1 . ASP A 1 120 ? 2.847   -16.250 -17.121 1.00 118.08 ? 213 ASP A OD1 1 
ATOM   919  O OD2 . ASP A 1 120 ? 2.628   -17.741 -15.497 1.00 130.60 ? 213 ASP A OD2 1 
ATOM   920  N N   . LYS A 1 121 ? 5.951   -13.629 -16.652 1.00 108.37 ? 214 LYS A N   1 
ATOM   921  C CA  . LYS A 1 121 ? 6.932   -13.684 -15.583 1.00 129.55 ? 214 LYS A CA  1 
ATOM   922  C C   . LYS A 1 121 ? 7.049   -12.236 -15.098 1.00 117.33 ? 214 LYS A C   1 
ATOM   923  O O   . LYS A 1 121 ? 6.386   -11.323 -15.621 1.00 89.13  ? 214 LYS A O   1 
ATOM   924  C CB  . LYS A 1 121 ? 8.296   -14.267 -16.059 1.00 158.24 ? 214 LYS A CB  1 
ATOM   925  C CG  . LYS A 1 121 ? 8.557   -15.767 -15.792 1.00 151.59 ? 214 LYS A CG  1 
ATOM   926  C CD  . LYS A 1 121 ? 9.380   -16.440 -16.916 1.00 144.06 ? 214 LYS A CD  1 
ATOM   927  C CE  . LYS A 1 121 ? 10.755  -15.794 -17.160 1.00 135.74 ? 214 LYS A CE  1 
ATOM   928  N NZ  . LYS A 1 121 ? 11.303  -15.996 -18.548 1.00 121.09 ? 214 LYS A NZ  1 
ATOM   929  N N   . VAL A 1 122 ? 7.875   -12.061 -14.065 1.00 112.21 ? 215 VAL A N   1 
ATOM   930  C CA  . VAL A 1 122 ? 7.975   -10.818 -13.317 1.00 95.10  ? 215 VAL A CA  1 
ATOM   931  C C   . VAL A 1 122 ? 9.413   -10.584 -12.865 1.00 96.93  ? 215 VAL A C   1 
ATOM   932  O O   . VAL A 1 122 ? 10.229  -11.490 -12.804 1.00 117.23 ? 215 VAL A O   1 
ATOM   933  C CB  . VAL A 1 122 ? 7.006   -10.810 -12.092 1.00 97.15  ? 215 VAL A CB  1 
ATOM   934  C CG1 . VAL A 1 122 ? 6.101   -12.041 -12.036 1.00 96.49  ? 215 VAL A CG1 1 
ATOM   935  C CG2 . VAL A 1 122 ? 7.739   -10.640 -10.765 1.00 109.72 ? 215 VAL A CG2 1 
ATOM   936  N N   . LEU A 1 123 ? 9.721   -9.344  -12.569 1.00 88.82  ? 216 LEU A N   1 
ATOM   937  C CA  . LEU A 1 123 ? 10.971  -8.992  -11.984 1.00 105.61 ? 216 LEU A CA  1 
ATOM   938  C C   . LEU A 1 123 ? 10.570  -8.485  -10.594 1.00 103.84 ? 216 LEU A C   1 
ATOM   939  O O   . LEU A 1 123 ? 9.716   -7.633  -10.495 1.00 113.71 ? 216 LEU A O   1 
ATOM   940  C CB  . LEU A 1 123 ? 11.614  -7.907  -12.842 1.00 111.28 ? 216 LEU A CB  1 
ATOM   941  C CG  . LEU A 1 123 ? 13.109  -7.980  -13.124 1.00 126.10 ? 216 LEU A CG  1 
ATOM   942  C CD1 . LEU A 1 123 ? 13.455  -6.760  -13.960 1.00 126.19 ? 216 LEU A CD1 1 
ATOM   943  C CD2 . LEU A 1 123 ? 13.948  -8.044  -11.842 1.00 127.94 ? 216 LEU A CD2 1 
ATOM   944  N N   . PHE A 1 124 ? 11.120  -9.028  -9.516  1.00 98.87  ? 217 PHE A N   1 
ATOM   945  C CA  . PHE A 1 124 ? 10.781  -8.497  -8.205  1.00 87.45  ? 217 PHE A CA  1 
ATOM   946  C C   . PHE A 1 124 ? 11.713  -7.374  -7.795  1.00 89.35  ? 217 PHE A C   1 
ATOM   947  O O   . PHE A 1 124 ? 12.862  -7.352  -8.167  1.00 106.37 ? 217 PHE A O   1 
ATOM   948  C CB  . PHE A 1 124 ? 10.817  -9.575  -7.162  1.00 86.34  ? 217 PHE A CB  1 
ATOM   949  C CG  . PHE A 1 124 ? 9.670   -10.534 -7.235  1.00 83.92  ? 217 PHE A CG  1 
ATOM   950  C CD1 . PHE A 1 124 ? 8.405   -10.143 -6.902  1.00 82.74  ? 217 PHE A CD1 1 
ATOM   951  C CD2 . PHE A 1 124 ? 9.870   -11.835 -7.583  1.00 77.47  ? 217 PHE A CD2 1 
ATOM   952  C CE1 . PHE A 1 124 ? 7.350   -11.032 -6.946  1.00 83.13  ? 217 PHE A CE1 1 
ATOM   953  C CE2 . PHE A 1 124 ? 8.829   -12.735 -7.623  1.00 83.78  ? 217 PHE A CE2 1 
ATOM   954  C CZ  . PHE A 1 124 ? 7.566   -12.342 -7.292  1.00 84.10  ? 217 PHE A CZ  1 
ATOM   955  N N   . VAL A 1 125 ? 11.186  -6.418  -7.045  1.00 103.52 ? 218 VAL A N   1 
ATOM   956  C CA  . VAL A 1 125 ? 11.975  -5.353  -6.418  1.00 92.55  ? 218 VAL A CA  1 
ATOM   957  C C   . VAL A 1 125 ? 11.518  -5.266  -4.971  1.00 96.01  ? 218 VAL A C   1 
ATOM   958  O O   . VAL A 1 125 ? 10.480  -5.840  -4.600  1.00 95.54  ? 218 VAL A O   1 
ATOM   959  C CB  . VAL A 1 125 ? 11.781  -3.952  -7.088  1.00 106.81 ? 218 VAL A CB  1 
ATOM   960  C CG1 . VAL A 1 125 ? 12.008  -4.005  -8.592  1.00 103.87 ? 218 VAL A CG1 1 
ATOM   961  C CG2 . VAL A 1 125 ? 10.398  -3.363  -6.819  1.00 108.85 ? 218 VAL A CG2 1 
ATOM   962  N N   . GLU A 1 126 ? 12.262  -4.519  -4.163  1.00 97.14  ? 219 GLU A N   1 
ATOM   963  C CA  . GLU A 1 126 ? 11.946  -4.404  -2.755  1.00 97.95  ? 219 GLU A CA  1 
ATOM   964  C C   . GLU A 1 126 ? 11.114  -3.185  -2.428  1.00 101.57 ? 219 GLU A C   1 
ATOM   965  O O   . GLU A 1 126 ? 10.577  -3.085  -1.319  1.00 101.31 ? 219 GLU A O   1 
ATOM   966  C CB  . GLU A 1 126 ? 13.231  -4.350  -1.951  1.00 117.44 ? 219 GLU A CB  1 
ATOM   967  C CG  . GLU A 1 126 ? 13.926  -5.695  -1.871  1.00 131.90 ? 219 GLU A CG  1 
ATOM   968  C CD  . GLU A 1 126 ? 15.302  -5.587  -1.263  1.00 140.04 ? 219 GLU A CD  1 
ATOM   969  O OE1 . GLU A 1 126 ? 15.582  -4.556  -0.614  1.00 143.50 ? 219 GLU A OE1 1 
ATOM   970  O OE2 . GLU A 1 126 ? 16.100  -6.528  -1.441  1.00 136.25 ? 219 GLU A OE2 1 
ATOM   971  N N   . ASN A 1 127 ? 11.020  -2.236  -3.354  1.00 80.34  ? 220 ASN A N   1 
ATOM   972  C CA  . ASN A 1 127 ? 10.374  -1.014  -3.007  1.00 89.86  ? 220 ASN A CA  1 
ATOM   973  C C   . ASN A 1 127 ? 9.893   -0.177  -4.205  1.00 85.51  ? 220 ASN A C   1 
ATOM   974  O O   . ASN A 1 127 ? 10.411  -0.285  -5.308  1.00 81.29  ? 220 ASN A O   1 
ATOM   975  C CB  . ASN A 1 127 ? 11.340  -0.228  -2.133  1.00 76.32  ? 220 ASN A CB  1 
ATOM   976  C CG  . ASN A 1 127 ? 12.408  0.470   -2.940  1.00 85.71  ? 220 ASN A CG  1 
ATOM   977  O OD1 . ASN A 1 127 ? 13.223  -0.150  -3.555  1.00 81.61  ? 220 ASN A OD1 1 
ATOM   978  N ND2 . ASN A 1 127 ? 12.384  1.781   -2.943  1.00 110.57 ? 220 ASN A ND2 1 
ATOM   979  N N   . PHE A 1 128 ? 8.933   0.705   -3.971  1.00 77.58  ? 221 PHE A N   1 
ATOM   980  C CA  . PHE A 1 128 ? 8.424   1.545   -5.089  1.00 74.83  ? 221 PHE A CA  1 
ATOM   981  C C   . PHE A 1 128 ? 9.404   2.357   -5.871  1.00 83.46  ? 221 PHE A C   1 
ATOM   982  O O   . PHE A 1 128 ? 9.176   2.602   -7.045  1.00 91.50  ? 221 PHE A O   1 
ATOM   983  C CB  . PHE A 1 128 ? 7.221   2.415   -4.651  1.00 65.43  ? 221 PHE A CB  1 
ATOM   984  C CG  . PHE A 1 128 ? 6.016   1.575   -4.315  1.00 61.49  ? 221 PHE A CG  1 
ATOM   985  C CD1 . PHE A 1 128 ? 5.381   1.699   -3.158  1.00 56.52  ? 221 PHE A CD1 1 
ATOM   986  C CD2 . PHE A 1 128 ? 5.597   0.569   -5.185  1.00 80.68  ? 221 PHE A CD2 1 
ATOM   987  C CE1 . PHE A 1 128 ? 4.300   0.900   -2.821  1.00 52.68  ? 221 PHE A CE1 1 
ATOM   988  C CE2 . PHE A 1 128 ? 4.519   -0.216  -4.880  1.00 75.12  ? 221 PHE A CE2 1 
ATOM   989  C CZ  . PHE A 1 128 ? 3.875   -0.061  -3.690  1.00 67.52  ? 221 PHE A CZ  1 
ATOM   990  N N   . ASP A 1 129 ? 10.515  2.748   -5.260  1.00 100.86 ? 222 ASP A N   1 
ATOM   991  C CA  . ASP A 1 129 ? 11.492  3.550   -5.996  1.00 94.39  ? 222 ASP A CA  1 
ATOM   992  C C   . ASP A 1 129 ? 12.101  2.696   -7.051  1.00 92.15  ? 222 ASP A C   1 
ATOM   993  O O   . ASP A 1 129 ? 12.163  3.101   -8.209  1.00 95.57  ? 222 ASP A O   1 
ATOM   994  C CB  . ASP A 1 129 ? 12.545  4.092   -5.079  1.00 98.01  ? 222 ASP A CB  1 
ATOM   995  C CG  . ASP A 1 129 ? 11.953  4.988   -4.010  1.00 110.40 ? 222 ASP A CG  1 
ATOM   996  O OD1 . ASP A 1 129 ? 11.754  4.521   -2.868  1.00 101.39 ? 222 ASP A OD1 1 
ATOM   997  O OD2 . ASP A 1 129 ? 11.640  6.156   -4.341  1.00 106.58 ? 222 ASP A OD2 1 
ATOM   998  N N   . ASP A 1 130 ? 12.485  1.482   -6.655  1.00 83.49  ? 223 ASP A N   1 
ATOM   999  C CA  . ASP A 1 130 ? 13.088  0.540   -7.589  1.00 87.67  ? 223 ASP A CA  1 
ATOM   1000 C C   . ASP A 1 130 ? 12.091  0.030   -8.604  1.00 97.53  ? 223 ASP A C   1 
ATOM   1001 O O   . ASP A 1 130 ? 12.476  -0.455  -9.657  1.00 92.42  ? 223 ASP A O   1 
ATOM   1002 C CB  . ASP A 1 130 ? 13.650  -0.699  -6.876  1.00 93.30  ? 223 ASP A CB  1 
ATOM   1003 C CG  . ASP A 1 130 ? 14.879  -0.411  -6.034  1.00 95.97  ? 223 ASP A CG  1 
ATOM   1004 O OD1 . ASP A 1 130 ? 15.345  -1.398  -5.440  1.00 111.04 ? 223 ASP A OD1 1 
ATOM   1005 O OD2 . ASP A 1 130 ? 15.374  0.745   -5.935  1.00 91.11  ? 223 ASP A OD2 1 
ATOM   1006 N N   . MET A 1 131 ? 10.809  0.082   -8.272  1.00 102.85 ? 224 MET A N   1 
ATOM   1007 C CA  . MET A 1 131 ? 9.829   -0.355  -9.211  1.00 91.77  ? 224 MET A CA  1 
ATOM   1008 C C   . MET A 1 131 ? 9.785   0.580   -10.404 1.00 91.52  ? 224 MET A C   1 
ATOM   1009 O O   . MET A 1 131 ? 9.722   0.145   -11.561 1.00 78.66  ? 224 MET A O   1 
ATOM   1010 C CB  . MET A 1 131 ? 8.461   -0.380  -8.576  1.00 96.66  ? 224 MET A CB  1 
ATOM   1011 C CG  . MET A 1 131 ? 7.411   -0.683  -9.634  1.00 77.12  ? 224 MET A CG  1 
ATOM   1012 S SD  . MET A 1 131 ? 5.817   -0.713  -8.895  1.00 78.16  ? 224 MET A SD  1 
ATOM   1013 C CE  . MET A 1 131 ? 5.907   -2.062  -7.756  1.00 80.50  ? 224 MET A CE  1 
ATOM   1014 N N   . LEU A 1 132 ? 9.792   1.865   -10.092 1.00 85.63  ? 225 LEU A N   1 
ATOM   1015 C CA  . LEU A 1 132 ? 9.511   2.892   -11.060 1.00 91.62  ? 225 LEU A CA  1 
ATOM   1016 C C   . LEU A 1 132 ? 10.742  3.240   -11.829 1.00 101.02 ? 225 LEU A C   1 
ATOM   1017 O O   . LEU A 1 132 ? 10.640  3.613   -12.984 1.00 119.20 ? 225 LEU A O   1 
ATOM   1018 C CB  . LEU A 1 132 ? 8.950   4.134   -10.373 1.00 98.29  ? 225 LEU A CB  1 
ATOM   1019 C CG  . LEU A 1 132 ? 7.659   3.761   -9.632  1.00 101.93 ? 225 LEU A CG  1 
ATOM   1020 C CD1 . LEU A 1 132 ? 7.142   4.916   -8.793  1.00 101.80 ? 225 LEU A CD1 1 
ATOM   1021 C CD2 . LEU A 1 132 ? 6.583   3.258   -10.582 1.00 105.98 ? 225 LEU A CD2 1 
ATOM   1022 N N   . ARG A 1 133 ? 11.905  3.119   -11.200 1.00 118.63 ? 226 ARG A N   1 
ATOM   1023 C CA  . ARG A 1 133 ? 13.184  3.316   -11.901 1.00 120.14 ? 226 ARG A CA  1 
ATOM   1024 C C   . ARG A 1 133 ? 13.182  2.319   -13.058 1.00 106.13 ? 226 ARG A C   1 
ATOM   1025 O O   . ARG A 1 133 ? 13.229  2.688   -14.236 1.00 111.42 ? 226 ARG A O   1 
ATOM   1026 C CB  . ARG A 1 133 ? 14.372  3.101   -10.942 1.00 127.93 ? 226 ARG A CB  1 
ATOM   1027 C CG  . ARG A 1 133 ? 15.711  3.723   -11.352 1.00 146.76 ? 226 ARG A CG  1 
ATOM   1028 C CD  . ARG A 1 133 ? 16.844  3.254   -10.432 1.00 151.86 ? 226 ARG A CD  1 
ATOM   1029 N NE  . ARG A 1 133 ? 16.402  3.253   -9.034  1.00 152.45 ? 226 ARG A NE  1 
ATOM   1030 C CZ  . ARG A 1 133 ? 16.321  4.331   -8.251  1.00 149.38 ? 226 ARG A CZ  1 
ATOM   1031 N NH1 . ARG A 1 133 ? 16.699  5.528   -8.701  1.00 160.39 ? 226 ARG A NH1 1 
ATOM   1032 N NH2 . ARG A 1 133 ? 15.865  4.214   -7.001  1.00 122.71 ? 226 ARG A NH2 1 
ATOM   1033 N N   . LEU A 1 134 ? 13.075  1.051   -12.725 1.00 92.80  ? 227 LEU A N   1 
ATOM   1034 C CA  . LEU A 1 134 ? 12.789  0.080   -13.748 1.00 92.64  ? 227 LEU A CA  1 
ATOM   1035 C C   . LEU A 1 134 ? 11.671  0.585   -14.669 1.00 88.39  ? 227 LEU A C   1 
ATOM   1036 O O   . LEU A 1 134 ? 11.940  0.921   -15.774 1.00 111.04 ? 227 LEU A O   1 
ATOM   1037 C CB  . LEU A 1 134 ? 12.419  -1.248  -13.106 1.00 89.37  ? 227 LEU A CB  1 
ATOM   1038 C CG  . LEU A 1 134 ? 13.476  -2.356  -13.021 1.00 82.75  ? 227 LEU A CG  1 
ATOM   1039 C CD1 . LEU A 1 134 ? 14.890  -1.934  -13.368 1.00 82.33  ? 227 LEU A CD1 1 
ATOM   1040 C CD2 . LEU A 1 134 ? 13.414  -3.027  -11.684 1.00 83.18  ? 227 LEU A CD2 1 
ATOM   1041 N N   . VAL A 1 135 ? 10.438  0.691   -14.203 1.00 104.43 ? 228 VAL A N   1 
ATOM   1042 C CA  . VAL A 1 135 ? 9.295   1.037   -15.083 1.00 102.44 ? 228 VAL A CA  1 
ATOM   1043 C C   . VAL A 1 135 ? 9.510   2.284   -15.957 1.00 93.27  ? 228 VAL A C   1 
ATOM   1044 O O   . VAL A 1 135 ? 9.053   2.300   -17.104 1.00 107.37 ? 228 VAL A O   1 
ATOM   1045 C CB  . VAL A 1 135 ? 7.956   1.133   -14.270 1.00 105.83 ? 228 VAL A CB  1 
ATOM   1046 C CG1 . VAL A 1 135 ? 6.861   1.897   -15.005 1.00 98.18  ? 228 VAL A CG1 1 
ATOM   1047 C CG2 . VAL A 1 135 ? 7.443   -0.264  -13.944 1.00 103.39 ? 228 VAL A CG2 1 
ATOM   1048 N N   . GLU A 1 136 ? 10.185  3.314   -15.442 1.00 92.17  ? 229 GLU A N   1 
ATOM   1049 C CA  . GLU A 1 136 ? 10.651  4.468   -16.277 1.00 83.15  ? 229 GLU A CA  1 
ATOM   1050 C C   . GLU A 1 136 ? 11.582  4.133   -17.463 1.00 89.74  ? 229 GLU A C   1 
ATOM   1051 O O   . GLU A 1 136 ? 11.325  4.581   -18.591 1.00 102.22 ? 229 GLU A O   1 
ATOM   1052 C CB  . GLU A 1 136 ? 11.300  5.552   -15.422 1.00 94.59  ? 229 GLU A CB  1 
ATOM   1053 C CG  . GLU A 1 136 ? 10.295  6.485   -14.756 1.00 102.56 ? 229 GLU A CG  1 
ATOM   1054 C CD  . GLU A 1 136 ? 10.948  7.418   -13.764 1.00 112.02 ? 229 GLU A CD  1 
ATOM   1055 O OE1 . GLU A 1 136 ? 11.758  6.920   -12.954 1.00 122.90 ? 229 GLU A OE1 1 
ATOM   1056 O OE2 . GLU A 1 136 ? 10.656  8.635   -13.794 1.00 113.22 ? 229 GLU A OE2 1 
ATOM   1057 N N   . ALA A 1 137 ? 12.660  3.373   -17.233 1.00 103.67 ? 230 ALA A N   1 
ATOM   1058 C CA  . ALA A 1 137 ? 13.244  2.532   -18.313 1.00 85.57  ? 230 ALA A CA  1 
ATOM   1059 C C   . ALA A 1 137 ? 12.085  1.690   -18.764 1.00 95.31  ? 230 ALA A C   1 
ATOM   1060 O O   . ALA A 1 137 ? 11.099  1.541   -18.036 1.00 107.17 ? 230 ALA A O   1 
ATOM   1061 C CB  . ALA A 1 137 ? 14.318  1.616   -17.769 1.00 87.00  ? 230 ALA A CB  1 
ATOM   1062 N N   . GLY A 1 138 ? 12.159  1.046   -19.901 1.00 97.47  ? 231 GLY A N   1 
ATOM   1063 C CA  . GLY A 1 138 ? 10.924  0.424   -20.350 1.00 80.76  ? 231 GLY A CA  1 
ATOM   1064 C C   . GLY A 1 138 ? 10.764  -0.948  -19.835 1.00 87.66  ? 231 GLY A C   1 
ATOM   1065 O O   . GLY A 1 138 ? 10.093  -1.755  -20.493 1.00 87.82  ? 231 GLY A O   1 
ATOM   1066 N N   . VAL A 1 139 ? 11.363  -1.255  -18.678 1.00 85.10  ? 232 VAL A N   1 
ATOM   1067 C CA  . VAL A 1 139 ? 11.699  -2.648  -18.469 1.00 83.48  ? 232 VAL A CA  1 
ATOM   1068 C C   . VAL A 1 139 ? 10.498  -3.461  -18.082 1.00 84.28  ? 232 VAL A C   1 
ATOM   1069 O O   . VAL A 1 139 ? 10.421  -4.632  -18.428 1.00 92.19  ? 232 VAL A O   1 
ATOM   1070 C CB  . VAL A 1 139 ? 12.871  -2.854  -17.541 1.00 97.64  ? 232 VAL A CB  1 
ATOM   1071 C CG1 . VAL A 1 139 ? 12.684  -2.038  -16.278 1.00 113.01 ? 232 VAL A CG1 1 
ATOM   1072 C CG2 . VAL A 1 139 ? 13.017  -4.341  -17.258 1.00 92.10  ? 232 VAL A CG2 1 
ATOM   1073 N N   . GLY A 1 140 ? 9.536   -2.835  -17.404 1.00 106.70 ? 233 GLY A N   1 
ATOM   1074 C CA  . GLY A 1 140 ? 8.210   -3.459  -17.198 1.00 102.06 ? 233 GLY A CA  1 
ATOM   1075 C C   . GLY A 1 140 ? 7.092   -2.462  -16.950 1.00 93.81  ? 233 GLY A C   1 
ATOM   1076 O O   . GLY A 1 140 ? 7.270   -1.252  -17.157 1.00 101.79 ? 233 GLY A O   1 
ATOM   1077 N N   . TRP A 1 141 ? 5.931   -2.990  -16.549 1.00 89.48  ? 234 TRP A N   1 
ATOM   1078 C CA  . TRP A 1 141 ? 4.817   -2.196  -15.963 1.00 96.61  ? 234 TRP A CA  1 
ATOM   1079 C C   . TRP A 1 141 ? 4.673   -2.544  -14.492 1.00 89.76  ? 234 TRP A C   1 
ATOM   1080 O O   . TRP A 1 141 ? 4.931   -3.689  -14.106 1.00 91.07  ? 234 TRP A O   1 
ATOM   1081 C CB  . TRP A 1 141 ? 3.457   -2.447  -16.676 1.00 82.38  ? 234 TRP A CB  1 
ATOM   1082 C CG  . TRP A 1 141 ? 2.919   -3.884  -16.579 1.00 78.22  ? 234 TRP A CG  1 
ATOM   1083 C CD1 . TRP A 1 141 ? 3.160   -4.936  -17.455 1.00 95.27  ? 234 TRP A CD1 1 
ATOM   1084 C CD2 . TRP A 1 141 ? 2.078   -4.418  -15.564 1.00 77.65  ? 234 TRP A CD2 1 
ATOM   1085 N NE1 . TRP A 1 141 ? 2.516   -6.073  -17.032 1.00 81.48  ? 234 TRP A NE1 1 
ATOM   1086 C CE2 . TRP A 1 141 ? 1.853   -5.783  -15.869 1.00 80.80  ? 234 TRP A CE2 1 
ATOM   1087 C CE3 . TRP A 1 141 ? 1.475   -3.877  -14.423 1.00 80.10  ? 234 TRP A CE3 1 
ATOM   1088 C CZ2 . TRP A 1 141 ? 1.053   -6.596  -15.075 1.00 89.63  ? 234 TRP A CZ2 1 
ATOM   1089 C CZ3 . TRP A 1 141 ? 0.695   -4.693  -13.633 1.00 74.19  ? 234 TRP A CZ3 1 
ATOM   1090 C CH2 . TRP A 1 141 ? 0.486   -6.029  -13.959 1.00 75.05  ? 234 TRP A CH2 1 
ATOM   1091 N N   . GLY A 1 142 ? 4.220   -1.578  -13.693 1.00 86.17  ? 235 GLY A N   1 
ATOM   1092 C CA  . GLY A 1 142 ? 3.940   -1.811  -12.260 1.00 82.60  ? 235 GLY A CA  1 
ATOM   1093 C C   . GLY A 1 142 ? 2.620   -1.260  -11.746 1.00 86.53  ? 235 GLY A C   1 
ATOM   1094 O O   . GLY A 1 142 ? 1.869   -0.598  -12.446 1.00 84.56  ? 235 GLY A O   1 
ATOM   1095 N N   . ILE A 1 143 ? 2.331   -1.581  -10.501 1.00 95.64  ? 236 ILE A N   1 
ATOM   1096 C CA  . ILE A 1 143 ? 1.190   -1.036  -9.800  1.00 86.50  ? 236 ILE A CA  1 
ATOM   1097 C C   . ILE A 1 143 ? 1.767   -0.188  -8.674  1.00 79.62  ? 236 ILE A C   1 
ATOM   1098 O O   . ILE A 1 143 ? 2.551   -0.670  -7.906  1.00 79.25  ? 236 ILE A O   1 
ATOM   1099 C CB  . ILE A 1 143 ? 0.361   -2.163  -9.177  1.00 79.60  ? 236 ILE A CB  1 
ATOM   1100 C CG1 . ILE A 1 143 ? -0.397  -2.975  -10.225 1.00 83.23  ? 236 ILE A CG1 1 
ATOM   1101 C CG2 . ILE A 1 143 ? -0.659  -1.621  -8.216  1.00 87.95  ? 236 ILE A CG2 1 
ATOM   1102 C CD1 . ILE A 1 143 ? -0.523  -4.466  -9.853  1.00 75.18  ? 236 ILE A CD1 1 
ATOM   1103 N N   . ALA A 1 144 ? 1.349   1.055   -8.558  1.00 74.25  ? 237 ALA A N   1 
ATOM   1104 C CA  . ALA A 1 144 ? 2.014   2.002   -7.682  1.00 67.23  ? 237 ALA A CA  1 
ATOM   1105 C C   . ALA A 1 144 ? 1.043   2.921   -6.996  1.00 63.94  ? 237 ALA A C   1 
ATOM   1106 O O   . ALA A 1 144 ? 0.048   3.196   -7.525  1.00 65.34  ? 237 ALA A O   1 
ATOM   1107 C CB  . ALA A 1 144 ? 2.935   2.837   -8.494  1.00 73.12  ? 237 ALA A CB  1 
ATOM   1108 N N   . PRO A 1 145 ? 1.338   3.389   -5.770  1.00 79.91  ? 238 PRO A N   1 
ATOM   1109 C CA  . PRO A 1 145 ? 0.395   4.275   -5.130  1.00 73.42  ? 238 PRO A CA  1 
ATOM   1110 C C   . PRO A 1 145 ? 0.295   5.552   -5.887  1.00 73.34  ? 238 PRO A C   1 
ATOM   1111 O O   . PRO A 1 145 ? 1.220   5.910   -6.586  1.00 81.13  ? 238 PRO A O   1 
ATOM   1112 C CB  . PRO A 1 145 ? 1.010   4.549   -3.796  1.00 74.49  ? 238 PRO A CB  1 
ATOM   1113 C CG  . PRO A 1 145 ? 1.833   3.367   -3.532  1.00 77.45  ? 238 PRO A CG  1 
ATOM   1114 C CD  . PRO A 1 145 ? 2.337   2.887   -4.831  1.00 73.15  ? 238 PRO A CD  1 
ATOM   1115 N N   . HIS A 1 146 ? -0.840  6.215   -5.735  1.00 80.15  ? 239 HIS A N   1 
ATOM   1116 C CA  . HIS A 1 146 ? -1.092  7.488   -6.353  1.00 91.77  ? 239 HIS A CA  1 
ATOM   1117 C C   . HIS A 1 146 ? 0.043   8.437   -6.074  1.00 89.93  ? 239 HIS A C   1 
ATOM   1118 O O   . HIS A 1 146 ? 0.692   8.925   -6.974  1.00 94.86  ? 239 HIS A O   1 
ATOM   1119 C CB  . HIS A 1 146 ? -2.373  8.060   -5.778  1.00 101.02 ? 239 HIS A CB  1 
ATOM   1120 C CG  . HIS A 1 146 ? -2.712  9.412   -6.302  1.00 117.16 ? 239 HIS A CG  1 
ATOM   1121 N ND1 . HIS A 1 146 ? -2.680  9.717   -7.649  1.00 113.68 ? 239 HIS A ND1 1 
ATOM   1122 C CD2 . HIS A 1 146 ? -3.107  10.537  -5.663  1.00 109.29 ? 239 HIS A CD2 1 
ATOM   1123 C CE1 . HIS A 1 146 ? -3.035  10.974  -7.818  1.00 116.01 ? 239 HIS A CE1 1 
ATOM   1124 N NE2 . HIS A 1 146 ? -3.296  11.494  -6.629  1.00 125.69 ? 239 HIS A NE2 1 
ATOM   1125 N N   . TYR A 1 147 ? 0.329   8.656   -4.807  1.00 90.20  ? 240 TYR A N   1 
ATOM   1126 C CA  . TYR A 1 147 ? 1.289   9.709   -4.452  1.00 87.46  ? 240 TYR A CA  1 
ATOM   1127 C C   . TYR A 1 147 ? 2.678   9.492   -4.952  1.00 86.53  ? 240 TYR A C   1 
ATOM   1128 O O   . TYR A 1 147 ? 3.405   10.437  -5.167  1.00 98.53  ? 240 TYR A O   1 
ATOM   1129 C CB  . TYR A 1 147 ? 1.360   9.898   -2.949  1.00 84.80  ? 240 TYR A CB  1 
ATOM   1130 C CG  . TYR A 1 147 ? 2.229   8.901   -2.232  1.00 84.73  ? 240 TYR A CG  1 
ATOM   1131 C CD1 . TYR A 1 147 ? 3.551   9.134   -2.065  1.00 79.32  ? 240 TYR A CD1 1 
ATOM   1132 C CD2 . TYR A 1 147 ? 1.704   7.711   -1.746  1.00 97.36  ? 240 TYR A CD2 1 
ATOM   1133 C CE1 . TYR A 1 147 ? 4.340   8.249   -1.383  1.00 99.36  ? 240 TYR A CE1 1 
ATOM   1134 C CE2 . TYR A 1 147 ? 2.500   6.788   -1.086  1.00 98.92  ? 240 TYR A CE2 1 
ATOM   1135 C CZ  . TYR A 1 147 ? 3.821   7.077   -0.899  1.00 95.21  ? 240 TYR A CZ  1 
ATOM   1136 O OH  . TYR A 1 147 ? 4.638   6.212   -0.243  1.00 83.14  ? 240 TYR A OH  1 
ATOM   1137 N N   . PHE A 1 148 ? 3.051   8.245   -5.155  1.00 94.90  ? 241 PHE A N   1 
ATOM   1138 C CA  . PHE A 1 148 ? 4.392   7.939   -5.549  1.00 80.95  ? 241 PHE A CA  1 
ATOM   1139 C C   . PHE A 1 148 ? 4.620   8.270   -6.996  1.00 86.76  ? 241 PHE A C   1 
ATOM   1140 O O   . PHE A 1 148 ? 5.754   8.239   -7.474  1.00 99.69  ? 241 PHE A O   1 
ATOM   1141 C CB  . PHE A 1 148 ? 4.637   6.466   -5.345  1.00 89.60  ? 241 PHE A CB  1 
ATOM   1142 C CG  . PHE A 1 148 ? 5.975   6.165   -4.768  1.00 92.52  ? 241 PHE A CG  1 
ATOM   1143 C CD1 . PHE A 1 148 ? 6.108   5.936   -3.426  1.00 105.34 ? 241 PHE A CD1 1 
ATOM   1144 C CD2 . PHE A 1 148 ? 7.088   6.145   -5.566  1.00 97.51  ? 241 PHE A CD2 1 
ATOM   1145 C CE1 . PHE A 1 148 ? 7.336   5.710   -2.884  1.00 104.66 ? 241 PHE A CE1 1 
ATOM   1146 C CE2 . PHE A 1 148 ? 8.320   5.901   -5.043  1.00 91.37  ? 241 PHE A CE2 1 
ATOM   1147 C CZ  . PHE A 1 148 ? 8.442   5.694   -3.698  1.00 100.48 ? 241 PHE A CZ  1 
ATOM   1148 N N   . VAL A 1 149 ? 3.540   8.555   -7.710  1.00 92.90  ? 242 VAL A N   1 
ATOM   1149 C CA  . VAL A 1 149 ? 3.549   8.534   -9.165  1.00 85.85  ? 242 VAL A CA  1 
ATOM   1150 C C   . VAL A 1 149 ? 2.740   9.704   -9.761  1.00 92.34  ? 242 VAL A C   1 
ATOM   1151 O O   . VAL A 1 149 ? 2.736   9.910   -10.953 1.00 83.04  ? 242 VAL A O   1 
ATOM   1152 C CB  . VAL A 1 149 ? 3.016   7.160   -9.645  1.00 92.84  ? 242 VAL A CB  1 
ATOM   1153 C CG1 . VAL A 1 149 ? 1.493   7.112   -9.708  1.00 86.36  ? 242 VAL A CG1 1 
ATOM   1154 C CG2 . VAL A 1 149 ? 3.579   6.808   -10.996 1.00 114.54 ? 242 VAL A CG2 1 
ATOM   1155 N N   . GLU A 1 150 ? 2.069   10.472  -8.912  1.00 98.95  ? 243 GLU A N   1 
ATOM   1156 C CA  . GLU A 1 150 ? 1.457   11.741  -9.290  1.00 105.10 ? 243 GLU A CA  1 
ATOM   1157 C C   . GLU A 1 150 ? 2.379   12.614  -10.131 1.00 108.89 ? 243 GLU A C   1 
ATOM   1158 O O   . GLU A 1 150 ? 2.137   12.778  -11.315 1.00 103.60 ? 243 GLU A O   1 
ATOM   1159 C CB  . GLU A 1 150 ? 1.054   12.516  -8.022  1.00 119.13 ? 243 GLU A CB  1 
ATOM   1160 C CG  . GLU A 1 150 ? 0.648   13.971  -8.253  1.00 122.17 ? 243 GLU A CG  1 
ATOM   1161 C CD  . GLU A 1 150 ? -0.547  14.361  -7.414  1.00 131.04 ? 243 GLU A CD  1 
ATOM   1162 O OE1 . GLU A 1 150 ? -0.397  15.227  -6.534  1.00 131.28 ? 243 GLU A OE1 1 
ATOM   1163 O OE2 . GLU A 1 150 ? -1.640  13.784  -7.622  1.00 134.25 ? 243 GLU A OE2 1 
ATOM   1164 N N   . GLU A 1 151 ? 3.414   13.182  -9.502  1.00 115.08 ? 244 GLU A N   1 
ATOM   1165 C CA  . GLU A 1 151 ? 4.404   14.030  -10.181 1.00 110.44 ? 244 GLU A CA  1 
ATOM   1166 C C   . GLU A 1 151 ? 4.742   13.462  -11.571 1.00 108.52 ? 244 GLU A C   1 
ATOM   1167 O O   . GLU A 1 151 ? 4.224   13.961  -12.569 1.00 102.86 ? 244 GLU A O   1 
ATOM   1168 C CB  . GLU A 1 151 ? 5.657   14.201  -9.301  1.00 121.33 ? 244 GLU A CB  1 
ATOM   1169 C CG  . GLU A 1 151 ? 6.761   15.094  -9.876  1.00 137.62 ? 244 GLU A CG  1 
ATOM   1170 C CD  . GLU A 1 151 ? 6.845   16.469  -9.225  1.00 149.17 ? 244 GLU A CD  1 
ATOM   1171 O OE1 . GLU A 1 151 ? 7.975   16.924  -8.944  1.00 153.64 ? 244 GLU A OE1 1 
ATOM   1172 O OE2 . GLU A 1 151 ? 5.791   17.099  -8.988  1.00 142.07 ? 244 GLU A OE2 1 
ATOM   1173 N N   . ARG A 1 152 ? 5.554   12.404  -11.640 1.00 103.40 ? 245 ARG A N   1 
ATOM   1174 C CA  . ARG A 1 152 ? 5.830   11.709  -12.909 1.00 95.76  ? 245 ARG A CA  1 
ATOM   1175 C C   . ARG A 1 152 ? 4.707   11.655  -13.962 1.00 108.48 ? 245 ARG A C   1 
ATOM   1176 O O   . ARG A 1 152 ? 4.982   11.597  -15.168 1.00 122.13 ? 245 ARG A O   1 
ATOM   1177 C CB  . ARG A 1 152 ? 6.262   10.279  -12.634 1.00 100.54 ? 245 ARG A CB  1 
ATOM   1178 C CG  . ARG A 1 152 ? 7.758   10.073  -12.761 1.00 109.40 ? 245 ARG A CG  1 
ATOM   1179 C CD  . ARG A 1 152 ? 8.213   8.785   -12.097 1.00 113.10 ? 245 ARG A CD  1 
ATOM   1180 N NE  . ARG A 1 152 ? 8.180   8.842   -10.639 1.00 104.46 ? 245 ARG A NE  1 
ATOM   1181 C CZ  . ARG A 1 152 ? 8.970   8.122   -9.845  1.00 112.78 ? 245 ARG A CZ  1 
ATOM   1182 N NH1 . ARG A 1 152 ? 8.857   8.255   -8.527  1.00 125.38 ? 245 ARG A NH1 1 
ATOM   1183 N NH2 . ARG A 1 152 ? 9.875   7.273   -10.346 1.00 103.30 ? 245 ARG A NH2 1 
ATOM   1184 N N   . LEU A 1 153 ? 3.456   11.641  -13.517 1.00 110.90 ? 246 LEU A N   1 
ATOM   1185 C CA  . LEU A 1 153 ? 2.303   11.483  -14.423 1.00 115.97 ? 246 LEU A CA  1 
ATOM   1186 C C   . LEU A 1 153 ? 2.045   12.800  -15.151 1.00 117.10 ? 246 LEU A C   1 
ATOM   1187 O O   . LEU A 1 153 ? 1.998   12.816  -16.379 1.00 115.14 ? 246 LEU A O   1 
ATOM   1188 C CB  . LEU A 1 153 ? 1.054   11.042  -13.629 1.00 112.46 ? 246 LEU A CB  1 
ATOM   1189 C CG  . LEU A 1 153 ? 0.298   9.749   -13.933 1.00 98.51  ? 246 LEU A CG  1 
ATOM   1190 C CD1 . LEU A 1 153 ? 1.169   8.555   -14.264 1.00 101.72 ? 246 LEU A CD1 1 
ATOM   1191 C CD2 . LEU A 1 153 ? -0.556  9.410   -12.730 1.00 105.17 ? 246 LEU A CD2 1 
ATOM   1192 N N   . ARG A 1 154 ? 1.910   13.879  -14.362 1.00 118.22 ? 247 ARG A N   1 
ATOM   1193 C CA  . ARG A 1 154 ? 1.803   15.278  -14.819 1.00 120.89 ? 247 ARG A CA  1 
ATOM   1194 C C   . ARG A 1 154 ? 2.968   15.624  -15.769 1.00 122.95 ? 247 ARG A C   1 
ATOM   1195 O O   . ARG A 1 154 ? 2.771   16.042  -16.918 1.00 109.43 ? 247 ARG A O   1 
ATOM   1196 C CB  . ARG A 1 154 ? 1.815   16.237  -13.598 1.00 129.08 ? 247 ARG A CB  1 
ATOM   1197 C CG  . ARG A 1 154 ? 0.473   16.456  -12.855 1.00 145.81 ? 247 ARG A CG  1 
ATOM   1198 C CD  . ARG A 1 154 ? -0.445  15.226  -12.829 1.00 161.65 ? 247 ARG A CD  1 
ATOM   1199 N NE  . ARG A 1 154 ? -1.476  15.234  -11.777 1.00 169.99 ? 247 ARG A NE  1 
ATOM   1200 C CZ  . ARG A 1 154 ? -2.362  14.246  -11.566 1.00 165.90 ? 247 ARG A CZ  1 
ATOM   1201 N NH1 . ARG A 1 154 ? -2.372  13.160  -12.330 1.00 164.84 ? 247 ARG A NH1 1 
ATOM   1202 N NH2 . ARG A 1 154 ? -3.255  14.336  -10.586 1.00 154.08 ? 247 ARG A NH2 1 
ATOM   1203 N N   . ASN A 1 155 ? 4.186   15.409  -15.283 1.00 114.99 ? 248 ASN A N   1 
ATOM   1204 C CA  . ASN A 1 155 ? 5.391   15.540  -16.095 1.00 107.07 ? 248 ASN A CA  1 
ATOM   1205 C C   . ASN A 1 155 ? 5.468   14.585  -17.288 1.00 113.22 ? 248 ASN A C   1 
ATOM   1206 O O   . ASN A 1 155 ? 6.523   14.489  -17.885 1.00 131.74 ? 248 ASN A O   1 
ATOM   1207 C CB  . ASN A 1 155 ? 6.663   15.334  -15.224 1.00 118.31 ? 248 ASN A CB  1 
ATOM   1208 C CG  . ASN A 1 155 ? 6.911   16.485  -14.229 1.00 130.15 ? 248 ASN A CG  1 
ATOM   1209 O OD1 . ASN A 1 155 ? 6.578   17.637  -14.502 1.00 146.75 ? 248 ASN A OD1 1 
ATOM   1210 N ND2 . ASN A 1 155 ? 7.513   16.174  -13.078 1.00 119.96 ? 248 ASN A ND2 1 
ATOM   1211 N N   . GLY A 1 156 ? 4.404   13.856  -17.644 1.00 111.29 ? 249 GLY A N   1 
ATOM   1212 C CA  . GLY A 1 156 ? 4.446   12.959  -18.831 1.00 102.31 ? 249 GLY A CA  1 
ATOM   1213 C C   . GLY A 1 156 ? 5.526   11.854  -18.874 1.00 111.40 ? 249 GLY A C   1 
ATOM   1214 O O   . GLY A 1 156 ? 5.646   11.134  -19.867 1.00 96.27  ? 249 GLY A O   1 
ATOM   1215 N N   . THR A 1 157 ? 6.313   11.688  -17.810 1.00 107.06 ? 250 THR A N   1 
ATOM   1216 C CA  . THR A 1 157 ? 7.270   10.589  -17.763 1.00 113.86 ? 250 THR A CA  1 
ATOM   1217 C C   . THR A 1 157 ? 6.595   9.199   -17.787 1.00 117.00 ? 250 THR A C   1 
ATOM   1218 O O   . THR A 1 157 ? 7.207   8.233   -18.230 1.00 105.03 ? 250 THR A O   1 
ATOM   1219 C CB  . THR A 1 157 ? 8.141   10.656  -16.489 1.00 121.88 ? 250 THR A CB  1 
ATOM   1220 O OG1 . THR A 1 157 ? 8.373   12.027  -16.119 1.00 120.10 ? 250 THR A OG1 1 
ATOM   1221 C CG2 . THR A 1 157 ? 9.464   9.908   -16.705 1.00 118.17 ? 250 THR A CG2 1 
ATOM   1222 N N   . LEU A 1 158 ? 5.362   9.095   -17.270 1.00 119.56 ? 251 LEU A N   1 
ATOM   1223 C CA  . LEU A 1 158 ? 4.641   7.809   -17.159 1.00 107.33 ? 251 LEU A CA  1 
ATOM   1224 C C   . LEU A 1 158 ? 3.213   7.927   -17.619 1.00 107.42 ? 251 LEU A C   1 
ATOM   1225 O O   . LEU A 1 158 ? 2.575   8.952   -17.397 1.00 112.80 ? 251 LEU A O   1 
ATOM   1226 C CB  . LEU A 1 158 ? 4.552   7.374   -15.708 1.00 106.68 ? 251 LEU A CB  1 
ATOM   1227 C CG  . LEU A 1 158 ? 5.757   6.780   -15.017 1.00 96.28  ? 251 LEU A CG  1 
ATOM   1228 C CD1 . LEU A 1 158 ? 5.453   6.752   -13.537 1.00 90.01  ? 251 LEU A CD1 1 
ATOM   1229 C CD2 . LEU A 1 158 ? 6.034   5.388   -15.561 1.00 94.63  ? 251 LEU A CD2 1 
ATOM   1230 N N   . ALA A 1 159 ? 2.691   6.865   -18.215 1.00 99.46  ? 252 ALA A N   1 
ATOM   1231 C CA  . ALA A 1 159 ? 1.272   6.797   -18.518 1.00 94.31  ? 252 ALA A CA  1 
ATOM   1232 C C   . ALA A 1 159 ? 0.583   5.806   -17.565 1.00 94.91  ? 252 ALA A C   1 
ATOM   1233 O O   . ALA A 1 159 ? 1.221   4.955   -16.971 1.00 95.03  ? 252 ALA A O   1 
ATOM   1234 C CB  . ALA A 1 159 ? 1.064   6.378   -19.968 1.00 104.17 ? 252 ALA A CB  1 
ATOM   1235 N N   . VAL A 1 160 ? -0.731  5.926   -17.451 1.00 93.50  ? 253 VAL A N   1 
ATOM   1236 C CA  . VAL A 1 160 ? -1.538  5.024   -16.656 1.00 86.87  ? 253 VAL A CA  1 
ATOM   1237 C C   . VAL A 1 160 ? -2.177  4.020   -17.541 1.00 88.63  ? 253 VAL A C   1 
ATOM   1238 O O   . VAL A 1 160 ? -2.833  4.411   -18.460 1.00 80.81  ? 253 VAL A O   1 
ATOM   1239 C CB  . VAL A 1 160 ? -2.701  5.806   -16.095 1.00 85.72  ? 253 VAL A CB  1 
ATOM   1240 C CG1 . VAL A 1 160 ? -3.659  4.889   -15.366 1.00 85.34  ? 253 VAL A CG1 1 
ATOM   1241 C CG2 . VAL A 1 160 ? -2.159  6.889   -15.190 1.00 94.96  ? 253 VAL A CG2 1 
ATOM   1242 N N   . LEU A 1 161 ? -2.053  2.737   -17.266 1.00 92.53  ? 254 LEU A N   1 
ATOM   1243 C CA  . LEU A 1 161 ? -2.833  1.788   -18.066 1.00 87.80  ? 254 LEU A CA  1 
ATOM   1244 C C   . LEU A 1 161 ? -4.092  1.319   -17.414 1.00 93.84  ? 254 LEU A C   1 
ATOM   1245 O O   . LEU A 1 161 ? -4.618  0.346   -17.867 1.00 75.38  ? 254 LEU A O   1 
ATOM   1246 C CB  . LEU A 1 161 ? -2.077  0.518   -18.285 1.00 83.75  ? 254 LEU A CB  1 
ATOM   1247 C CG  . LEU A 1 161 ? -0.673  0.661   -18.780 1.00 95.63  ? 254 LEU A CG  1 
ATOM   1248 C CD1 . LEU A 1 161 ? -0.031  -0.701  -18.727 1.00 93.11  ? 254 LEU A CD1 1 
ATOM   1249 C CD2 . LEU A 1 161 ? -0.735  1.148   -20.200 1.00 92.77  ? 254 LEU A CD2 1 
ATOM   1250 N N   . SER A 1 162 ? -4.555  1.926   -16.330 1.00 94.48  ? 255 SER A N   1 
ATOM   1251 C CA  . SER A 1 162 ? -5.557  1.264   -15.501 1.00 81.84  ? 255 SER A CA  1 
ATOM   1252 C C   . SER A 1 162 ? -7.023  1.798   -15.674 1.00 78.99  ? 255 SER A C   1 
ATOM   1253 O O   . SER A 1 162 ? -8.001  1.283   -15.057 1.00 79.47  ? 255 SER A O   1 
ATOM   1254 C CB  . SER A 1 162 ? -5.075  1.355   -14.048 1.00 76.72  ? 255 SER A CB  1 
ATOM   1255 O OG  . SER A 1 162 ? -5.625  2.487   -13.344 1.00 97.10  ? 255 SER A OG  1 
ATOM   1256 N N   . GLU A 1 163 ? -7.209  2.825   -16.490 1.00 79.10  ? 256 GLU A N   1 
ATOM   1257 C CA  . GLU A 1 163 ? -8.507  3.533   -16.475 1.00 71.74  ? 256 GLU A CA  1 
ATOM   1258 C C   . GLU A 1 163 ? -9.716  2.670   -16.898 1.00 78.28  ? 256 GLU A C   1 
ATOM   1259 O O   . GLU A 1 163 ? -10.741 2.609   -16.191 1.00 85.97  ? 256 GLU A O   1 
ATOM   1260 C CB  . GLU A 1 163 ? -8.391  4.851   -17.202 1.00 84.17  ? 256 GLU A CB  1 
ATOM   1261 C CG  . GLU A 1 163 ? -8.975  6.055   -16.440 1.00 98.98  ? 256 GLU A CG  1 
ATOM   1262 C CD  . GLU A 1 163 ? -8.353  6.305   -15.075 1.00 91.39  ? 256 GLU A CD  1 
ATOM   1263 O OE1 . GLU A 1 163 ? -7.325  5.708   -14.697 1.00 106.99 ? 256 GLU A OE1 1 
ATOM   1264 O OE2 . GLU A 1 163 ? -8.940  7.096   -14.334 1.00 110.40 ? 256 GLU A OE2 1 
ATOM   1265 N N   . LEU A 1 164 ? -9.576  1.881   -17.944 1.00 75.11  ? 257 LEU A N   1 
ATOM   1266 C CA  . LEU A 1 164 ? -10.659 0.976   -18.254 1.00 84.46  ? 257 LEU A CA  1 
ATOM   1267 C C   . LEU A 1 164 ? -10.882 -0.078  -17.182 1.00 82.45  ? 257 LEU A C   1 
ATOM   1268 O O   . LEU A 1 164 ? -11.978 -0.664  -17.142 1.00 79.21  ? 257 LEU A O   1 
ATOM   1269 C CB  . LEU A 1 164 ? -10.450 0.296   -19.619 1.00 96.45  ? 257 LEU A CB  1 
ATOM   1270 C CG  . LEU A 1 164 ? -10.680 1.294   -20.769 1.00 104.10 ? 257 LEU A CG  1 
ATOM   1271 C CD1 . LEU A 1 164 ? -10.445 0.692   -22.157 1.00 112.53 ? 257 LEU A CD1 1 
ATOM   1272 C CD2 . LEU A 1 164 ? -12.082 1.879   -20.665 1.00 111.42 ? 257 LEU A CD2 1 
ATOM   1273 N N   . TYR A 1 165 ? -9.877  -0.379  -16.343 1.00 74.83  ? 258 TYR A N   1 
ATOM   1274 C CA  . TYR A 1 165 ? -10.111 -1.470  -15.383 1.00 70.68  ? 258 TYR A CA  1 
ATOM   1275 C C   . TYR A 1 165 ? -10.924 -0.824  -14.315 1.00 67.21  ? 258 TYR A C   1 
ATOM   1276 O O   . TYR A 1 165 ? -11.943 -1.382  -13.897 1.00 78.95  ? 258 TYR A O   1 
ATOM   1277 C CB  . TYR A 1 165 ? -8.852  -2.192  -14.816 1.00 64.48  ? 258 TYR A CB  1 
ATOM   1278 C CG  . TYR A 1 165 ? -9.169  -3.041  -13.563 1.00 64.55  ? 258 TYR A CG  1 
ATOM   1279 C CD1 . TYR A 1 165 ? -8.941  -2.532  -12.306 1.00 74.21  ? 258 TYR A CD1 1 
ATOM   1280 C CD2 . TYR A 1 165 ? -9.676  -4.328  -13.656 1.00 72.26  ? 258 TYR A CD2 1 
ATOM   1281 C CE1 . TYR A 1 165 ? -9.208  -3.265  -11.186 1.00 79.79  ? 258 TYR A CE1 1 
ATOM   1282 C CE2 . TYR A 1 165 ? -9.948  -5.078  -12.524 1.00 69.31  ? 258 TYR A CE2 1 
ATOM   1283 C CZ  . TYR A 1 165 ? -9.690  -4.520  -11.296 1.00 73.35  ? 258 TYR A CZ  1 
ATOM   1284 O OH  . TYR A 1 165 ? -9.971  -5.155  -10.124 1.00 79.46  ? 258 TYR A OH  1 
ATOM   1285 N N   . GLU A 1 166 ? -10.474 0.344   -13.855 1.00 69.50  ? 259 GLU A N   1 
ATOM   1286 C CA  . GLU A 1 166 ? -11.250 1.093   -12.846 1.00 71.56  ? 259 GLU A CA  1 
ATOM   1287 C C   . GLU A 1 166 ? -10.974 2.599   -12.966 1.00 75.07  ? 259 GLU A C   1 
ATOM   1288 O O   . GLU A 1 166 ? -9.960  3.096   -12.510 1.00 73.74  ? 259 GLU A O   1 
ATOM   1289 C CB  . GLU A 1 166 ? -10.896 0.558   -11.473 1.00 76.11  ? 259 GLU A CB  1 
ATOM   1290 C CG  . GLU A 1 166 ? -11.361 1.387   -10.290 1.00 84.69  ? 259 GLU A CG  1 
ATOM   1291 C CD  . GLU A 1 166 ? -11.315 0.590   -9.019  1.00 81.23  ? 259 GLU A CD  1 
ATOM   1292 O OE1 . GLU A 1 166 ? -10.831 -0.555  -9.111  1.00 93.19  ? 259 GLU A OE1 1 
ATOM   1293 O OE2 . GLU A 1 166 ? -11.782 1.060   -7.945  1.00 69.87  ? 259 GLU A OE2 1 
ATOM   1294 N N   . PRO A 1 167 ? -11.876 3.343   -13.598 1.00 87.20  ? 260 PRO A N   1 
ATOM   1295 C CA  . PRO A 1 167 ? -11.634 4.783   -13.803 1.00 80.46  ? 260 PRO A CA  1 
ATOM   1296 C C   . PRO A 1 167 ? -11.301 5.493   -12.523 1.00 65.96  ? 260 PRO A C   1 
ATOM   1297 O O   . PRO A 1 167 ? -11.913 5.230   -11.524 1.00 78.70  ? 260 PRO A O   1 
ATOM   1298 C CB  . PRO A 1 167 ? -12.979 5.261   -14.281 1.00 75.17  ? 260 PRO A CB  1 
ATOM   1299 C CG  . PRO A 1 167 ? -13.510 4.108   -15.030 1.00 84.01  ? 260 PRO A CG  1 
ATOM   1300 C CD  . PRO A 1 167 ? -13.151 2.919   -14.186 1.00 84.02  ? 260 PRO A CD  1 
ATOM   1301 N N   . GLY A 1 168 ? -10.304 6.342   -12.519 1.00 70.59  ? 261 GLY A N   1 
ATOM   1302 C CA  . GLY A 1 168 ? -10.066 7.199   -11.356 1.00 76.27  ? 261 GLY A CA  1 
ATOM   1303 C C   . GLY A 1 168 ? -8.939  6.724   -10.488 1.00 84.78  ? 261 GLY A C   1 
ATOM   1304 O O   . GLY A 1 168 ? -8.375  7.496   -9.707  1.00 98.25  ? 261 GLY A O   1 
ATOM   1305 N N   . GLY A 1 169 ? -8.634  5.439   -10.607 1.00 94.04  ? 262 GLY A N   1 
ATOM   1306 C CA  . GLY A 1 169 ? -7.539  4.809   -9.895  1.00 81.73  ? 262 GLY A CA  1 
ATOM   1307 C C   . GLY A 1 169 ? -8.095  3.591   -9.220  1.00 86.21  ? 262 GLY A C   1 
ATOM   1308 O O   . GLY A 1 169 ? -9.308  3.466   -9.078  1.00 91.39  ? 262 GLY A O   1 
ATOM   1309 N N   . ILE A 1 170 ? -7.217  2.685   -8.799  1.00 72.64  ? 263 ILE A N   1 
ATOM   1310 C CA  . ILE A 1 170 ? -7.694  1.473   -8.199  1.00 71.77  ? 263 ILE A CA  1 
ATOM   1311 C C   . ILE A 1 170 ? -7.853  1.637   -6.731  1.00 67.10  ? 263 ILE A C   1 
ATOM   1312 O O   . ILE A 1 170 ? -6.896  1.844   -6.040  1.00 79.75  ? 263 ILE A O   1 
ATOM   1313 C CB  . ILE A 1 170 ? -6.725  0.322   -8.456  1.00 73.73  ? 263 ILE A CB  1 
ATOM   1314 C CG1 . ILE A 1 170 ? -6.545  0.158   -9.932  1.00 64.58  ? 263 ILE A CG1 1 
ATOM   1315 C CG2 . ILE A 1 170 ? -7.269  -0.956  -7.903  1.00 74.40  ? 263 ILE A CG2 1 
ATOM   1316 C CD1 . ILE A 1 170 ? -5.355  -0.662  -10.307 1.00 73.89  ? 263 ILE A CD1 1 
ATOM   1317 N N   . ASP A 1 171 ? -9.068  1.500   -6.239  1.00 75.61  ? 264 ASP A N   1 
ATOM   1318 C CA  . ASP A 1 171 ? -9.318  1.791   -4.853  1.00 79.54  ? 264 ASP A CA  1 
ATOM   1319 C C   . ASP A 1 171 ? -8.795  0.670   -3.982  1.00 79.86  ? 264 ASP A C   1 
ATOM   1320 O O   . ASP A 1 171 ? -8.944  -0.474  -4.346  1.00 79.77  ? 264 ASP A O   1 
ATOM   1321 C CB  . ASP A 1 171 ? -10.826 1.990   -4.606  1.00 89.24  ? 264 ASP A CB  1 
ATOM   1322 C CG  . ASP A 1 171 ? -11.226 3.458   -4.635  1.00 105.81 ? 264 ASP A CG  1 
ATOM   1323 O OD1 . ASP A 1 171 ? -10.838 4.175   -3.663  1.00 92.73  ? 264 ASP A OD1 1 
ATOM   1324 O OD2 . ASP A 1 171 ? -11.908 3.879   -5.633  1.00 99.63  ? 264 ASP A OD2 1 
ATOM   1325 N N   . THR A 1 172 ? -8.222  0.988   -2.816  1.00 78.86  ? 265 THR A N   1 
ATOM   1326 C CA  . THR A 1 172 ? -8.025  -0.052  -1.829  1.00 72.48  ? 265 THR A CA  1 
ATOM   1327 C C   . THR A 1 172 ? -8.124  0.417   -0.433  1.00 70.62  ? 265 THR A C   1 
ATOM   1328 O O   . THR A 1 172 ? -7.562  1.426   -0.085  1.00 74.32  ? 265 THR A O   1 
ATOM   1329 C CB  . THR A 1 172 ? -6.678  -0.799  -1.952  1.00 84.29  ? 265 THR A CB  1 
ATOM   1330 O OG1 . THR A 1 172 ? -5.672  0.098   -2.448  1.00 88.86  ? 265 THR A OG1 1 
ATOM   1331 C CG2 . THR A 1 172 ? -6.853  -2.063  -2.873  1.00 91.39  ? 265 THR A CG2 1 
ATOM   1332 N N   . LYS A 1 173 ? -8.805  -0.382  0.388   1.00 66.37  ? 266 LYS A N   1 
ATOM   1333 C CA  . LYS A 1 173 ? -8.974  -0.051  1.761   1.00 59.73  ? 266 LYS A CA  1 
ATOM   1334 C C   . LYS A 1 173 ? -7.630  -0.108  2.449   1.00 72.92  ? 266 LYS A C   1 
ATOM   1335 O O   . LYS A 1 173 ? -6.777  -0.936  2.121   1.00 75.47  ? 266 LYS A O   1 
ATOM   1336 C CB  . LYS A 1 173 ? -9.981  -0.962  2.469   1.00 58.64  ? 266 LYS A CB  1 
ATOM   1337 C CG  . LYS A 1 173 ? -11.248 -1.304  1.689   1.00 68.77  ? 266 LYS A CG  1 
ATOM   1338 C CD  . LYS A 1 173 ? -12.239 -2.133  2.527   1.00 69.83  ? 266 LYS A CD  1 
ATOM   1339 C CE  . LYS A 1 173 ? -13.634 -2.081  1.963   1.00 66.08  ? 266 LYS A CE  1 
ATOM   1340 N NZ  . LYS A 1 173 ? -14.624 -2.704  2.929   1.00 69.51  ? 266 LYS A NZ  1 
ATOM   1341 N N   . VAL A 1 174 ? -7.468  0.832   3.375   1.00 76.15  ? 267 VAL A N   1 
ATOM   1342 C CA  . VAL A 1 174 ? -6.340  0.929   4.223   1.00 73.36  ? 267 VAL A CA  1 
ATOM   1343 C C   . VAL A 1 174 ? -6.821  0.304   5.513   1.00 82.91  ? 267 VAL A C   1 
ATOM   1344 O O   . VAL A 1 174 ? -7.873  0.673   6.005   1.00 84.03  ? 267 VAL A O   1 
ATOM   1345 C CB  . VAL A 1 174 ? -5.983  2.373   4.446   1.00 71.10  ? 267 VAL A CB  1 
ATOM   1346 C CG1 . VAL A 1 174 ? -4.935  2.465   5.537   1.00 72.96  ? 267 VAL A CG1 1 
ATOM   1347 C CG2 . VAL A 1 174 ? -5.464  2.941   3.143   1.00 69.86  ? 267 VAL A CG2 1 
ATOM   1348 N N   . TYR A 1 175 ? -6.097  -0.694  6.004   1.00 69.68  ? 268 TYR A N   1 
ATOM   1349 C CA  . TYR A 1 175 ? -6.560  -1.477  7.147   1.00 66.66  ? 268 TYR A CA  1 
ATOM   1350 C C   . TYR A 1 175 ? -5.694  -1.124  8.366   1.00 60.26  ? 268 TYR A C   1 
ATOM   1351 O O   . TYR A 1 175 ? -4.458  -0.835  8.213   1.00 60.85  ? 268 TYR A O   1 
ATOM   1352 C CB  . TYR A 1 175 ? -6.326  -2.985  6.859   1.00 73.92  ? 268 TYR A CB  1 
ATOM   1353 C CG  . TYR A 1 175 ? -7.241  -3.578  5.831   1.00 79.40  ? 268 TYR A CG  1 
ATOM   1354 C CD1 . TYR A 1 175 ? -8.576  -3.770  6.112   1.00 82.42  ? 268 TYR A CD1 1 
ATOM   1355 C CD2 . TYR A 1 175 ? -6.773  -3.957  4.579   1.00 75.52  ? 268 TYR A CD2 1 
ATOM   1356 C CE1 . TYR A 1 175 ? -9.433  -4.280  5.146   1.00 89.44  ? 268 TYR A CE1 1 
ATOM   1357 C CE2 . TYR A 1 175 ? -7.619  -4.495  3.637   1.00 85.74  ? 268 TYR A CE2 1 
ATOM   1358 C CZ  . TYR A 1 175 ? -8.945  -4.644  3.929   1.00 79.29  ? 268 TYR A CZ  1 
ATOM   1359 O OH  . TYR A 1 175 ? -9.769  -5.170  2.996   1.00 85.91  ? 268 TYR A OH  1 
ATOM   1360 N N   . CYS A 1 176 ? -6.289  -1.293  9.532   1.00 62.99  ? 269 CYS A N   1 
ATOM   1361 C CA  . CYS A 1 176 ? -5.615  -1.183  10.823  1.00 84.87  ? 269 CYS A CA  1 
ATOM   1362 C C   . CYS A 1 176 ? -5.665  -2.554  11.514  1.00 81.68  ? 269 CYS A C   1 
ATOM   1363 O O   . CYS A 1 176 ? -6.707  -3.018  11.903  1.00 87.21  ? 269 CYS A O   1 
ATOM   1364 C CB  . CYS A 1 176 ? -6.324  -0.131  11.677  1.00 83.58  ? 269 CYS A CB  1 
ATOM   1365 S SG  . CYS A 1 176 ? -5.583  0.187   13.290  1.00 94.56  ? 269 CYS A SG  1 
ATOM   1366 N N   . TYR A 1 177 ? -4.546  -3.228  11.591  1.00 77.07  ? 270 TYR A N   1 
ATOM   1367 C CA  . TYR A 1 177 ? -4.478  -4.459  12.390  1.00 82.97  ? 270 TYR A CA  1 
ATOM   1368 C C   . TYR A 1 177 ? -3.975  -3.985  13.726  1.00 80.89  ? 270 TYR A C   1 
ATOM   1369 O O   . TYR A 1 177 ? -2.927  -3.321  13.792  1.00 90.92  ? 270 TYR A O   1 
ATOM   1370 C CB  . TYR A 1 177 ? -3.526  -5.520  11.751  1.00 75.27  ? 270 TYR A CB  1 
ATOM   1371 C CG  . TYR A 1 177 ? -3.978  -5.937  10.339  1.00 65.21  ? 270 TYR A CG  1 
ATOM   1372 C CD1 . TYR A 1 177 ? -4.916  -6.936  10.140  1.00 72.12  ? 270 TYR A CD1 1 
ATOM   1373 C CD2 . TYR A 1 177 ? -3.494  -5.309  9.239   1.00 80.35  ? 270 TYR A CD2 1 
ATOM   1374 C CE1 . TYR A 1 177 ? -5.332  -7.294  8.858   1.00 77.21  ? 270 TYR A CE1 1 
ATOM   1375 C CE2 . TYR A 1 177 ? -3.905  -5.658  7.958   1.00 91.77  ? 270 TYR A CE2 1 
ATOM   1376 C CZ  . TYR A 1 177 ? -4.835  -6.650  7.772   1.00 78.55  ? 270 TYR A CZ  1 
ATOM   1377 O OH  . TYR A 1 177 ? -5.247  -6.945  6.482   1.00 79.53  ? 270 TYR A OH  1 
ATOM   1378 N N   . TYR A 1 178 ? -4.722  -4.251  14.785  1.00 81.21  ? 271 TYR A N   1 
ATOM   1379 C CA  . TYR A 1 178 ? -4.347  -3.700  16.080  1.00 87.25  ? 271 TYR A CA  1 
ATOM   1380 C C   . TYR A 1 178 ? -4.369  -4.804  17.134  1.00 89.55  ? 271 TYR A C   1 
ATOM   1381 O O   . TYR A 1 178 ? -5.284  -5.594  17.193  1.00 90.42  ? 271 TYR A O   1 
ATOM   1382 C CB  . TYR A 1 178 ? -5.254  -2.519  16.462  1.00 70.51  ? 271 TYR A CB  1 
ATOM   1383 C CG  . TYR A 1 178 ? -6.653  -2.935  16.724  1.00 76.36  ? 271 TYR A CG  1 
ATOM   1384 C CD1 . TYR A 1 178 ? -7.579  -3.004  15.696  1.00 90.28  ? 271 TYR A CD1 1 
ATOM   1385 C CD2 . TYR A 1 178 ? -7.032  -3.357  17.966  1.00 82.45  ? 271 TYR A CD2 1 
ATOM   1386 C CE1 . TYR A 1 178 ? -8.879  -3.450  15.922  1.00 93.12  ? 271 TYR A CE1 1 
ATOM   1387 C CE2 . TYR A 1 178 ? -8.320  -3.803  18.203  1.00 86.49  ? 271 TYR A CE2 1 
ATOM   1388 C CZ  . TYR A 1 178 ? -9.241  -3.836  17.183  1.00 77.06  ? 271 TYR A CZ  1 
ATOM   1389 O OH  . TYR A 1 178 ? -10.512 -4.309  17.450  1.00 85.77  ? 271 TYR A OH  1 
ATOM   1390 N N   . ASN A 1 179 ? -3.319  -4.849  17.936  1.00 88.19  ? 272 ASN A N   1 
ATOM   1391 C CA  . ASN A 1 179 ? -3.155  -5.853  18.967  1.00 100.11 ? 272 ASN A CA  1 
ATOM   1392 C C   . ASN A 1 179 ? -4.384  -5.919  19.822  1.00 94.44  ? 272 ASN A C   1 
ATOM   1393 O O   . ASN A 1 179 ? -4.975  -4.911  20.170  1.00 84.98  ? 272 ASN A O   1 
ATOM   1394 C CB  . ASN A 1 179 ? -1.963  -5.499  19.855  1.00 118.45 ? 272 ASN A CB  1 
ATOM   1395 C CG  . ASN A 1 179 ? -1.575  -6.616  20.777  1.00 111.78 ? 272 ASN A CG  1 
ATOM   1396 O OD1 . ASN A 1 179 ? -2.177  -6.798  21.851  1.00 105.07 ? 272 ASN A OD1 1 
ATOM   1397 N ND2 . ASN A 1 179 ? -0.545  -7.367  20.375  1.00 121.36 ? 272 ASN A ND2 1 
ATOM   1398 N N   . THR A 1 180 ? -4.765  -7.123  20.195  1.00 107.87 ? 273 THR A N   1 
ATOM   1399 C CA  . THR A 1 180 ? -6.086  -7.271  20.755  1.00 102.96 ? 273 THR A CA  1 
ATOM   1400 C C   . THR A 1 180 ? -6.203  -6.616  22.136  1.00 85.83  ? 273 THR A C   1 
ATOM   1401 O O   . THR A 1 180 ? -7.284  -6.230  22.549  1.00 89.27  ? 273 THR A O   1 
ATOM   1402 C CB  . THR A 1 180 ? -6.532  -8.727  20.721  1.00 93.90  ? 273 THR A CB  1 
ATOM   1403 O OG1 . THR A 1 180 ? -7.946  -8.743  20.843  1.00 116.27 ? 273 THR A OG1 1 
ATOM   1404 C CG2 . THR A 1 180 ? -5.890  -9.532  21.849  1.00 106.64 ? 273 THR A CG2 1 
ATOM   1405 N N   . ALA A 1 181 ? -5.071  -6.484  22.828  1.00 105.20 ? 274 ALA A N   1 
ATOM   1406 C CA  . ALA A 1 181 ? -4.993  -5.782  24.125  1.00 108.22 ? 274 ALA A CA  1 
ATOM   1407 C C   . ALA A 1 181 ? -5.557  -4.366  24.023  1.00 106.73 ? 274 ALA A C   1 
ATOM   1408 O O   . ALA A 1 181 ? -6.173  -3.853  24.949  1.00 119.64 ? 274 ALA A O   1 
ATOM   1409 C CB  . ALA A 1 181 ? -3.543  -5.733  24.607  1.00 101.01 ? 274 ALA A CB  1 
ATOM   1410 N N   . LEU A 1 182 ? -5.350  -3.752  22.869  1.00 105.23 ? 275 LEU A N   1 
ATOM   1411 C CA  . LEU A 1 182 ? -5.773  -2.398  22.635  1.00 96.50  ? 275 LEU A CA  1 
ATOM   1412 C C   . LEU A 1 182 ? -7.276  -2.268  22.461  1.00 103.14 ? 275 LEU A C   1 
ATOM   1413 O O   . LEU A 1 182 ? -7.824  -1.164  22.565  1.00 88.57  ? 275 LEU A O   1 
ATOM   1414 C CB  . LEU A 1 182 ? -5.060  -1.861  21.393  1.00 100.84 ? 275 LEU A CB  1 
ATOM   1415 C CG  . LEU A 1 182 ? -3.560  -1.593  21.565  1.00 92.20  ? 275 LEU A CG  1 
ATOM   1416 C CD1 . LEU A 1 182 ? -2.822  -1.457  20.238  1.00 95.73  ? 275 LEU A CD1 1 
ATOM   1417 C CD2 . LEU A 1 182 ? -3.386  -0.330  22.361  1.00 92.48  ? 275 LEU A CD2 1 
ATOM   1418 N N   . GLU A 1 183 ? -7.974  -3.363  22.173  1.00 114.42 ? 276 GLU A N   1 
ATOM   1419 C CA  . GLU A 1 183 ? -9.420  -3.230  22.021  1.00 119.65 ? 276 GLU A CA  1 
ATOM   1420 C C   . GLU A 1 183 ? -9.848  -2.739  23.374  1.00 113.12 ? 276 GLU A C   1 
ATOM   1421 O O   . GLU A 1 183 ? -9.214  -3.081  24.383  1.00 125.48 ? 276 GLU A O   1 
ATOM   1422 C CB  . GLU A 1 183 ? -10.093 -4.544  21.612  1.00 136.52 ? 276 GLU A CB  1 
ATOM   1423 C CG  . GLU A 1 183 ? -10.299 -5.565  22.726  1.00 150.44 ? 276 GLU A CG  1 
ATOM   1424 C CD  . GLU A 1 183 ? -10.709 -6.944  22.220  1.00 146.11 ? 276 GLU A CD  1 
ATOM   1425 O OE1 . GLU A 1 183 ? -10.611 -7.220  20.985  1.00 125.05 ? 276 GLU A OE1 1 
ATOM   1426 O OE2 . GLU A 1 183 ? -11.131 -7.750  23.083  1.00 131.99 ? 276 GLU A OE2 1 
ATOM   1427 N N   . SER A 1 184 ? -10.867 -1.905  23.429  1.00 100.97 ? 277 SER A N   1 
ATOM   1428 C CA  . SER A 1 184 ? -11.270 -1.349  24.748  1.00 132.65 ? 277 SER A CA  1 
ATOM   1429 C C   . SER A 1 184 ? -10.129 -0.681  25.574  1.00 128.11 ? 277 SER A C   1 
ATOM   1430 O O   . SER A 1 184 ? -10.057 -0.860  26.781  1.00 111.14 ? 277 SER A O   1 
ATOM   1431 C CB  . SER A 1 184 ? -11.939 -2.426  25.619  1.00 134.35 ? 277 SER A CB  1 
ATOM   1432 O OG  . SER A 1 184 ? -10.963 -3.169  26.341  1.00 134.78 ? 277 SER A OG  1 
ATOM   1433 N N   . GLU A 1 185 ? -9.236  0.044   24.903  1.00 130.44 ? 278 GLU A N   1 
ATOM   1434 C CA  . GLU A 1 185 ? -8.427  1.087   25.521  1.00 115.66 ? 278 GLU A CA  1 
ATOM   1435 C C   . GLU A 1 185 ? -8.948  2.409   24.953  1.00 113.39 ? 278 GLU A C   1 
ATOM   1436 O O   . GLU A 1 185 ? -9.168  2.520   23.741  1.00 111.66 ? 278 GLU A O   1 
ATOM   1437 C CB  . GLU A 1 185 ? -6.943  0.905   25.203  1.00 121.12 ? 278 GLU A CB  1 
ATOM   1438 C CG  . GLU A 1 185 ? -6.218  -0.104  26.092  1.00 131.35 ? 278 GLU A CG  1 
ATOM   1439 C CD  . GLU A 1 185 ? -5.343  0.532   27.172  1.00 133.60 ? 278 GLU A CD  1 
ATOM   1440 O OE1 . GLU A 1 185 ? -4.610  1.500   26.883  1.00 130.71 ? 278 GLU A OE1 1 
ATOM   1441 O OE2 . GLU A 1 185 ? -5.365  0.040   28.318  1.00 140.15 ? 278 GLU A OE2 1 
ATOM   1442 N N   . ARG A 1 186 ? -9.169  3.396   25.824  1.00 123.72 ? 279 ARG A N   1 
ATOM   1443 C CA  . ARG A 1 186 ? -9.778  4.674   25.410  1.00 134.83 ? 279 ARG A CA  1 
ATOM   1444 C C   . ARG A 1 186 ? -8.850  5.347   24.411  1.00 111.03 ? 279 ARG A C   1 
ATOM   1445 O O   . ARG A 1 186 ? -9.289  5.844   23.390  1.00 122.58 ? 279 ARG A O   1 
ATOM   1446 C CB  . ARG A 1 186 ? -10.041 5.638   26.598  1.00 162.29 ? 279 ARG A CB  1 
ATOM   1447 C CG  . ARG A 1 186 ? -11.079 5.237   27.662  1.00 176.50 ? 279 ARG A CG  1 
ATOM   1448 C CD  . ARG A 1 186 ? -12.541 5.441   27.251  1.00 188.38 ? 279 ARG A CD  1 
ATOM   1449 N NE  . ARG A 1 186 ? -13.211 4.162   26.989  1.00 211.23 ? 279 ARG A NE  1 
ATOM   1450 C CZ  . ARG A 1 186 ? -14.522 3.995   26.803  1.00 210.33 ? 279 ARG A CZ  1 
ATOM   1451 N NH1 . ARG A 1 186 ? -15.002 2.774   26.571  1.00 210.28 ? 279 ARG A NH1 1 
ATOM   1452 N NH2 . ARG A 1 186 ? -15.358 5.028   26.845  1.00 206.60 ? 279 ARG A NH2 1 
ATOM   1453 N N   . SER A 1 187 ? -7.555  5.340   24.698  1.00 98.92  ? 280 SER A N   1 
ATOM   1454 C CA  . SER A 1 187 ? -6.591  5.989   23.816  1.00 96.42  ? 280 SER A CA  1 
ATOM   1455 C C   . SER A 1 187 ? -6.703  5.457   22.403  1.00 102.33 ? 280 SER A C   1 
ATOM   1456 O O   . SER A 1 187 ? -6.583  6.216   21.432  1.00 97.61  ? 280 SER A O   1 
ATOM   1457 C CB  . SER A 1 187 ? -5.152  5.838   24.338  1.00 97.36  ? 280 SER A CB  1 
ATOM   1458 O OG  . SER A 1 187 ? -5.058  4.835   25.334  1.00 111.83 ? 280 SER A OG  1 
ATOM   1459 N N   . PHE A 1 188 ? -6.946  4.152   22.285  1.00 107.88 ? 281 PHE A N   1 
ATOM   1460 C CA  . PHE A 1 188 ? -6.961  3.532   20.977  1.00 100.68 ? 281 PHE A CA  1 
ATOM   1461 C C   . PHE A 1 188 ? -8.220  3.873   20.218  1.00 96.82  ? 281 PHE A C   1 
ATOM   1462 O O   . PHE A 1 188 ? -8.150  4.132   19.018  1.00 99.64  ? 281 PHE A O   1 
ATOM   1463 C CB  . PHE A 1 188 ? -6.790  2.029   21.038  1.00 104.85 ? 281 PHE A CB  1 
ATOM   1464 C CG  . PHE A 1 188 ? -6.819  1.401   19.696  1.00 99.27  ? 281 PHE A CG  1 
ATOM   1465 C CD1 . PHE A 1 188 ? -7.842  0.533   19.341  1.00 98.46  ? 281 PHE A CD1 1 
ATOM   1466 C CD2 . PHE A 1 188 ? -5.858  1.744   18.747  1.00 99.85  ? 281 PHE A CD2 1 
ATOM   1467 C CE1 . PHE A 1 188 ? -7.881  -0.017  18.076  1.00 85.93  ? 281 PHE A CE1 1 
ATOM   1468 C CE2 . PHE A 1 188 ? -5.893  1.204   17.484  1.00 76.29  ? 281 PHE A CE2 1 
ATOM   1469 C CZ  . PHE A 1 188 ? -6.907  0.326   17.154  1.00 77.41  ? 281 PHE A CZ  1 
ATOM   1470 N N   . LEU A 1 189 ? -9.359  3.906   20.900  1.00 90.51  ? 282 LEU A N   1 
ATOM   1471 C CA  . LEU A 1 189 ? -10.601 4.288   20.223  1.00 102.83 ? 282 LEU A CA  1 
ATOM   1472 C C   . LEU A 1 189 ? -10.595 5.784   19.830  1.00 111.67 ? 282 LEU A C   1 
ATOM   1473 O O   . LEU A 1 189 ? -11.156 6.196   18.791  1.00 103.85 ? 282 LEU A O   1 
ATOM   1474 C CB  . LEU A 1 189 ? -11.803 3.963   21.099  1.00 116.35 ? 282 LEU A CB  1 
ATOM   1475 C CG  . LEU A 1 189 ? -13.016 3.408   20.348  1.00 135.56 ? 282 LEU A CG  1 
ATOM   1476 C CD1 . LEU A 1 189 ? -14.188 3.244   21.313  1.00 142.00 ? 282 LEU A CD1 1 
ATOM   1477 C CD2 . LEU A 1 189 ? -13.414 4.266   19.146  1.00 134.72 ? 282 LEU A CD2 1 
ATOM   1478 N N   . ARG A 1 190 ? -9.949  6.593   20.671  1.00 112.27 ? 283 ARG A N   1 
ATOM   1479 C CA  . ARG A 1 190 ? -9.779  8.012   20.395  1.00 105.97 ? 283 ARG A CA  1 
ATOM   1480 C C   . ARG A 1 190 ? -9.030  8.163   19.100  1.00 96.59  ? 283 ARG A C   1 
ATOM   1481 O O   . ARG A 1 190 ? -9.505  8.813   18.180  1.00 101.25 ? 283 ARG A O   1 
ATOM   1482 C CB  . ARG A 1 190 ? -9.020  8.716   21.524  1.00 118.15 ? 283 ARG A CB  1 
ATOM   1483 C CG  . ARG A 1 190 ? -9.896  9.557   22.449  1.00 125.91 ? 283 ARG A CG  1 
ATOM   1484 C CD  . ARG A 1 190 ? -9.053  10.435  23.376  1.00 129.44 ? 283 ARG A CD  1 
ATOM   1485 N NE  . ARG A 1 190 ? -8.576  9.701   24.550  1.00 118.77 ? 283 ARG A NE  1 
ATOM   1486 C CZ  . ARG A 1 190 ? -9.332  9.386   25.601  1.00 127.01 ? 283 ARG A CZ  1 
ATOM   1487 N NH1 . ARG A 1 190 ? -10.626 9.730   25.640  1.00 132.16 ? 283 ARG A NH1 1 
ATOM   1488 N NH2 . ARG A 1 190 ? -8.797  8.719   26.621  1.00 127.31 ? 283 ARG A NH2 1 
ATOM   1489 N N   . PHE A 1 191 ? -7.859  7.539   19.029  1.00 98.43  ? 284 PHE A N   1 
ATOM   1490 C CA  . PHE A 1 191 ? -7.077  7.474   17.772  1.00 101.95 ? 284 PHE A CA  1 
ATOM   1491 C C   . PHE A 1 191 ? -7.843  6.982   16.547  1.00 97.66  ? 284 PHE A C   1 
ATOM   1492 O O   . PHE A 1 191 ? -7.670  7.453   15.430  1.00 87.78  ? 284 PHE A O   1 
ATOM   1493 C CB  . PHE A 1 191 ? -5.918  6.519   17.966  1.00 94.23  ? 284 PHE A CB  1 
ATOM   1494 C CG  . PHE A 1 191 ? -5.291  6.046   16.683  1.00 89.66  ? 284 PHE A CG  1 
ATOM   1495 C CD1 . PHE A 1 191 ? -5.647  4.840   16.125  1.00 83.89  ? 284 PHE A CD1 1 
ATOM   1496 C CD2 . PHE A 1 191 ? -4.315  6.778   16.077  1.00 84.35  ? 284 PHE A CD2 1 
ATOM   1497 C CE1 . PHE A 1 191 ? -5.048  4.387   14.966  1.00 68.24  ? 284 PHE A CE1 1 
ATOM   1498 C CE2 . PHE A 1 191 ? -3.704  6.332   14.921  1.00 88.08  ? 284 PHE A CE2 1 
ATOM   1499 C CZ  . PHE A 1 191 ? -4.073  5.126   14.371  1.00 76.78  ? 284 PHE A CZ  1 
ATOM   1500 N N   . LEU A 1 192 ? -8.646  5.965   16.767  1.00 101.15 ? 285 LEU A N   1 
ATOM   1501 C CA  . LEU A 1 192 ? -9.324  5.327   15.675  1.00 107.66 ? 285 LEU A CA  1 
ATOM   1502 C C   . LEU A 1 192 ? -10.281 6.342   15.076  1.00 104.31 ? 285 LEU A C   1 
ATOM   1503 O O   . LEU A 1 192 ? -10.169 6.673   13.873  1.00 87.72  ? 285 LEU A O   1 
ATOM   1504 C CB  . LEU A 1 192 ? -10.044 4.102   16.203  1.00 97.60  ? 285 LEU A CB  1 
ATOM   1505 C CG  . LEU A 1 192 ? -10.390 3.003   15.245  1.00 97.68  ? 285 LEU A CG  1 
ATOM   1506 C CD1 . LEU A 1 192 ? -9.186  2.571   14.421  1.00 105.04 ? 285 LEU A CD1 1 
ATOM   1507 C CD2 . LEU A 1 192 ? -10.877 1.876   16.125  1.00 97.23  ? 285 LEU A CD2 1 
ATOM   1508 N N   . GLU A 1 193 ? -11.159 6.868   15.950  1.00 101.07 ? 286 GLU A N   1 
ATOM   1509 C CA  . GLU A 1 193 ? -12.225 7.781   15.549  1.00 123.64 ? 286 GLU A CA  1 
ATOM   1510 C C   . GLU A 1 193 ? -11.658 9.118   15.034  1.00 111.76 ? 286 GLU A C   1 
ATOM   1511 O O   . GLU A 1 193 ? -12.123 9.663   14.034  1.00 112.23 ? 286 GLU A O   1 
ATOM   1512 C CB  . GLU A 1 193 ? -13.208 8.011   16.696  1.00 132.56 ? 286 GLU A CB  1 
ATOM   1513 C CG  . GLU A 1 193 ? -14.566 8.528   16.217  1.00 152.06 ? 286 GLU A CG  1 
ATOM   1514 C CD  . GLU A 1 193 ? -15.156 9.605   17.118  1.00 158.79 ? 286 GLU A CD  1 
ATOM   1515 O OE1 . GLU A 1 193 ? -15.904 10.461  16.587  1.00 155.86 ? 286 GLU A OE1 1 
ATOM   1516 O OE2 . GLU A 1 193 ? -14.861 9.604   18.339  1.00 131.03 ? 286 GLU A OE2 1 
ATOM   1517 N N   . SER A 1 194 ? -10.635 9.612   15.715  1.00 99.39  ? 287 SER A N   1 
ATOM   1518 C CA  . SER A 1 194 ? -9.843  10.741  15.255  1.00 101.08 ? 287 SER A CA  1 
ATOM   1519 C C   . SER A 1 194 ? -9.210  10.508  13.855  1.00 93.88  ? 287 SER A C   1 
ATOM   1520 O O   . SER A 1 194 ? -9.696  11.034  12.869  1.00 105.06 ? 287 SER A O   1 
ATOM   1521 C CB  . SER A 1 194 ? -8.782  11.080  16.322  1.00 99.96  ? 287 SER A CB  1 
ATOM   1522 O OG  . SER A 1 194 ? -9.373  11.310  17.594  1.00 95.43  ? 287 SER A OG  1 
ATOM   1523 N N   . ALA A 1 195 ? -8.151  9.714   13.747  1.00 105.62 ? 288 ALA A N   1 
ATOM   1524 C CA  . ALA A 1 195 ? -7.567  9.407   12.437  1.00 101.54 ? 288 ALA A CA  1 
ATOM   1525 C C   . ALA A 1 195 ? -8.632  9.236   11.383  1.00 109.86 ? 288 ALA A C   1 
ATOM   1526 O O   . ALA A 1 195 ? -8.525  9.789   10.298  1.00 113.48 ? 288 ALA A O   1 
ATOM   1527 C CB  . ALA A 1 195 ? -6.740  8.148   12.503  1.00 105.87 ? 288 ALA A CB  1 
ATOM   1528 N N   . ARG A 1 196 ? -9.670  8.471   11.702  1.00 117.48 ? 289 ARG A N   1 
ATOM   1529 C CA  . ARG A 1 196 ? -10.722 8.203   10.722  1.00 120.49 ? 289 ARG A CA  1 
ATOM   1530 C C   . ARG A 1 196 ? -11.441 9.424   10.213  1.00 121.96 ? 289 ARG A C   1 
ATOM   1531 O O   . ARG A 1 196 ? -11.493 9.620   8.993   1.00 126.09 ? 289 ARG A O   1 
ATOM   1532 C CB  . ARG A 1 196 ? -11.769 7.285   11.288  1.00 108.33 ? 289 ARG A CB  1 
ATOM   1533 C CG  . ARG A 1 196 ? -11.680 5.910   10.728  1.00 100.66 ? 289 ARG A CG  1 
ATOM   1534 C CD  . ARG A 1 196 ? -12.285 4.975   11.725  1.00 92.29  ? 289 ARG A CD  1 
ATOM   1535 N NE  . ARG A 1 196 ? -12.415 3.663   11.171  1.00 81.46  ? 289 ARG A NE  1 
ATOM   1536 C CZ  . ARG A 1 196 ? -12.970 2.665   11.805  1.00 87.21  ? 289 ARG A CZ  1 
ATOM   1537 N NH1 . ARG A 1 196 ? -13.405 2.853   13.026  1.00 82.34  ? 289 ARG A NH1 1 
ATOM   1538 N NH2 . ARG A 1 196 ? -13.064 1.476   11.225  1.00 105.27 ? 289 ARG A NH2 1 
ATOM   1539 N N   . GLN A 1 197 ? -12.009 10.190  11.161  1.00 112.53 ? 290 GLN A N   1 
ATOM   1540 C CA  . GLN A 1 197 ? -12.720 11.477  10.927  1.00 121.77 ? 290 GLN A CA  1 
ATOM   1541 C C   . GLN A 1 197 ? -11.902 12.409  10.001  1.00 119.34 ? 290 GLN A C   1 
ATOM   1542 O O   . GLN A 1 197 ? -12.406 12.968  9.008   1.00 119.63 ? 290 GLN A O   1 
ATOM   1543 C CB  . GLN A 1 197 ? -12.993 12.186  12.284  1.00 126.23 ? 290 GLN A CB  1 
ATOM   1544 C CG  . GLN A 1 197 ? -14.337 12.909  12.452  1.00 135.19 ? 290 GLN A CG  1 
ATOM   1545 C CD  . GLN A 1 197 ? -14.802 12.978  13.920  1.00 139.33 ? 290 GLN A CD  1 
ATOM   1546 O OE1 . GLN A 1 197 ? -14.043 13.352  14.817  1.00 143.41 ? 290 GLN A OE1 1 
ATOM   1547 N NE2 . GLN A 1 197 ? -16.055 12.602  14.166  1.00 136.39 ? 290 GLN A NE2 1 
ATOM   1548 N N   . ARG A 1 198 ? -10.631 12.554  10.349  1.00 100.22 ? 291 ARG A N   1 
ATOM   1549 C CA  . ARG A 1 198 ? -9.678  13.296  9.562   1.00 97.90  ? 291 ARG A CA  1 
ATOM   1550 C C   . ARG A 1 198 ? -9.342  12.727  8.164   1.00 98.34  ? 291 ARG A C   1 
ATOM   1551 O O   . ARG A 1 198 ? -8.817  13.447  7.312   1.00 104.90 ? 291 ARG A O   1 
ATOM   1552 C CB  . ARG A 1 198 ? -8.364  13.399  10.345  1.00 105.88 ? 291 ARG A CB  1 
ATOM   1553 C CG  . ARG A 1 198 ? -8.364  14.302  11.578  1.00 107.62 ? 291 ARG A CG  1 
ATOM   1554 C CD  . ARG A 1 198 ? -7.108  15.162  11.507  1.00 113.23 ? 291 ARG A CD  1 
ATOM   1555 N NE  . ARG A 1 198 ? -6.352  15.229  12.761  1.00 111.81 ? 291 ARG A NE  1 
ATOM   1556 C CZ  . ARG A 1 198 ? -5.033  15.463  12.836  1.00 104.30 ? 291 ARG A CZ  1 
ATOM   1557 N NH1 . ARG A 1 198 ? -4.273  15.625  11.741  1.00 93.12  ? 291 ARG A NH1 1 
ATOM   1558 N NH2 . ARG A 1 198 ? -4.454  15.518  14.030  1.00 114.95 ? 291 ARG A NH2 1 
ATOM   1559 N N   . LEU A 1 199 ? -9.561  11.447  7.911   1.00 103.59 ? 292 LEU A N   1 
ATOM   1560 C CA  . LEU A 1 199 ? -9.096  10.908  6.641   1.00 109.10 ? 292 LEU A CA  1 
ATOM   1561 C C   . LEU A 1 199 ? -10.128 11.118  5.561   1.00 116.03 ? 292 LEU A C   1 
ATOM   1562 O O   . LEU A 1 199 ? -9.823  11.061  4.362   1.00 116.72 ? 292 LEU A O   1 
ATOM   1563 C CB  . LEU A 1 199 ? -8.710  9.455   6.809   1.00 115.44 ? 292 LEU A CB  1 
ATOM   1564 C CG  . LEU A 1 199 ? -7.427  9.385   7.633   1.00 103.58 ? 292 LEU A CG  1 
ATOM   1565 C CD1 . LEU A 1 199 ? -7.045  7.949   7.955   1.00 100.00 ? 292 LEU A CD1 1 
ATOM   1566 C CD2 . LEU A 1 199 ? -6.304  10.126  6.918   1.00 99.97  ? 292 LEU A CD2 1 
ATOM   1567 N N   . ARG A 1 200 ? -11.346 11.376  6.032   1.00 120.54 ? 293 ARG A N   1 
ATOM   1568 C CA  . ARG A 1 200 ? -12.455 11.888  5.241   1.00 121.86 ? 293 ARG A CA  1 
ATOM   1569 C C   . ARG A 1 200 ? -12.232 13.372  4.791   1.00 147.72 ? 293 ARG A C   1 
ATOM   1570 O O   . ARG A 1 200 ? -12.737 13.767  3.728   1.00 155.90 ? 293 ARG A O   1 
ATOM   1571 C CB  . ARG A 1 200 ? -13.770 11.777  6.044   1.00 106.03 ? 293 ARG A CB  1 
ATOM   1572 C CG  . ARG A 1 200 ? -13.974 10.506  6.873   1.00 89.99  ? 293 ARG A CG  1 
ATOM   1573 C CD  . ARG A 1 200 ? -15.407 10.414  7.399   1.00 104.94 ? 293 ARG A CD  1 
ATOM   1574 N NE  . ARG A 1 200 ? -15.524 9.869   8.763   1.00 106.91 ? 293 ARG A NE  1 
ATOM   1575 C CZ  . ARG A 1 200 ? -15.507 8.575   9.086   1.00 115.95 ? 293 ARG A CZ  1 
ATOM   1576 N NH1 . ARG A 1 200 ? -15.348 7.633   8.156   1.00 130.24 ? 293 ARG A NH1 1 
ATOM   1577 N NH2 . ARG A 1 200 ? -15.620 8.214   10.362  1.00 111.89 ? 293 ARG A NH2 1 
ATOM   1578 N N   . GLU A 1 201 ? -11.496 14.180  5.582   1.00 151.77 ? 294 GLU A N   1 
ATOM   1579 C CA  . GLU A 1 201 ? -11.101 15.561  5.172   1.00 148.65 ? 294 GLU A CA  1 
ATOM   1580 C C   . GLU A 1 201 ? -10.209 15.566  3.914   1.00 155.01 ? 294 GLU A C   1 
ATOM   1581 O O   . GLU A 1 201 ? -10.359 16.465  3.083   1.00 182.31 ? 294 GLU A O   1 
ATOM   1582 C CB  . GLU A 1 201 ? -10.344 16.382  6.253   1.00 162.87 ? 294 GLU A CB  1 
ATOM   1583 C CG  . GLU A 1 201 ? -10.727 16.330  7.745   1.00 170.02 ? 294 GLU A CG  1 
ATOM   1584 C CD  . GLU A 1 201 ? -12.191 16.040  8.082   1.00 167.60 ? 294 GLU A CD  1 
ATOM   1585 O OE1 . GLU A 1 201 ? -12.636 16.500  9.169   1.00 139.82 ? 294 GLU A OE1 1 
ATOM   1586 O OE2 . GLU A 1 201 ? -12.881 15.330  7.310   1.00 157.01 ? 294 GLU A OE2 1 
ATOM   1587 N N   . LEU A 1 202 ? -9.269  14.613  3.794   1.00 136.30 ? 295 LEU A N   1 
ATOM   1588 C CA  . LEU A 1 202 ? -8.493  14.426  2.544   1.00 140.35 ? 295 LEU A CA  1 
ATOM   1589 C C   . LEU A 1 202 ? -9.421  14.346  1.299   1.00 171.42 ? 295 LEU A C   1 
ATOM   1590 O O   . LEU A 1 202 ? -9.179  15.048  0.312   1.00 196.27 ? 295 LEU A O   1 
ATOM   1591 C CB  . LEU A 1 202 ? -7.550  13.191  2.643   1.00 141.46 ? 295 LEU A CB  1 
ATOM   1592 C CG  . LEU A 1 202 ? -6.822  12.425  1.467   1.00 138.74 ? 295 LEU A CG  1 
ATOM   1593 C CD1 . LEU A 1 202 ? -7.508  12.341  0.085   1.00 116.75 ? 295 LEU A CD1 1 
ATOM   1594 C CD2 . LEU A 1 202 ? -5.384  12.888  1.254   1.00 125.82 ? 295 LEU A CD2 1 
ATOM   1595 N N   . GLY A 1 203 ? -10.470 13.513  1.344   1.00 173.05 ? 296 GLY A N   1 
ATOM   1596 C CA  . GLY A 1 203 ? -11.422 13.380  0.216   1.00 158.88 ? 296 GLY A CA  1 
ATOM   1597 C C   . GLY A 1 203 ? -12.876 13.547  0.636   1.00 151.05 ? 296 GLY A C   1 
ATOM   1598 O O   . GLY A 1 203 ? -13.426 14.656  0.632   1.00 126.24 ? 296 GLY A O   1 
HETATM 1599 C C1  . MRD B 2 .   ? -1.879  -0.991  -5.397  1.00 86.79  ? 401 MRD A C1  1 
HETATM 1600 C C2  . MRD B 2 .   ? -1.114  -1.911  -4.454  1.00 85.61  ? 401 MRD A C2  1 
HETATM 1601 O O2  . MRD B 2 .   ? -0.122  -2.812  -4.976  1.00 70.98  ? 401 MRD A O2  1 
HETATM 1602 C CM  . MRD B 2 .   ? -0.256  -0.943  -3.638  1.00 80.46  ? 401 MRD A CM  1 
HETATM 1603 C C3  . MRD B 2 .   ? -2.265  -2.737  -3.862  1.00 80.44  ? 401 MRD A C3  1 
HETATM 1604 C C4  . MRD B 2 .   ? -3.211  -3.363  -4.930  1.00 85.20  ? 401 MRD A C4  1 
HETATM 1605 O O4  . MRD B 2 .   ? -2.680  -3.306  -6.239  1.00 75.40  ? 401 MRD A O4  1 
HETATM 1606 C C5  . MRD B 2 .   ? -4.483  -2.606  -5.212  1.00 96.85  ? 401 MRD A C5  1 
HETATM 1607 C C1  . MRD C 2 .   ? -5.193  -4.669  -14.019 1.00 88.40  ? 402 MRD A C1  1 
HETATM 1608 C C2  . MRD C 2 .   ? -5.339  -5.726  -12.943 1.00 96.34  ? 402 MRD A C2  1 
HETATM 1609 O O2  . MRD C 2 .   ? -6.462  -5.399  -12.124 1.00 103.71 ? 402 MRD A O2  1 
HETATM 1610 C CM  . MRD C 2 .   ? -5.588  -7.127  -13.556 1.00 100.81 ? 402 MRD A CM  1 
HETATM 1611 C C3  . MRD C 2 .   ? -4.134  -5.568  -12.028 1.00 97.21  ? 402 MRD A C3  1 
HETATM 1612 C C4  . MRD C 2 .   ? -4.549  -5.670  -10.572 1.00 96.93  ? 402 MRD A C4  1 
HETATM 1613 O O4  . MRD C 2 .   ? -5.628  -6.561  -10.507 1.00 89.20  ? 402 MRD A O4  1 
HETATM 1614 C C5  . MRD C 2 .   ? -5.085  -4.389  -9.956  1.00 97.26  ? 402 MRD A C5  1 
HETATM 1615 O O   . HOH D 3 .   ? 0.111   -7.844  -8.496  1.00 74.89  ? 501 HOH A O   1 
HETATM 1616 O O   . HOH D 3 .   ? 2.200   -2.640  -6.214  1.00 75.67  ? 502 HOH A O   1 
HETATM 1617 O O   . HOH D 3 .   ? -9.816  -4.432  -7.509  1.00 78.48  ? 503 HOH A O   1 
# 
